data_1FRV
#
_entry.id   1FRV
#
_cell.length_a   63.600
_cell.length_b   93.900
_cell.length_c   69.200
_cell.angle_alpha   89.80
_cell.angle_beta   102.90
_cell.angle_gamma   90.80
#
_symmetry.space_group_name_H-M   'P 1'
#
loop_
_entity.id
_entity.type
_entity.pdbx_description
1 polymer HYDROGENASE
2 polymer HYDROGENASE
3 non-polymer 'IRON/SULFUR CLUSTER'
4 non-polymer 'FE3-S4 CLUSTER'
5 non-polymer 'NICKEL (II) ION'
6 non-polymer 'HYDRATED FE'
#
loop_
_entity_poly.entity_id
_entity_poly.type
_entity_poly.pdbx_seq_one_letter_code
_entity_poly.pdbx_strand_id
1 'polypeptide(L)'
;LTAKKRPSVVYLHNAECTGCSESLLRTVDPYVDELILDVISMDYHETLMAGAGHAVEEALHEAIKGDFVCVIEGGIPMGD
GGYWGKVGRRNMYDICAEVAPKAKAVIAIGTCATYGGVQAAKPNPTGTVGVNEALGKLGVKAINIAGCPPNPMNFVGTVV
HLLTKGMPELDKQGRPVMFFGETVHDNCPRLKHFEAGEFATSFGSPEAKKGYCLYELGCKGPDTYNNCPKQLFNQVNWPV
QAGHPCIACSEPNFWDLYSPFYSA
;
A,C
2 'polypeptide(L)'
;MSEMQGNKIVVDPITRIEGHLRIEVEVEGGKIKNAWSMSTLFRGLEMILKGRDPRDAQHFTQRACGVCTYVHALASVRAV
DNCVGVKIPENATLMRNLTMGAQYMHDHLVHFYHLHALDWVNVANALNADPAKAARLANDLSPRKTTTESLKAVQAKVKA
LVESGQLGIFTNAYFLGGHPAYVLPAEVDLIATAHYLEALRVQVKAARAMAIFGAKNPHTQFTVVGGCTNYDSLRPERIA
EFRKLYKEVREFIEQVYITDLLAVAGFYKNWAGIGKTSNFLTCGEFPTDEYDLNSRYTPQGVIWGNDLSKVDDFNPDLIE
EHVKYSWYEGADAHHPYKGVTKPKWTEFHGEDRYSWMKAPRYKGEAFEVGPLASVLVAYAKKHEPTVKAVDLVLKTLGVG
PEALFSTLGRTAARGIQCLTAAQEVEVWLDKLEANVKAGKDDLYTDWQYPTESQGVGFVNAPRGMLSHWIVQRGGKIENF
QHVVPSTWNLGPRCAERKLSAVEQALIGTPIADPKRPVEILRTVHSYDPCIACGVH
;
B,D
#
# COMPACT_ATOMS: atom_id res chain seq x y z
N ALA A 3 3.48 -41.27 11.06
CA ALA A 3 2.91 -39.93 11.23
C ALA A 3 3.72 -39.14 12.27
N LYS A 4 3.71 -37.83 12.07
CA LYS A 4 4.42 -36.91 12.95
C LYS A 4 4.83 -35.62 12.24
N LYS A 5 6.11 -35.41 12.25
CA LYS A 5 6.92 -34.35 11.75
C LYS A 5 6.31 -32.96 11.74
N ARG A 6 6.10 -32.44 10.55
CA ARG A 6 5.61 -31.08 10.30
C ARG A 6 4.10 -30.97 10.21
N PRO A 7 3.60 -29.74 10.21
CA PRO A 7 2.17 -29.43 10.14
C PRO A 7 1.49 -29.85 8.85
N SER A 8 0.45 -30.66 9.05
CA SER A 8 -0.34 -31.16 7.91
C SER A 8 -0.96 -29.96 7.21
N VAL A 9 -0.82 -29.96 5.90
CA VAL A 9 -1.39 -28.92 5.04
C VAL A 9 -2.18 -29.64 3.94
N VAL A 10 -3.37 -29.14 3.71
CA VAL A 10 -4.28 -29.66 2.69
C VAL A 10 -4.48 -28.57 1.64
N TYR A 11 -3.95 -28.82 0.46
CA TYR A 11 -4.06 -27.85 -0.64
C TYR A 11 -5.14 -28.29 -1.61
N LEU A 12 -6.23 -27.56 -1.65
CA LEU A 12 -7.40 -27.74 -2.48
C LEU A 12 -7.44 -26.79 -3.69
N HIS A 13 -7.69 -27.37 -4.85
CA HIS A 13 -7.78 -26.65 -6.11
C HIS A 13 -9.18 -26.57 -6.69
N ASN A 14 -9.86 -25.48 -6.42
CA ASN A 14 -11.22 -25.23 -6.90
C ASN A 14 -11.19 -24.70 -8.34
N ALA A 15 -12.00 -23.70 -8.61
CA ALA A 15 -12.08 -23.10 -9.96
C ALA A 15 -10.96 -22.07 -10.17
N GLU A 16 -9.75 -22.57 -10.25
CA GLU A 16 -8.49 -21.86 -10.40
C GLU A 16 -7.93 -21.90 -11.81
N CYS A 17 -6.67 -21.52 -11.94
CA CYS A 17 -5.97 -21.49 -13.24
C CYS A 17 -4.50 -21.86 -13.05
N THR A 18 -4.21 -22.27 -11.84
CA THR A 18 -2.93 -22.69 -11.32
C THR A 18 -1.84 -21.63 -11.25
N GLY A 19 -2.26 -20.39 -11.32
CA GLY A 19 -1.31 -19.26 -11.23
C GLY A 19 -0.66 -19.32 -9.85
N CYS A 20 -1.51 -19.44 -8.86
CA CYS A 20 -1.20 -19.46 -7.43
C CYS A 20 -0.35 -20.60 -6.95
N SER A 21 -0.51 -21.78 -7.53
CA SER A 21 0.28 -22.97 -7.23
C SER A 21 1.67 -22.78 -7.85
N GLU A 22 1.68 -22.32 -9.10
CA GLU A 22 2.96 -22.10 -9.79
C GLU A 22 3.79 -21.07 -9.05
N SER A 23 3.14 -19.98 -8.70
CA SER A 23 3.73 -18.86 -7.99
C SER A 23 4.33 -19.26 -6.65
N LEU A 24 3.85 -20.36 -6.13
CA LEU A 24 4.22 -20.95 -4.84
C LEU A 24 5.57 -21.67 -4.88
N LEU A 25 5.76 -22.31 -6.02
CA LEU A 25 6.95 -23.07 -6.33
C LEU A 25 8.12 -22.08 -6.41
N ARG A 26 7.76 -20.81 -6.51
CA ARG A 26 8.77 -19.75 -6.64
C ARG A 26 9.29 -19.20 -5.33
N THR A 27 8.95 -19.82 -4.25
CA THR A 27 9.43 -19.31 -2.92
C THR A 27 10.94 -19.40 -3.00
N VAL A 28 11.63 -18.62 -2.22
CA VAL A 28 13.10 -18.52 -2.11
C VAL A 28 13.31 -18.28 -0.61
N ASP A 29 14.44 -18.60 -0.08
CA ASP A 29 14.66 -18.47 1.42
C ASP A 29 14.06 -19.85 1.81
N PRO A 30 12.78 -19.84 2.10
CA PRO A 30 12.09 -21.14 2.31
C PRO A 30 11.98 -21.58 0.83
N TYR A 31 12.80 -22.52 0.45
CA TYR A 31 12.76 -23.03 -0.95
C TYR A 31 11.59 -24.02 -0.95
N VAL A 32 11.07 -24.41 -2.09
CA VAL A 32 9.95 -25.37 -2.12
C VAL A 32 10.43 -26.72 -1.59
N ASP A 33 11.70 -27.06 -1.82
CA ASP A 33 12.19 -28.36 -1.34
C ASP A 33 12.24 -28.29 0.19
N GLU A 34 12.97 -27.31 0.70
CA GLU A 34 13.03 -27.19 2.18
C GLU A 34 11.59 -27.31 2.69
N LEU A 35 10.72 -26.42 2.25
CA LEU A 35 9.31 -26.35 2.63
C LEU A 35 8.61 -27.70 2.61
N ILE A 36 8.23 -28.14 1.43
CA ILE A 36 7.54 -29.38 1.14
C ILE A 36 8.19 -30.58 1.79
N LEU A 37 9.38 -30.37 2.29
CA LEU A 37 10.16 -31.40 3.01
C LEU A 37 10.29 -30.93 4.46
N ASP A 38 11.44 -30.45 4.86
CA ASP A 38 11.71 -30.01 6.22
C ASP A 38 10.90 -28.88 6.80
N VAL A 39 9.80 -28.46 6.20
CA VAL A 39 9.02 -27.36 6.79
C VAL A 39 7.55 -27.60 7.07
N ILE A 40 6.80 -28.06 6.09
CA ILE A 40 5.35 -28.22 6.24
C ILE A 40 4.71 -29.57 6.18
N SER A 41 4.79 -30.25 5.06
CA SER A 41 4.14 -31.56 4.85
C SER A 41 2.87 -31.32 4.01
N MET A 42 3.11 -31.24 2.72
CA MET A 42 2.02 -31.04 1.75
C MET A 42 1.27 -32.38 1.81
N ASP A 43 0.24 -32.41 2.63
CA ASP A 43 -0.50 -33.70 2.75
C ASP A 43 -1.34 -33.98 1.53
N TYR A 44 -1.93 -32.98 0.92
CA TYR A 44 -2.75 -33.18 -0.30
C TYR A 44 -2.59 -32.00 -1.26
N HIS A 45 -2.18 -32.30 -2.49
CA HIS A 45 -1.95 -31.34 -3.55
C HIS A 45 -1.95 -32.04 -4.91
N GLU A 46 -3.08 -31.92 -5.58
CA GLU A 46 -3.34 -32.51 -6.87
C GLU A 46 -2.35 -32.27 -7.98
N THR A 47 -1.52 -31.26 -7.91
CA THR A 47 -0.55 -31.00 -9.00
C THR A 47 0.73 -31.81 -8.88
N LEU A 48 1.14 -32.14 -7.67
CA LEU A 48 2.34 -32.87 -7.33
C LEU A 48 2.13 -34.29 -6.77
N MET A 49 0.93 -34.71 -6.48
CA MET A 49 0.66 -36.05 -5.91
C MET A 49 1.10 -37.17 -6.84
N ALA A 50 1.87 -38.09 -6.30
CA ALA A 50 2.42 -39.27 -6.97
C ALA A 50 1.40 -40.34 -7.36
N GLY A 51 0.30 -40.40 -6.63
CA GLY A 51 -0.77 -41.39 -6.96
C GLY A 51 -1.74 -40.62 -7.84
N ALA A 52 -2.88 -41.14 -8.11
CA ALA A 52 -3.97 -40.54 -8.90
C ALA A 52 -5.31 -41.09 -8.35
N GLY A 53 -6.37 -40.48 -8.81
CA GLY A 53 -7.74 -40.86 -8.46
C GLY A 53 -7.91 -41.31 -7.03
N HIS A 54 -8.49 -42.49 -6.91
CA HIS A 54 -8.84 -43.20 -5.69
C HIS A 54 -7.79 -43.17 -4.60
N ALA A 55 -6.57 -43.47 -4.93
CA ALA A 55 -5.45 -43.51 -3.98
C ALA A 55 -5.27 -42.21 -3.21
N VAL A 56 -5.53 -41.10 -3.88
CA VAL A 56 -5.33 -39.78 -3.26
C VAL A 56 -6.56 -39.30 -2.51
N GLU A 57 -7.71 -39.79 -2.92
CA GLU A 57 -8.98 -39.45 -2.27
C GLU A 57 -8.95 -39.97 -0.83
N GLU A 58 -8.33 -41.13 -0.74
CA GLU A 58 -8.14 -41.88 0.50
C GLU A 58 -7.21 -41.05 1.38
N ALA A 59 -6.24 -40.44 0.73
CA ALA A 59 -5.24 -39.58 1.34
C ALA A 59 -5.85 -38.39 2.07
N LEU A 60 -6.60 -37.62 1.29
CA LEU A 60 -7.27 -36.42 1.82
C LEU A 60 -8.07 -36.87 3.05
N HIS A 61 -8.88 -37.90 2.80
CA HIS A 61 -9.74 -38.47 3.84
C HIS A 61 -8.97 -38.58 5.14
N GLU A 62 -7.90 -39.35 5.11
CA GLU A 62 -7.09 -39.53 6.32
C GLU A 62 -6.49 -38.22 6.81
N ALA A 63 -6.05 -37.42 5.85
CA ALA A 63 -5.39 -36.15 6.11
C ALA A 63 -6.22 -35.20 6.94
N ILE A 64 -7.44 -34.99 6.49
CA ILE A 64 -8.37 -34.07 7.18
C ILE A 64 -8.90 -34.65 8.47
N LYS A 65 -8.14 -35.56 9.06
CA LYS A 65 -8.48 -36.22 10.32
C LYS A 65 -7.67 -35.60 11.46
N GLY A 66 -6.51 -35.08 11.10
CA GLY A 66 -5.61 -34.47 12.09
C GLY A 66 -5.76 -32.96 12.20
N ASP A 67 -4.65 -32.41 12.66
CA ASP A 67 -4.43 -30.97 12.85
C ASP A 67 -3.81 -30.50 11.52
N PHE A 68 -4.62 -29.81 10.74
CA PHE A 68 -4.14 -29.38 9.42
C PHE A 68 -4.54 -27.96 9.06
N VAL A 69 -3.78 -27.42 8.14
CA VAL A 69 -4.04 -26.06 7.62
C VAL A 69 -4.57 -26.28 6.20
N CYS A 70 -5.72 -25.70 5.95
CA CYS A 70 -6.33 -25.82 4.61
C CYS A 70 -5.85 -24.64 3.76
N VAL A 71 -5.56 -24.90 2.51
CA VAL A 71 -5.15 -23.85 1.56
C VAL A 71 -6.16 -24.05 0.40
N ILE A 72 -7.00 -23.09 0.18
CA ILE A 72 -7.99 -23.21 -0.90
C ILE A 72 -7.68 -22.23 -2.05
N GLU A 73 -7.26 -22.79 -3.16
CA GLU A 73 -6.99 -22.03 -4.37
C GLU A 73 -8.22 -22.05 -5.27
N GLY A 74 -8.77 -20.88 -5.60
CA GLY A 74 -9.84 -20.71 -6.47
C GLY A 74 -11.16 -20.14 -6.47
N GLY A 75 -11.90 -20.21 -5.38
CA GLY A 75 -13.29 -19.63 -5.40
C GLY A 75 -14.18 -20.64 -6.11
N ILE A 76 -15.33 -20.86 -5.48
CA ILE A 76 -16.32 -21.82 -5.83
C ILE A 76 -17.52 -21.51 -6.66
N PRO A 77 -17.70 -22.32 -7.68
CA PRO A 77 -18.87 -22.19 -8.57
C PRO A 77 -20.05 -22.66 -7.72
N MET A 78 -20.78 -21.70 -7.20
CA MET A 78 -21.95 -22.02 -6.38
C MET A 78 -23.11 -22.22 -7.38
N GLY A 79 -22.87 -21.69 -8.56
CA GLY A 79 -23.67 -21.71 -9.74
C GLY A 79 -25.12 -22.09 -9.63
N ASP A 80 -25.65 -22.56 -10.76
CA ASP A 80 -27.07 -22.97 -10.86
C ASP A 80 -27.11 -24.45 -10.43
N GLY A 81 -26.43 -24.63 -9.31
CA GLY A 81 -26.32 -25.95 -8.68
C GLY A 81 -24.98 -25.96 -7.91
N GLY A 82 -23.95 -25.63 -8.66
CA GLY A 82 -22.57 -25.59 -8.14
C GLY A 82 -21.81 -26.76 -8.78
N TYR A 83 -22.44 -27.26 -9.83
CA TYR A 83 -21.99 -28.38 -10.64
C TYR A 83 -21.05 -28.01 -11.77
N TRP A 84 -20.41 -26.87 -11.63
CA TRP A 84 -19.50 -26.40 -12.70
C TRP A 84 -18.12 -26.99 -12.46
N GLY A 85 -17.81 -27.23 -11.22
CA GLY A 85 -16.51 -27.81 -10.84
C GLY A 85 -16.78 -29.05 -10.00
N LYS A 86 -16.30 -30.19 -10.51
CA LYS A 86 -16.47 -31.46 -9.80
C LYS A 86 -15.12 -32.18 -9.76
N VAL A 87 -14.86 -32.85 -8.66
CA VAL A 87 -13.61 -33.66 -8.55
C VAL A 87 -14.04 -34.95 -7.87
N GLY A 88 -13.55 -36.06 -8.39
CA GLY A 88 -13.93 -37.38 -7.85
C GLY A 88 -15.43 -37.53 -8.12
N ARG A 89 -15.92 -36.69 -9.01
CA ARG A 89 -17.34 -36.70 -9.37
C ARG A 89 -18.15 -35.83 -8.43
N ARG A 90 -17.54 -35.30 -7.39
CA ARG A 90 -18.30 -34.45 -6.44
C ARG A 90 -18.02 -32.99 -6.69
N ASN A 91 -19.01 -32.15 -6.42
CA ASN A 91 -18.98 -30.69 -6.58
C ASN A 91 -17.95 -30.06 -5.65
N MET A 92 -17.39 -28.96 -6.15
CA MET A 92 -16.35 -28.21 -5.42
C MET A 92 -16.90 -27.57 -4.16
N TYR A 93 -18.19 -27.24 -4.13
CA TYR A 93 -18.71 -26.64 -2.87
C TYR A 93 -18.54 -27.73 -1.80
N ASP A 94 -19.23 -28.83 -2.04
CA ASP A 94 -19.30 -30.02 -1.23
C ASP A 94 -17.95 -30.49 -0.68
N ILE A 95 -16.93 -30.59 -1.51
CA ILE A 95 -15.60 -31.04 -1.08
C ILE A 95 -15.00 -30.07 -0.04
N CYS A 96 -15.50 -28.86 -0.15
CA CYS A 96 -15.10 -27.70 0.62
C CYS A 96 -15.80 -27.58 1.95
N ALA A 97 -17.10 -27.82 1.89
CA ALA A 97 -17.96 -27.78 3.10
C ALA A 97 -17.43 -28.84 4.05
N GLU A 98 -17.00 -29.96 3.50
CA GLU A 98 -16.41 -31.11 4.14
C GLU A 98 -15.13 -30.83 4.92
N VAL A 99 -14.10 -30.36 4.23
CA VAL A 99 -12.77 -30.06 4.67
C VAL A 99 -12.44 -28.77 5.41
N ALA A 100 -12.79 -27.65 4.82
CA ALA A 100 -12.52 -26.34 5.44
C ALA A 100 -12.81 -26.36 6.93
N PRO A 101 -14.08 -26.58 7.28
CA PRO A 101 -14.54 -26.61 8.66
C PRO A 101 -13.75 -27.42 9.65
N LYS A 102 -12.88 -28.31 9.22
CA LYS A 102 -12.09 -29.15 10.13
C LYS A 102 -10.68 -28.67 10.39
N ALA A 103 -10.26 -27.59 9.76
CA ALA A 103 -8.89 -27.10 9.88
C ALA A 103 -8.64 -26.05 10.94
N LYS A 104 -7.45 -26.18 11.54
CA LYS A 104 -7.06 -25.22 12.59
C LYS A 104 -7.19 -23.84 11.94
N ALA A 105 -6.75 -23.78 10.69
CA ALA A 105 -6.81 -22.53 9.91
C ALA A 105 -6.88 -22.81 8.42
N VAL A 106 -7.71 -21.99 7.79
CA VAL A 106 -7.95 -21.96 6.36
C VAL A 106 -7.28 -20.67 5.83
N ILE A 107 -6.81 -20.73 4.61
CA ILE A 107 -6.16 -19.55 3.99
C ILE A 107 -6.49 -19.60 2.50
N ALA A 108 -7.15 -18.58 2.00
CA ALA A 108 -7.55 -18.52 0.58
C ALA A 108 -6.50 -17.84 -0.28
N ILE A 109 -5.97 -18.55 -1.27
CA ILE A 109 -4.91 -18.00 -2.12
C ILE A 109 -5.33 -17.54 -3.51
N GLY A 110 -4.96 -16.27 -3.74
CA GLY A 110 -5.24 -15.58 -5.00
C GLY A 110 -6.64 -14.97 -4.96
N THR A 111 -6.77 -13.86 -5.68
CA THR A 111 -8.02 -13.11 -5.78
C THR A 111 -9.17 -13.99 -6.19
N CYS A 112 -8.92 -15.21 -6.66
CA CYS A 112 -10.10 -16.04 -7.01
C CYS A 112 -10.68 -16.67 -5.72
N ALA A 113 -9.81 -17.35 -4.99
CA ALA A 113 -10.18 -18.01 -3.74
C ALA A 113 -10.83 -16.93 -2.87
N THR A 114 -10.04 -15.91 -2.64
CA THR A 114 -10.43 -14.78 -1.80
C THR A 114 -11.71 -14.09 -2.26
N TYR A 115 -11.60 -13.25 -3.27
CA TYR A 115 -12.74 -12.47 -3.76
C TYR A 115 -13.62 -13.09 -4.77
N GLY A 116 -13.16 -13.95 -5.65
CA GLY A 116 -14.10 -14.52 -6.64
C GLY A 116 -13.46 -14.72 -7.99
N GLY A 117 -12.41 -13.99 -8.28
CA GLY A 117 -11.61 -14.03 -9.48
C GLY A 117 -12.20 -13.86 -10.85
N VAL A 118 -11.37 -14.12 -11.86
CA VAL A 118 -11.70 -14.00 -13.27
C VAL A 118 -13.08 -14.55 -13.63
N GLN A 119 -13.34 -15.74 -13.15
CA GLN A 119 -14.57 -16.47 -13.44
C GLN A 119 -15.82 -15.72 -12.97
N ALA A 120 -15.66 -15.01 -11.88
CA ALA A 120 -16.74 -14.27 -11.24
C ALA A 120 -17.07 -12.93 -11.86
N ALA A 121 -16.37 -12.57 -12.91
CA ALA A 121 -16.58 -11.29 -13.62
C ALA A 121 -17.91 -11.43 -14.39
N LYS A 122 -18.51 -10.31 -14.68
CA LYS A 122 -19.80 -10.27 -15.40
C LYS A 122 -19.76 -11.09 -16.67
N PRO A 123 -20.76 -11.87 -16.99
CA PRO A 123 -21.98 -12.12 -16.24
C PRO A 123 -21.84 -13.17 -15.16
N ASN A 124 -20.66 -13.73 -14.99
CA ASN A 124 -20.45 -14.79 -13.95
C ASN A 124 -21.45 -15.90 -14.24
N PRO A 125 -21.23 -16.60 -15.34
CA PRO A 125 -22.15 -17.67 -15.77
C PRO A 125 -22.20 -18.85 -14.83
N THR A 126 -21.10 -19.04 -14.14
CA THR A 126 -20.86 -20.12 -13.19
C THR A 126 -21.15 -19.65 -11.78
N GLY A 127 -21.50 -18.37 -11.71
CA GLY A 127 -21.79 -17.72 -10.41
C GLY A 127 -20.79 -18.29 -9.40
N THR A 128 -19.54 -17.90 -9.56
CA THR A 128 -18.49 -18.39 -8.61
C THR A 128 -18.30 -17.25 -7.62
N VAL A 129 -17.99 -17.55 -6.40
CA VAL A 129 -17.80 -16.61 -5.28
C VAL A 129 -16.57 -16.97 -4.46
N GLY A 130 -16.06 -16.06 -3.66
CA GLY A 130 -14.88 -16.30 -2.82
C GLY A 130 -15.10 -17.34 -1.74
N VAL A 131 -14.01 -17.81 -1.18
CA VAL A 131 -13.95 -18.83 -0.15
C VAL A 131 -14.76 -18.57 1.09
N ASN A 132 -14.45 -17.49 1.80
CA ASN A 132 -15.18 -17.25 3.07
C ASN A 132 -16.35 -16.33 2.90
N GLU A 133 -16.98 -16.44 1.74
CA GLU A 133 -18.21 -15.75 1.34
C GLU A 133 -19.18 -16.86 0.89
N ALA A 134 -18.73 -18.08 1.11
CA ALA A 134 -19.46 -19.31 0.77
C ALA A 134 -19.37 -20.35 1.87
N LEU A 135 -18.21 -20.41 2.50
CA LEU A 135 -17.99 -21.37 3.62
C LEU A 135 -18.15 -20.63 4.94
N GLY A 136 -18.68 -19.43 4.84
CA GLY A 136 -18.90 -18.53 5.97
C GLY A 136 -19.99 -19.07 6.89
N LYS A 137 -21.11 -19.41 6.27
CA LYS A 137 -22.28 -19.95 6.95
C LYS A 137 -21.92 -21.24 7.69
N LEU A 138 -20.75 -21.76 7.39
CA LEU A 138 -20.21 -22.97 8.00
C LEU A 138 -19.16 -22.61 9.05
N GLY A 139 -19.02 -21.36 9.36
CA GLY A 139 -18.07 -20.86 10.34
C GLY A 139 -16.64 -20.77 9.86
N VAL A 140 -16.47 -20.64 8.56
CA VAL A 140 -15.12 -20.50 7.96
C VAL A 140 -14.87 -18.98 7.82
N LYS A 141 -13.76 -18.55 8.36
CA LYS A 141 -13.27 -17.16 8.34
C LYS A 141 -11.80 -17.23 7.87
N ALA A 142 -11.62 -17.37 6.57
CA ALA A 142 -10.32 -17.49 5.94
C ALA A 142 -9.55 -16.17 5.93
N ILE A 143 -8.23 -16.32 5.89
CA ILE A 143 -7.32 -15.16 5.83
C ILE A 143 -6.96 -15.07 4.33
N ASN A 144 -7.25 -13.94 3.74
CA ASN A 144 -7.04 -13.66 2.33
C ASN A 144 -5.66 -13.21 1.93
N ILE A 145 -5.00 -13.98 1.09
CA ILE A 145 -3.69 -13.68 0.51
C ILE A 145 -3.99 -13.31 -0.95
N ALA A 146 -4.51 -12.12 -1.13
CA ALA A 146 -4.94 -11.53 -2.38
C ALA A 146 -3.81 -11.32 -3.39
N GLY A 147 -4.27 -11.02 -4.60
CA GLY A 147 -3.44 -10.79 -5.77
C GLY A 147 -3.58 -11.97 -6.73
N CYS A 148 -3.54 -11.64 -8.01
CA CYS A 148 -3.69 -12.58 -9.11
C CYS A 148 -2.40 -12.80 -9.93
N PRO A 149 -1.38 -13.63 -9.51
CA PRO A 149 -1.35 -14.38 -8.24
C PRO A 149 -0.60 -13.60 -7.16
N PRO A 150 -0.63 -14.10 -5.89
CA PRO A 150 -0.17 -13.42 -4.63
C PRO A 150 1.32 -13.19 -4.29
N ASN A 151 2.31 -13.77 -4.92
CA ASN A 151 3.72 -13.51 -4.44
C ASN A 151 4.08 -14.46 -3.28
N PRO A 152 4.99 -15.40 -3.50
CA PRO A 152 5.40 -16.43 -2.55
C PRO A 152 5.28 -16.01 -1.12
N MET A 153 6.18 -15.14 -0.73
CA MET A 153 6.28 -14.64 0.64
C MET A 153 4.97 -14.22 1.24
N ASN A 154 4.06 -13.68 0.47
CA ASN A 154 2.77 -13.27 1.10
C ASN A 154 2.08 -14.52 1.62
N PHE A 155 2.27 -15.60 0.89
CA PHE A 155 1.66 -16.90 1.28
C PHE A 155 2.55 -17.50 2.38
N VAL A 156 3.71 -17.93 1.95
CA VAL A 156 4.69 -18.60 2.78
C VAL A 156 4.88 -17.88 4.10
N GLY A 157 5.17 -16.61 3.98
CA GLY A 157 5.39 -15.74 5.16
C GLY A 157 4.12 -15.83 6.02
N THR A 158 2.98 -15.83 5.35
CA THR A 158 1.71 -15.90 6.08
C THR A 158 1.58 -17.22 6.82
N VAL A 159 1.80 -18.36 6.18
CA VAL A 159 1.67 -19.64 6.90
C VAL A 159 2.74 -19.76 7.98
N VAL A 160 3.93 -19.26 7.68
CA VAL A 160 5.03 -19.34 8.65
C VAL A 160 4.57 -18.66 9.94
N HIS A 161 3.96 -17.52 9.74
CA HIS A 161 3.45 -16.67 10.80
C HIS A 161 2.44 -17.42 11.67
N LEU A 162 1.68 -18.25 10.99
CA LEU A 162 0.64 -19.06 11.65
C LEU A 162 1.30 -19.92 12.70
N LEU A 163 1.78 -21.08 12.30
CA LEU A 163 2.42 -22.03 13.19
C LEU A 163 3.54 -21.44 14.03
N THR A 164 3.82 -20.16 13.90
CA THR A 164 4.91 -19.57 14.70
C THR A 164 4.38 -18.65 15.78
N LYS A 165 3.80 -17.56 15.31
CA LYS A 165 3.21 -16.52 16.18
C LYS A 165 1.71 -16.78 16.29
N GLY A 166 0.95 -16.49 15.25
CA GLY A 166 -0.50 -16.70 15.27
C GLY A 166 -1.29 -15.95 14.22
N MET A 167 -2.60 -16.05 14.41
CA MET A 167 -3.63 -15.44 13.56
C MET A 167 -3.24 -13.99 13.29
N PRO A 168 -2.76 -13.77 12.08
CA PRO A 168 -2.29 -12.45 11.64
C PRO A 168 -3.32 -11.35 11.63
N GLU A 169 -2.91 -10.14 12.01
CA GLU A 169 -3.83 -8.99 12.00
C GLU A 169 -4.19 -8.74 10.53
N LEU A 170 -5.46 -8.61 10.27
CA LEU A 170 -5.98 -8.44 8.90
C LEU A 170 -6.70 -7.11 8.67
N ASP A 171 -6.78 -6.74 7.41
CA ASP A 171 -7.44 -5.52 6.93
C ASP A 171 -8.93 -5.83 6.66
N LYS A 172 -9.63 -4.78 6.31
CA LYS A 172 -11.06 -4.77 6.03
C LYS A 172 -11.46 -5.88 5.07
N GLN A 173 -10.63 -6.08 4.07
CA GLN A 173 -10.86 -7.08 3.03
C GLN A 173 -10.27 -8.43 3.37
N GLY A 174 -10.00 -8.63 4.65
CA GLY A 174 -9.49 -9.82 5.24
C GLY A 174 -8.10 -10.20 4.85
N ARG A 175 -7.31 -9.23 4.48
CA ARG A 175 -5.91 -9.40 4.05
C ARG A 175 -4.93 -9.02 5.15
N PRO A 176 -3.90 -9.84 5.28
CA PRO A 176 -2.85 -9.57 6.28
C PRO A 176 -2.33 -8.15 6.07
N VAL A 177 -2.44 -7.35 7.12
CA VAL A 177 -1.99 -5.95 7.11
C VAL A 177 -0.48 -5.86 7.02
N MET A 178 0.21 -6.88 7.47
CA MET A 178 1.67 -6.98 7.46
C MET A 178 2.24 -7.06 6.04
N PHE A 179 1.35 -7.04 5.05
CA PHE A 179 1.74 -7.12 3.65
C PHE A 179 0.82 -6.26 2.77
N PHE A 180 -0.47 -6.22 3.07
CA PHE A 180 -1.39 -5.45 2.21
C PHE A 180 -1.76 -4.11 2.81
N GLY A 181 -0.98 -3.77 3.82
CA GLY A 181 -1.15 -2.52 4.57
C GLY A 181 -1.24 -1.33 3.64
N GLU A 182 -0.08 -1.04 3.05
CA GLU A 182 0.12 0.08 2.13
C GLU A 182 -0.36 -0.23 0.73
N THR A 183 -0.58 0.82 -0.05
CA THR A 183 -1.01 0.67 -1.44
C THR A 183 0.27 0.47 -2.27
N VAL A 184 0.02 0.31 -3.55
CA VAL A 184 1.15 0.12 -4.49
C VAL A 184 1.81 1.48 -4.70
N HIS A 185 0.98 2.46 -4.96
CA HIS A 185 1.34 3.87 -5.22
C HIS A 185 2.21 4.40 -4.10
N ASP A 186 1.78 4.11 -2.88
CA ASP A 186 2.51 4.56 -1.69
C ASP A 186 4.02 4.32 -1.86
N ASN A 187 4.40 3.13 -2.27
CA ASN A 187 5.78 2.70 -2.42
C ASN A 187 6.36 2.70 -3.81
N CYS A 188 5.68 3.32 -4.75
CA CYS A 188 6.16 3.34 -6.15
C CYS A 188 7.15 4.45 -6.41
N PRO A 189 8.17 4.12 -7.20
CA PRO A 189 9.25 5.05 -7.53
C PRO A 189 8.85 6.22 -8.39
N ARG A 190 8.02 6.01 -9.37
CA ARG A 190 7.50 7.03 -10.27
C ARG A 190 6.57 7.96 -9.48
N LEU A 191 6.73 7.91 -8.16
CA LEU A 191 5.89 8.74 -7.27
C LEU A 191 6.19 10.19 -7.67
N LYS A 192 7.48 10.46 -7.63
CA LYS A 192 8.06 11.76 -7.99
C LYS A 192 7.32 12.52 -9.09
N HIS A 193 7.02 11.79 -10.14
CA HIS A 193 6.35 12.26 -11.33
C HIS A 193 4.86 12.43 -11.13
N PHE A 194 4.36 11.69 -10.16
CA PHE A 194 2.91 11.74 -9.90
C PHE A 194 2.63 13.10 -9.25
N GLU A 195 3.45 13.32 -8.23
CA GLU A 195 3.39 14.56 -7.43
C GLU A 195 3.83 15.78 -8.21
N ALA A 196 4.82 15.62 -9.07
CA ALA A 196 5.36 16.67 -9.93
C ALA A 196 4.48 16.93 -11.14
N GLY A 197 3.64 16.00 -11.51
CA GLY A 197 2.70 16.12 -12.62
C GLY A 197 3.24 15.63 -13.95
N GLU A 198 4.30 14.85 -13.87
CA GLU A 198 4.99 14.29 -15.02
C GLU A 198 4.56 12.86 -15.32
N PHE A 199 3.69 12.78 -16.30
CA PHE A 199 3.14 11.51 -16.76
C PHE A 199 3.55 11.30 -18.22
N ALA A 200 3.39 10.06 -18.60
CA ALA A 200 3.61 9.57 -19.96
C ALA A 200 2.19 9.65 -20.55
N THR A 201 2.05 9.88 -21.82
CA THR A 201 0.70 9.98 -22.43
C THR A 201 0.57 8.80 -23.39
N SER A 202 1.67 8.09 -23.59
CA SER A 202 1.68 6.93 -24.49
C SER A 202 2.89 6.05 -24.12
N PHE A 203 2.76 4.78 -24.50
CA PHE A 203 3.84 3.82 -24.20
C PHE A 203 5.09 4.14 -25.00
N GLY A 204 4.89 4.50 -26.25
CA GLY A 204 6.03 4.86 -27.15
C GLY A 204 6.12 6.39 -27.15
N SER A 205 6.82 6.91 -26.16
CA SER A 205 6.99 8.34 -25.97
C SER A 205 8.19 8.61 -25.05
N PRO A 206 8.78 9.75 -25.30
CA PRO A 206 9.97 10.18 -24.55
C PRO A 206 9.79 10.06 -23.05
N GLU A 207 8.62 10.49 -22.61
CA GLU A 207 8.20 10.46 -21.20
C GLU A 207 8.17 9.02 -20.73
N ALA A 208 7.39 8.24 -21.48
CA ALA A 208 7.29 6.81 -21.20
C ALA A 208 8.71 6.24 -21.07
N LYS A 209 9.55 6.39 -22.09
CA LYS A 209 10.90 5.87 -22.08
C LYS A 209 11.79 6.39 -20.95
N LYS A 210 11.51 7.54 -20.38
CA LYS A 210 12.37 8.08 -19.31
C LYS A 210 11.81 7.87 -17.92
N GLY A 211 10.74 7.11 -17.82
CA GLY A 211 10.09 6.73 -16.61
C GLY A 211 8.95 7.53 -16.09
N TYR A 212 8.20 8.20 -16.95
CA TYR A 212 7.07 9.00 -16.45
C TYR A 212 5.95 8.14 -15.89
N CYS A 213 5.37 8.67 -14.82
CA CYS A 213 4.28 8.06 -14.08
C CYS A 213 3.18 7.67 -15.06
N LEU A 214 2.50 6.60 -14.69
CA LEU A 214 1.45 5.98 -15.49
C LEU A 214 0.02 6.28 -15.15
N TYR A 215 -0.25 7.15 -14.19
CA TYR A 215 -1.63 7.49 -13.84
C TYR A 215 -2.49 7.48 -15.10
N GLU A 216 -2.09 8.24 -16.06
CA GLU A 216 -2.61 8.54 -17.36
C GLU A 216 -3.04 7.38 -18.24
N LEU A 217 -2.04 6.55 -18.44
CA LEU A 217 -2.04 5.36 -19.28
C LEU A 217 -3.02 4.32 -18.78
N GLY A 218 -3.37 4.47 -17.49
CA GLY A 218 -4.34 3.64 -16.82
C GLY A 218 -3.98 3.11 -15.47
N CYS A 219 -2.76 3.21 -15.04
CA CYS A 219 -2.26 2.69 -13.77
C CYS A 219 -3.18 2.89 -12.59
N LYS A 220 -3.29 1.85 -11.77
CA LYS A 220 -4.15 1.86 -10.59
C LYS A 220 -3.51 1.70 -9.22
N GLY A 221 -2.22 1.91 -9.11
CA GLY A 221 -1.46 1.84 -7.88
C GLY A 221 -2.18 2.62 -6.78
N PRO A 222 -2.77 3.74 -7.16
CA PRO A 222 -3.50 4.61 -6.24
C PRO A 222 -4.46 3.91 -5.30
N ASP A 223 -5.36 3.14 -5.89
CA ASP A 223 -6.41 2.39 -5.20
C ASP A 223 -6.10 0.92 -4.98
N THR A 224 -4.85 0.53 -4.94
CA THR A 224 -4.49 -0.88 -4.82
C THR A 224 -3.50 -1.16 -3.71
N TYR A 225 -3.91 -1.98 -2.74
CA TYR A 225 -3.01 -2.33 -1.62
C TYR A 225 -2.34 -3.68 -1.89
N ASN A 226 -1.05 -3.60 -2.05
CA ASN A 226 -0.11 -4.71 -2.31
C ASN A 226 1.29 -4.23 -1.90
N ASN A 227 2.24 -5.14 -1.95
CA ASN A 227 3.61 -4.79 -1.55
C ASN A 227 4.63 -4.87 -2.66
N CYS A 228 4.19 -5.14 -3.87
CA CYS A 228 4.98 -5.33 -5.06
C CYS A 228 6.18 -4.42 -5.30
N PRO A 229 5.94 -3.14 -5.14
CA PRO A 229 6.99 -2.14 -5.36
C PRO A 229 8.18 -2.51 -4.49
N LYS A 230 7.94 -2.95 -3.26
CA LYS A 230 9.05 -3.24 -2.35
C LYS A 230 9.59 -4.62 -2.17
N GLN A 231 8.88 -5.68 -2.44
CA GLN A 231 9.45 -7.05 -2.30
C GLN A 231 9.82 -7.45 -3.74
N LEU A 232 8.82 -7.36 -4.59
CA LEU A 232 8.87 -7.59 -6.01
C LEU A 232 9.21 -9.01 -6.41
N PHE A 233 8.49 -9.34 -7.47
CA PHE A 233 8.41 -10.61 -8.15
C PHE A 233 9.72 -11.17 -8.63
N ASN A 234 9.82 -12.49 -8.46
CA ASN A 234 10.97 -13.31 -8.84
C ASN A 234 12.31 -12.69 -8.46
N GLN A 235 12.27 -11.84 -7.46
CA GLN A 235 13.40 -11.10 -6.91
C GLN A 235 14.10 -10.33 -8.03
N VAL A 236 13.27 -9.83 -8.94
CA VAL A 236 13.83 -9.11 -10.11
C VAL A 236 12.98 -8.08 -10.79
N ASN A 237 11.70 -7.93 -10.49
CA ASN A 237 10.89 -6.91 -11.21
C ASN A 237 9.50 -6.71 -10.66
N TRP A 238 8.79 -5.82 -11.35
CA TRP A 238 7.38 -5.46 -11.05
C TRP A 238 6.80 -4.76 -12.27
N PRO A 239 5.49 -4.85 -12.39
CA PRO A 239 4.75 -4.28 -13.52
C PRO A 239 5.13 -2.89 -13.93
N VAL A 240 5.17 -1.97 -12.97
CA VAL A 240 5.51 -0.56 -13.23
C VAL A 240 6.97 -0.45 -13.63
N GLN A 241 7.83 -1.19 -12.96
CA GLN A 241 9.26 -1.15 -13.29
C GLN A 241 9.44 -1.55 -14.76
N ALA A 242 8.45 -2.23 -15.28
CA ALA A 242 8.42 -2.74 -16.64
C ALA A 242 7.55 -1.83 -17.51
N GLY A 243 7.32 -0.65 -17.00
CA GLY A 243 6.57 0.41 -17.62
C GLY A 243 5.20 0.04 -18.12
N HIS A 244 4.51 -0.70 -17.28
CA HIS A 244 3.14 -1.15 -17.56
C HIS A 244 2.24 -0.80 -16.39
N PRO A 245 1.10 -0.20 -16.68
CA PRO A 245 0.10 0.14 -15.67
C PRO A 245 -0.19 -1.03 -14.73
N CYS A 246 -0.43 -0.68 -13.48
CA CYS A 246 -0.83 -1.63 -12.41
C CYS A 246 -2.33 -1.85 -12.65
N ILE A 247 -2.85 -3.04 -12.60
CA ILE A 247 -4.29 -3.24 -12.87
C ILE A 247 -5.18 -3.59 -11.70
N ALA A 248 -4.67 -3.43 -10.50
CA ALA A 248 -5.36 -3.70 -9.25
C ALA A 248 -5.67 -5.18 -9.07
N CYS A 249 -4.74 -6.02 -9.50
CA CYS A 249 -4.88 -7.47 -9.47
C CYS A 249 -5.10 -8.06 -8.08
N SER A 250 -5.13 -7.26 -7.03
CA SER A 250 -5.36 -7.78 -5.67
C SER A 250 -6.51 -7.11 -4.96
N GLU A 251 -7.35 -6.42 -5.69
CA GLU A 251 -8.53 -5.70 -5.17
C GLU A 251 -9.79 -6.45 -5.53
N PRO A 252 -10.65 -6.66 -4.54
CA PRO A 252 -11.89 -7.41 -4.67
C PRO A 252 -12.62 -7.40 -5.96
N ASN A 253 -12.51 -6.46 -6.87
CA ASN A 253 -13.33 -6.64 -8.11
C ASN A 253 -12.68 -6.06 -9.33
N PHE A 254 -11.37 -6.17 -9.39
CA PHE A 254 -10.56 -5.59 -10.46
C PHE A 254 -11.13 -5.75 -11.85
N TRP A 255 -11.42 -6.97 -12.25
CA TRP A 255 -11.94 -7.28 -13.58
C TRP A 255 -13.01 -6.32 -14.08
N ASP A 256 -14.01 -6.10 -13.27
CA ASP A 256 -15.16 -5.27 -13.51
C ASP A 256 -15.09 -3.91 -12.84
N LEU A 257 -14.18 -3.78 -11.92
CA LEU A 257 -14.07 -2.49 -11.22
C LEU A 257 -13.07 -1.60 -11.95
N TYR A 258 -11.83 -1.86 -11.65
CA TYR A 258 -10.66 -1.15 -12.14
C TYR A 258 -10.32 -1.32 -13.62
N SER A 259 -11.31 -1.58 -14.42
CA SER A 259 -11.13 -1.64 -15.89
C SER A 259 -12.08 -0.57 -16.44
N PRO A 260 -11.91 0.04 -17.63
CA PRO A 260 -10.86 -0.29 -18.60
C PRO A 260 -9.54 -0.02 -17.94
N PHE A 261 -8.61 -0.90 -18.19
CA PHE A 261 -7.29 -0.86 -17.52
C PHE A 261 -6.31 0.08 -18.21
N TYR A 262 -6.84 0.84 -19.14
CA TYR A 262 -6.02 1.73 -19.97
C TYR A 262 -6.63 3.13 -20.02
N SER A 263 -7.21 3.50 -18.90
CA SER A 263 -7.87 4.77 -18.68
C SER A 263 -7.87 5.00 -17.16
N ALA A 264 -7.91 6.26 -16.78
CA ALA A 264 -7.93 6.67 -15.37
C ALA A 264 -6.76 6.14 -14.54
N ASN B 7 -17.00 -52.48 -18.44
CA ASN B 7 -15.84 -52.99 -17.71
C ASN B 7 -14.87 -51.83 -17.46
N LYS B 8 -15.49 -50.73 -17.03
CA LYS B 8 -14.75 -49.50 -16.83
C LYS B 8 -14.09 -49.18 -15.52
N ILE B 9 -12.83 -48.73 -15.72
CA ILE B 9 -11.97 -48.22 -14.67
C ILE B 9 -12.17 -46.67 -14.75
N VAL B 10 -12.14 -45.99 -13.64
CA VAL B 10 -12.27 -44.52 -13.68
C VAL B 10 -11.16 -43.99 -12.76
N VAL B 11 -10.57 -42.91 -13.21
CA VAL B 11 -9.47 -42.28 -12.42
C VAL B 11 -9.57 -40.76 -12.52
N ASP B 12 -10.44 -40.29 -11.65
CA ASP B 12 -10.75 -38.87 -11.44
C ASP B 12 -10.31 -38.53 -10.01
N PRO B 13 -9.34 -37.63 -9.75
CA PRO B 13 -8.63 -36.81 -10.75
C PRO B 13 -7.39 -37.49 -11.30
N ILE B 14 -6.82 -36.82 -12.32
CA ILE B 14 -5.60 -37.28 -13.04
C ILE B 14 -4.35 -36.68 -12.42
N THR B 15 -4.45 -36.33 -11.17
CA THR B 15 -3.38 -35.83 -10.32
C THR B 15 -2.39 -34.92 -10.99
N ARG B 16 -1.14 -35.31 -11.20
CA ARG B 16 -0.09 -34.48 -11.76
C ARG B 16 -0.28 -33.91 -13.15
N ILE B 17 -1.15 -32.95 -13.27
CA ILE B 17 -1.48 -32.20 -14.46
C ILE B 17 -1.98 -30.81 -13.97
N GLU B 18 -2.60 -30.10 -14.88
CA GLU B 18 -3.17 -28.80 -14.56
C GLU B 18 -4.65 -28.93 -14.95
N GLY B 19 -5.50 -28.67 -13.97
CA GLY B 19 -6.95 -28.71 -14.22
C GLY B 19 -7.55 -30.00 -13.69
N HIS B 20 -8.84 -30.11 -13.95
CA HIS B 20 -9.61 -31.26 -13.50
C HIS B 20 -9.98 -32.17 -14.66
N LEU B 21 -9.26 -33.29 -14.70
CA LEU B 21 -9.48 -34.31 -15.72
C LEU B 21 -9.90 -35.66 -15.08
N ARG B 22 -10.95 -36.18 -15.68
CA ARG B 22 -11.54 -37.45 -15.36
C ARG B 22 -11.36 -38.31 -16.62
N ILE B 23 -10.71 -39.44 -16.46
CA ILE B 23 -10.58 -40.37 -17.58
C ILE B 23 -11.20 -41.70 -17.08
N GLU B 24 -12.15 -42.15 -17.86
CA GLU B 24 -12.88 -43.39 -17.69
C GLU B 24 -12.43 -44.34 -18.79
N VAL B 25 -11.98 -45.53 -18.43
CA VAL B 25 -11.55 -46.52 -19.43
C VAL B 25 -12.36 -47.81 -19.22
N GLU B 26 -12.56 -48.49 -20.32
CA GLU B 26 -13.25 -49.79 -20.38
C GLU B 26 -12.14 -50.79 -20.74
N VAL B 27 -12.15 -51.93 -20.08
CA VAL B 27 -11.10 -52.94 -20.32
C VAL B 27 -11.67 -54.25 -20.84
N GLU B 28 -10.81 -54.90 -21.62
CA GLU B 28 -11.06 -56.19 -22.24
C GLU B 28 -9.75 -56.97 -22.29
N GLY B 29 -9.50 -57.61 -21.17
CA GLY B 29 -8.38 -58.47 -20.89
C GLY B 29 -6.99 -57.86 -21.02
N GLY B 30 -6.73 -56.91 -20.14
CA GLY B 30 -5.46 -56.22 -20.02
C GLY B 30 -5.31 -54.98 -20.89
N LYS B 31 -6.21 -54.76 -21.82
CA LYS B 31 -6.13 -53.62 -22.73
C LYS B 31 -7.25 -52.61 -22.59
N ILE B 32 -6.92 -51.35 -22.86
CA ILE B 32 -7.94 -50.27 -22.81
C ILE B 32 -8.81 -50.50 -24.08
N LYS B 33 -10.09 -50.30 -23.95
CA LYS B 33 -10.97 -50.53 -25.13
C LYS B 33 -11.85 -49.36 -25.46
N ASN B 34 -11.80 -48.27 -24.66
CA ASN B 34 -12.69 -47.16 -24.99
C ASN B 34 -12.48 -45.79 -24.45
N ALA B 35 -11.50 -45.46 -23.68
CA ALA B 35 -11.23 -44.12 -23.15
C ALA B 35 -12.22 -43.00 -23.44
N TRP B 36 -12.36 -42.14 -22.43
CA TRP B 36 -13.18 -40.94 -22.42
C TRP B 36 -12.35 -39.85 -21.68
N SER B 37 -12.35 -38.70 -22.34
CA SER B 37 -11.64 -37.51 -21.83
C SER B 37 -12.81 -36.60 -21.39
N MET B 38 -12.93 -36.53 -20.08
CA MET B 38 -14.00 -35.76 -19.42
C MET B 38 -13.38 -34.56 -18.70
N SER B 39 -13.43 -33.45 -19.39
CA SER B 39 -12.92 -32.16 -18.84
C SER B 39 -14.07 -31.78 -17.90
N THR B 40 -13.69 -31.63 -16.64
CA THR B 40 -14.65 -31.44 -15.56
C THR B 40 -14.95 -30.17 -14.85
N LEU B 41 -14.43 -29.03 -15.23
CA LEU B 41 -14.74 -27.73 -14.65
C LEU B 41 -14.89 -26.69 -15.79
N PHE B 42 -15.70 -25.67 -15.52
CA PHE B 42 -15.91 -24.62 -16.54
C PHE B 42 -16.01 -23.25 -15.90
N ARG B 43 -15.44 -22.30 -16.61
CA ARG B 43 -15.42 -20.88 -16.21
C ARG B 43 -16.15 -20.06 -17.26
N GLY B 44 -15.65 -20.14 -18.48
CA GLY B 44 -16.24 -19.43 -19.63
C GLY B 44 -15.78 -17.98 -19.73
N LEU B 45 -14.53 -17.82 -20.18
CA LEU B 45 -13.93 -16.50 -20.33
C LEU B 45 -14.46 -15.81 -21.58
N GLU B 46 -14.62 -16.60 -22.63
CA GLU B 46 -15.13 -16.04 -23.90
C GLU B 46 -16.42 -15.29 -23.61
N MET B 47 -17.14 -15.74 -22.57
CA MET B 47 -18.41 -15.12 -22.19
C MET B 47 -18.12 -13.79 -21.47
N ILE B 48 -17.26 -13.86 -20.47
CA ILE B 48 -16.86 -12.73 -19.67
C ILE B 48 -16.43 -11.53 -20.53
N LEU B 49 -15.71 -11.84 -21.58
CA LEU B 49 -15.11 -10.94 -22.55
C LEU B 49 -16.03 -10.09 -23.41
N LYS B 50 -17.21 -10.54 -23.71
CA LYS B 50 -18.18 -9.85 -24.54
C LYS B 50 -18.41 -8.40 -24.10
N GLY B 51 -18.19 -7.51 -25.06
CA GLY B 51 -18.38 -6.09 -24.97
C GLY B 51 -17.35 -5.23 -24.31
N ARG B 52 -16.18 -5.76 -24.06
CA ARG B 52 -15.06 -5.03 -23.45
C ARG B 52 -14.13 -4.52 -24.54
N ASP B 53 -13.23 -3.64 -24.12
CA ASP B 53 -12.24 -3.05 -25.05
C ASP B 53 -11.21 -4.15 -25.30
N PRO B 54 -10.98 -4.47 -26.55
CA PRO B 54 -10.02 -5.52 -26.93
C PRO B 54 -8.65 -5.32 -26.38
N ARG B 55 -8.37 -4.17 -25.80
CA ARG B 55 -7.07 -3.88 -25.18
C ARG B 55 -6.93 -4.60 -23.84
N ASP B 56 -8.06 -4.82 -23.20
CA ASP B 56 -8.24 -5.47 -21.91
C ASP B 56 -8.08 -7.00 -22.02
N ALA B 57 -8.74 -7.55 -23.01
CA ALA B 57 -8.75 -8.96 -23.34
C ALA B 57 -7.47 -9.69 -22.92
N GLN B 58 -6.35 -9.24 -23.43
CA GLN B 58 -5.05 -9.87 -23.16
C GLN B 58 -4.84 -10.20 -21.69
N HIS B 59 -5.55 -9.52 -20.82
CA HIS B 59 -5.42 -9.70 -19.37
C HIS B 59 -6.28 -10.81 -18.80
N PHE B 60 -7.53 -10.83 -19.20
CA PHE B 60 -8.53 -11.83 -18.82
C PHE B 60 -7.93 -13.20 -19.22
N THR B 61 -7.93 -13.45 -20.50
CA THR B 61 -7.42 -14.67 -21.12
C THR B 61 -6.09 -15.14 -20.55
N GLN B 62 -5.19 -14.25 -20.22
CA GLN B 62 -3.87 -14.66 -19.68
C GLN B 62 -4.15 -15.56 -18.47
N ARG B 63 -5.34 -15.31 -17.94
CA ARG B 63 -5.80 -16.08 -16.75
C ARG B 63 -6.51 -17.36 -17.11
N ALA B 64 -6.38 -17.74 -18.40
CA ALA B 64 -6.91 -19.02 -18.90
C ALA B 64 -6.17 -20.00 -17.97
N CYS B 65 -4.87 -19.72 -17.86
CA CYS B 65 -4.07 -20.58 -16.93
C CYS B 65 -2.73 -19.95 -16.61
N GLY B 66 -2.03 -20.50 -15.64
CA GLY B 66 -0.78 -20.02 -15.11
C GLY B 66 0.41 -20.94 -15.20
N VAL B 67 0.12 -22.20 -15.57
CA VAL B 67 1.26 -23.13 -15.74
C VAL B 67 1.92 -22.53 -17.01
N CYS B 68 1.09 -22.53 -18.05
CA CYS B 68 1.49 -21.98 -19.35
C CYS B 68 1.21 -20.47 -19.35
N THR B 69 1.87 -19.82 -18.40
CA THR B 69 1.75 -18.37 -18.23
C THR B 69 2.19 -17.70 -19.54
N TYR B 70 1.79 -16.45 -19.61
CA TYR B 70 2.08 -15.57 -20.72
C TYR B 70 1.45 -15.98 -22.04
N VAL B 71 1.67 -17.15 -22.59
CA VAL B 71 1.16 -17.58 -23.88
C VAL B 71 -0.22 -17.11 -24.31
N HIS B 72 -1.12 -16.92 -23.39
CA HIS B 72 -2.50 -16.48 -23.71
C HIS B 72 -2.50 -14.95 -23.80
N ALA B 73 -1.45 -14.37 -23.23
CA ALA B 73 -1.24 -12.89 -23.28
C ALA B 73 -0.93 -12.64 -24.77
N LEU B 74 0.18 -13.22 -25.16
CA LEU B 74 0.71 -13.21 -26.52
C LEU B 74 -0.39 -13.36 -27.56
N ALA B 75 -0.91 -14.54 -27.79
CA ALA B 75 -1.99 -14.72 -28.77
C ALA B 75 -3.05 -13.63 -28.68
N SER B 76 -3.11 -12.98 -27.53
CA SER B 76 -4.07 -11.87 -27.35
C SER B 76 -3.48 -10.56 -27.86
N VAL B 77 -2.24 -10.26 -27.48
CA VAL B 77 -1.65 -9.02 -28.02
C VAL B 77 -1.80 -9.23 -29.53
N ARG B 78 -1.21 -10.26 -30.06
CA ARG B 78 -1.20 -10.60 -31.47
C ARG B 78 -2.53 -10.59 -32.21
N ALA B 79 -3.63 -10.79 -31.55
CA ALA B 79 -4.92 -10.90 -32.25
C ALA B 79 -5.58 -9.57 -32.54
N VAL B 80 -5.29 -8.62 -31.68
CA VAL B 80 -5.82 -7.24 -31.83
C VAL B 80 -4.90 -6.55 -32.84
N ASP B 81 -3.61 -6.67 -32.59
CA ASP B 81 -2.54 -6.16 -33.44
C ASP B 81 -2.89 -6.47 -34.91
N ASN B 82 -3.63 -7.54 -35.05
CA ASN B 82 -4.11 -8.10 -36.29
C ASN B 82 -5.39 -7.43 -36.75
N CYS B 83 -6.29 -7.09 -35.85
CA CYS B 83 -7.56 -6.47 -36.29
C CYS B 83 -7.39 -4.97 -36.47
N VAL B 84 -6.26 -4.49 -36.02
CA VAL B 84 -5.80 -3.11 -36.02
C VAL B 84 -4.77 -2.87 -37.13
N GLY B 85 -4.05 -3.92 -37.44
CA GLY B 85 -3.01 -4.00 -38.45
C GLY B 85 -1.77 -3.22 -38.09
N VAL B 86 -1.28 -3.38 -36.88
CA VAL B 86 -0.09 -2.69 -36.39
C VAL B 86 1.17 -3.48 -36.83
N LYS B 87 2.22 -2.70 -36.93
CA LYS B 87 3.57 -3.19 -37.27
C LYS B 87 4.40 -2.67 -36.08
N ILE B 88 4.63 -3.60 -35.19
CA ILE B 88 5.36 -3.37 -33.93
C ILE B 88 6.85 -3.34 -34.20
N PRO B 89 7.54 -2.45 -33.52
CA PRO B 89 9.00 -2.32 -33.69
C PRO B 89 9.58 -3.71 -33.50
N GLU B 90 10.29 -4.14 -34.50
CA GLU B 90 10.93 -5.46 -34.50
C GLU B 90 11.61 -5.64 -33.17
N ASN B 91 11.92 -4.54 -32.49
CA ASN B 91 12.53 -4.68 -31.14
C ASN B 91 11.54 -5.48 -30.26
N ALA B 92 10.28 -5.08 -30.40
CA ALA B 92 9.16 -5.69 -29.66
C ALA B 92 9.05 -7.15 -30.09
N THR B 93 9.23 -7.39 -31.39
CA THR B 93 9.14 -8.77 -31.88
C THR B 93 10.17 -9.61 -31.11
N LEU B 94 11.32 -9.02 -30.88
CA LEU B 94 12.45 -9.61 -30.19
C LEU B 94 12.17 -9.93 -28.73
N MET B 95 11.55 -9.00 -28.05
CA MET B 95 11.24 -9.20 -26.61
C MET B 95 10.28 -10.39 -26.47
N ARG B 96 9.17 -10.30 -27.15
CA ARG B 96 8.10 -11.28 -27.16
C ARG B 96 8.55 -12.67 -27.50
N ASN B 97 9.43 -12.85 -28.45
CA ASN B 97 9.87 -14.22 -28.84
C ASN B 97 10.97 -14.65 -27.85
N LEU B 98 11.55 -13.63 -27.25
CA LEU B 98 12.65 -13.88 -26.28
C LEU B 98 11.99 -14.63 -25.12
N THR B 99 10.97 -13.99 -24.60
CA THR B 99 10.14 -14.43 -23.49
C THR B 99 9.47 -15.76 -23.74
N MET B 100 8.85 -15.94 -24.87
CA MET B 100 8.20 -17.22 -25.22
C MET B 100 9.22 -18.36 -25.01
N GLY B 101 10.42 -18.12 -25.49
CA GLY B 101 11.54 -19.04 -25.40
C GLY B 101 11.79 -19.56 -23.99
N ALA B 102 11.64 -18.72 -23.00
CA ALA B 102 11.84 -19.08 -21.58
C ALA B 102 10.65 -19.90 -21.07
N GLN B 103 9.48 -19.59 -21.59
CA GLN B 103 8.22 -20.28 -21.25
C GLN B 103 8.43 -21.76 -21.60
N TYR B 104 9.10 -21.95 -22.74
CA TYR B 104 9.44 -23.29 -23.23
C TYR B 104 10.39 -23.92 -22.20
N MET B 105 11.50 -23.23 -21.96
CA MET B 105 12.53 -23.70 -21.02
C MET B 105 11.94 -24.11 -19.68
N HIS B 106 11.22 -23.22 -19.04
CA HIS B 106 10.59 -23.42 -17.74
C HIS B 106 9.54 -24.53 -17.72
N ASP B 107 8.54 -24.31 -18.57
CA ASP B 107 7.39 -25.19 -18.74
C ASP B 107 7.83 -26.65 -18.84
N HIS B 108 8.63 -26.98 -19.82
CA HIS B 108 9.15 -28.32 -20.09
C HIS B 108 10.10 -28.86 -19.04
N LEU B 109 10.98 -28.04 -18.53
CA LEU B 109 11.92 -28.48 -17.48
C LEU B 109 11.05 -29.07 -16.35
N VAL B 110 10.14 -28.30 -15.81
CA VAL B 110 9.23 -28.62 -14.72
C VAL B 110 8.12 -29.59 -15.07
N HIS B 111 8.00 -29.98 -16.32
CA HIS B 111 6.95 -30.93 -16.70
C HIS B 111 7.48 -32.36 -16.78
N PHE B 112 8.75 -32.52 -17.14
CA PHE B 112 9.28 -33.91 -17.23
C PHE B 112 9.44 -34.34 -15.76
N TYR B 113 10.40 -33.71 -15.13
CA TYR B 113 10.71 -34.04 -13.74
C TYR B 113 9.46 -34.04 -12.88
N HIS B 114 9.03 -32.87 -12.48
CA HIS B 114 7.91 -32.61 -11.60
C HIS B 114 6.51 -33.02 -11.93
N LEU B 115 6.17 -33.39 -13.15
CA LEU B 115 4.83 -33.79 -13.56
C LEU B 115 4.83 -35.08 -14.38
N HIS B 116 5.97 -35.54 -14.84
CA HIS B 116 5.98 -36.76 -15.68
C HIS B 116 6.78 -37.91 -15.11
N ALA B 117 7.86 -37.59 -14.43
CA ALA B 117 8.79 -38.55 -13.86
C ALA B 117 8.12 -39.68 -13.11
N LEU B 118 7.54 -39.43 -11.96
CA LEU B 118 6.88 -40.43 -11.13
C LEU B 118 6.10 -41.49 -11.88
N ASP B 119 5.65 -41.29 -13.09
CA ASP B 119 4.98 -42.35 -13.84
C ASP B 119 6.06 -43.39 -14.28
N TRP B 120 7.31 -43.06 -14.07
CA TRP B 120 8.44 -43.90 -14.47
C TRP B 120 9.30 -44.26 -13.26
N VAL B 121 9.74 -43.24 -12.57
CA VAL B 121 10.59 -43.36 -11.38
C VAL B 121 9.86 -43.99 -10.22
N ASN B 122 10.64 -44.71 -9.43
CA ASN B 122 10.14 -45.40 -8.22
C ASN B 122 10.95 -44.85 -7.04
N VAL B 123 10.56 -43.64 -6.68
CA VAL B 123 11.25 -42.93 -5.55
C VAL B 123 11.66 -44.02 -4.56
N ALA B 124 10.68 -44.71 -4.01
CA ALA B 124 10.87 -45.79 -3.06
C ALA B 124 12.13 -46.60 -3.38
N ASN B 125 12.07 -47.24 -4.55
CA ASN B 125 13.14 -48.12 -5.02
C ASN B 125 14.53 -47.60 -4.69
N ALA B 126 14.73 -46.31 -4.91
CA ALA B 126 15.98 -45.59 -4.69
C ALA B 126 16.63 -45.87 -3.35
N LEU B 127 15.82 -45.95 -2.30
CA LEU B 127 16.37 -46.19 -0.94
C LEU B 127 17.32 -47.36 -0.92
N ASN B 128 17.19 -48.21 -1.94
CA ASN B 128 18.11 -49.38 -2.04
C ASN B 128 19.43 -48.74 -2.53
N ALA B 129 19.55 -48.69 -3.83
CA ALA B 129 20.60 -48.13 -4.63
C ALA B 129 21.92 -47.77 -3.96
N ASP B 130 23.00 -48.29 -4.54
CA ASP B 130 24.37 -48.04 -4.06
C ASP B 130 24.89 -46.72 -4.66
N PRO B 131 25.10 -45.75 -3.76
CA PRO B 131 25.58 -44.43 -4.12
C PRO B 131 26.73 -44.51 -5.12
N ALA B 132 27.87 -44.98 -4.65
CA ALA B 132 29.07 -45.15 -5.47
C ALA B 132 28.70 -45.76 -6.82
N LYS B 133 27.71 -46.63 -6.80
CA LYS B 133 27.28 -47.30 -8.04
C LYS B 133 26.49 -46.33 -8.91
N ALA B 134 25.33 -45.90 -8.40
CA ALA B 134 24.50 -44.95 -9.16
C ALA B 134 25.36 -43.75 -9.59
N ALA B 135 26.10 -43.22 -8.63
CA ALA B 135 26.99 -42.07 -8.80
C ALA B 135 28.00 -42.21 -9.93
N ARG B 136 28.53 -43.40 -10.09
CA ARG B 136 29.53 -43.71 -11.13
C ARG B 136 28.82 -43.80 -12.48
N LEU B 137 27.54 -44.11 -12.39
CA LEU B 137 26.69 -44.23 -13.59
C LEU B 137 26.53 -42.84 -14.21
N ALA B 138 26.34 -41.90 -13.32
CA ALA B 138 26.11 -40.49 -13.59
C ALA B 138 26.98 -39.90 -14.69
N ASN B 139 28.22 -39.76 -14.33
CA ASN B 139 29.29 -39.20 -15.18
C ASN B 139 29.33 -39.85 -16.56
N ASP B 140 28.99 -41.12 -16.59
CA ASP B 140 28.93 -41.94 -17.80
C ASP B 140 27.78 -41.45 -18.71
N LEU B 141 26.78 -40.91 -18.04
CA LEU B 141 25.57 -40.42 -18.71
C LEU B 141 25.58 -38.92 -18.89
N SER B 142 26.29 -38.22 -17.99
CA SER B 142 26.37 -36.77 -18.06
C SER B 142 27.74 -36.14 -17.86
N PRO B 143 28.03 -35.27 -18.83
CA PRO B 143 29.28 -34.48 -18.80
C PRO B 143 29.11 -33.49 -17.63
N ARG B 144 28.94 -34.08 -16.46
CA ARG B 144 28.77 -33.37 -15.18
C ARG B 144 29.14 -34.34 -14.05
N LYS B 145 30.12 -33.97 -13.25
CA LYS B 145 30.58 -34.83 -12.16
C LYS B 145 29.63 -34.76 -10.96
N THR B 146 29.03 -35.92 -10.77
CA THR B 146 28.06 -36.22 -9.70
C THR B 146 28.72 -37.00 -8.58
N THR B 147 29.11 -36.30 -7.54
CA THR B 147 29.79 -36.86 -6.38
C THR B 147 28.93 -37.74 -5.48
N THR B 148 29.47 -38.92 -5.20
CA THR B 148 28.87 -39.93 -4.33
C THR B 148 28.18 -39.26 -3.14
N GLU B 149 28.74 -38.17 -2.66
CA GLU B 149 28.20 -37.41 -1.53
C GLU B 149 26.80 -36.88 -1.84
N SER B 150 26.69 -36.38 -3.05
CA SER B 150 25.43 -35.82 -3.56
C SER B 150 24.34 -36.89 -3.40
N LEU B 151 24.37 -37.89 -4.24
CA LEU B 151 23.39 -38.97 -4.22
C LEU B 151 23.22 -39.56 -2.83
N LYS B 152 24.32 -39.68 -2.11
CA LYS B 152 24.37 -40.24 -0.75
C LYS B 152 23.53 -39.40 0.20
N ALA B 153 23.46 -38.13 -0.15
CA ALA B 153 22.64 -37.18 0.64
C ALA B 153 21.18 -37.49 0.26
N VAL B 154 20.90 -37.26 -1.01
CA VAL B 154 19.55 -37.49 -1.55
C VAL B 154 18.93 -38.71 -0.88
N GLN B 155 19.67 -39.79 -0.83
CA GLN B 155 19.20 -41.04 -0.23
C GLN B 155 18.74 -40.86 1.20
N ALA B 156 19.56 -40.20 2.00
CA ALA B 156 19.23 -39.96 3.42
C ALA B 156 18.07 -38.98 3.51
N LYS B 157 18.03 -38.04 2.57
CA LYS B 157 16.96 -37.03 2.53
C LYS B 157 15.62 -37.71 2.30
N VAL B 158 15.65 -38.84 1.61
CA VAL B 158 14.43 -39.62 1.35
C VAL B 158 14.29 -40.66 2.44
N LYS B 159 15.43 -41.04 3.03
CA LYS B 159 15.42 -42.04 4.13
C LYS B 159 14.55 -41.43 5.25
N ALA B 160 14.81 -40.16 5.45
CA ALA B 160 14.14 -39.33 6.45
C ALA B 160 12.70 -39.06 6.07
N LEU B 161 12.23 -39.65 4.98
CA LEU B 161 10.84 -39.46 4.53
C LEU B 161 9.95 -40.58 5.09
N VAL B 162 10.63 -41.63 5.52
CA VAL B 162 9.98 -42.79 6.14
C VAL B 162 10.02 -42.62 7.66
N GLU B 163 11.13 -42.05 8.09
CA GLU B 163 11.41 -41.77 9.49
C GLU B 163 10.48 -40.73 10.06
N SER B 164 9.82 -40.01 9.17
CA SER B 164 8.90 -38.94 9.52
C SER B 164 7.47 -39.41 9.70
N GLY B 165 7.14 -40.50 9.05
CA GLY B 165 5.81 -41.10 9.10
C GLY B 165 4.93 -40.57 7.96
N GLN B 166 5.33 -39.43 7.44
CA GLN B 166 4.62 -38.75 6.35
C GLN B 166 5.42 -38.70 5.06
N LEU B 167 4.76 -39.14 4.00
CA LEU B 167 5.31 -39.19 2.64
C LEU B 167 4.68 -38.05 1.81
N GLY B 168 3.76 -37.37 2.44
CA GLY B 168 3.02 -36.25 1.88
C GLY B 168 2.60 -36.45 0.44
N ILE B 169 3.45 -36.01 -0.45
CA ILE B 169 3.26 -36.03 -1.91
C ILE B 169 3.13 -37.43 -2.45
N PHE B 170 3.94 -38.34 -1.91
CA PHE B 170 4.03 -39.75 -2.29
C PHE B 170 3.06 -40.70 -1.60
N THR B 171 2.41 -40.22 -0.59
CA THR B 171 1.42 -40.97 0.18
C THR B 171 0.84 -42.18 -0.50
N ASN B 172 -0.17 -42.09 -1.34
CA ASN B 172 -0.72 -43.33 -1.96
C ASN B 172 -0.18 -43.61 -3.34
N ALA B 173 1.13 -43.58 -3.44
CA ALA B 173 1.97 -43.77 -4.60
C ALA B 173 1.76 -45.09 -5.29
N TYR B 174 1.60 -45.13 -6.60
CA TYR B 174 1.42 -46.31 -7.42
C TYR B 174 2.62 -47.24 -7.49
N PHE B 175 3.74 -46.82 -6.95
CA PHE B 175 4.95 -47.66 -7.00
C PHE B 175 5.32 -48.08 -5.59
N LEU B 176 4.37 -47.89 -4.69
CA LEU B 176 4.59 -48.22 -3.27
C LEU B 176 4.40 -49.72 -3.10
N GLY B 177 5.49 -50.39 -2.80
CA GLY B 177 5.43 -51.86 -2.61
C GLY B 177 5.67 -52.53 -3.98
N GLY B 178 6.36 -51.74 -4.79
CA GLY B 178 6.71 -52.14 -6.16
C GLY B 178 5.42 -52.41 -6.94
N HIS B 179 5.53 -52.09 -8.19
CA HIS B 179 4.48 -52.23 -9.22
C HIS B 179 5.25 -52.90 -10.37
N PRO B 180 4.64 -53.88 -11.01
CA PRO B 180 5.27 -54.57 -12.12
C PRO B 180 5.75 -53.61 -13.20
N ALA B 181 4.95 -52.61 -13.52
CA ALA B 181 5.21 -51.63 -14.57
C ALA B 181 6.32 -50.64 -14.31
N TYR B 182 6.84 -50.60 -13.12
CA TYR B 182 7.99 -49.70 -12.82
C TYR B 182 9.19 -50.63 -13.04
N VAL B 183 9.97 -50.38 -14.09
CA VAL B 183 11.11 -51.27 -14.40
C VAL B 183 12.48 -50.64 -14.33
N LEU B 184 12.76 -49.84 -13.32
CA LEU B 184 14.05 -49.18 -13.22
C LEU B 184 15.02 -49.64 -12.15
N PRO B 185 16.27 -49.80 -12.58
CA PRO B 185 17.36 -50.17 -11.66
C PRO B 185 17.38 -49.15 -10.54
N ALA B 186 17.28 -49.59 -9.31
CA ALA B 186 17.29 -48.71 -8.14
C ALA B 186 18.32 -47.59 -8.32
N GLU B 187 19.42 -47.88 -8.98
CA GLU B 187 20.48 -46.90 -9.22
C GLU B 187 19.99 -45.67 -9.98
N VAL B 188 19.27 -45.91 -11.05
CA VAL B 188 18.67 -44.94 -11.94
C VAL B 188 17.65 -44.03 -11.22
N ASP B 189 16.89 -44.63 -10.32
CA ASP B 189 15.89 -43.90 -9.53
C ASP B 189 16.61 -42.88 -8.64
N LEU B 190 17.71 -43.32 -8.08
CA LEU B 190 18.48 -42.44 -7.16
C LEU B 190 19.14 -41.32 -7.97
N ILE B 191 19.25 -41.60 -9.27
CA ILE B 191 19.81 -40.59 -10.20
C ILE B 191 18.65 -39.67 -10.54
N ALA B 192 17.55 -40.26 -10.99
CA ALA B 192 16.36 -39.46 -11.33
C ALA B 192 16.03 -38.50 -10.18
N THR B 193 15.60 -39.05 -9.06
CA THR B 193 15.22 -38.31 -7.88
C THR B 193 16.14 -37.17 -7.51
N ALA B 194 17.43 -37.41 -7.59
CA ALA B 194 18.43 -36.41 -7.23
C ALA B 194 18.25 -35.15 -8.07
N HIS B 195 17.82 -35.37 -9.29
CA HIS B 195 17.61 -34.26 -10.26
C HIS B 195 16.28 -33.59 -9.98
N TYR B 196 15.26 -34.42 -9.88
CA TYR B 196 13.88 -34.01 -9.57
C TYR B 196 13.97 -32.80 -8.64
N LEU B 197 14.68 -33.06 -7.56
CA LEU B 197 14.91 -32.16 -6.45
C LEU B 197 15.73 -30.92 -6.75
N GLU B 198 16.55 -31.00 -7.76
CA GLU B 198 17.44 -29.92 -8.21
C GLU B 198 16.63 -29.01 -9.14
N ALA B 199 16.09 -29.68 -10.15
CA ALA B 199 15.24 -29.07 -11.16
C ALA B 199 14.11 -28.29 -10.48
N LEU B 200 14.06 -28.39 -9.18
CA LEU B 200 13.03 -27.68 -8.38
C LEU B 200 13.66 -26.31 -8.08
N ARG B 201 14.97 -26.31 -8.14
CA ARG B 201 15.76 -25.09 -7.88
C ARG B 201 15.94 -24.29 -9.17
N VAL B 202 16.36 -24.98 -10.21
CA VAL B 202 16.57 -24.41 -11.53
C VAL B 202 15.31 -23.66 -11.99
N GLN B 203 14.20 -24.35 -11.85
CA GLN B 203 12.87 -23.85 -12.25
C GLN B 203 12.69 -22.43 -11.76
N VAL B 204 13.35 -22.09 -10.66
CA VAL B 204 13.24 -20.71 -10.15
C VAL B 204 13.89 -19.81 -11.20
N LYS B 205 15.15 -20.09 -11.44
CA LYS B 205 15.98 -19.37 -12.42
C LYS B 205 15.32 -19.27 -13.77
N ALA B 206 14.86 -20.38 -14.31
CA ALA B 206 14.18 -20.40 -15.61
C ALA B 206 13.06 -19.36 -15.61
N ALA B 207 12.59 -19.03 -14.43
CA ALA B 207 11.47 -18.08 -14.29
C ALA B 207 11.98 -16.70 -13.97
N ARG B 208 13.07 -16.68 -13.20
CA ARG B 208 13.67 -15.40 -12.80
C ARG B 208 14.04 -14.66 -14.08
N ALA B 209 14.62 -15.34 -15.04
CA ALA B 209 14.99 -14.75 -16.32
C ALA B 209 13.77 -14.30 -17.10
N MET B 210 12.68 -15.03 -17.08
CA MET B 210 11.46 -14.67 -17.82
C MET B 210 10.80 -13.44 -17.20
N ALA B 211 11.19 -13.14 -15.98
CA ALA B 211 10.62 -12.00 -15.24
C ALA B 211 11.15 -10.70 -15.83
N ILE B 212 12.43 -10.76 -16.17
CA ILE B 212 13.21 -9.68 -16.75
C ILE B 212 12.48 -8.91 -17.82
N PHE B 213 12.14 -9.59 -18.90
CA PHE B 213 11.40 -8.89 -19.98
C PHE B 213 9.94 -8.71 -19.51
N GLY B 214 9.42 -9.82 -19.07
CA GLY B 214 8.14 -10.16 -18.61
C GLY B 214 7.46 -9.47 -17.49
N ALA B 215 8.18 -8.83 -16.60
CA ALA B 215 7.65 -8.08 -15.47
C ALA B 215 7.57 -8.86 -14.17
N LYS B 216 7.09 -10.09 -14.26
CA LYS B 216 6.93 -10.97 -13.10
C LYS B 216 6.49 -12.35 -13.56
N ASN B 217 6.98 -13.35 -12.83
CA ASN B 217 6.63 -14.72 -13.15
C ASN B 217 6.05 -15.40 -11.90
N PRO B 218 4.81 -16.00 -11.90
CA PRO B 218 3.91 -16.14 -13.09
C PRO B 218 3.06 -14.90 -13.44
N HIS B 219 2.36 -15.04 -14.60
CA HIS B 219 1.43 -14.03 -15.22
C HIS B 219 2.18 -12.75 -15.49
N THR B 220 2.47 -12.56 -16.75
CA THR B 220 3.22 -11.51 -17.42
C THR B 220 2.56 -10.17 -17.60
N GLN B 221 3.35 -9.12 -17.49
CA GLN B 221 2.88 -7.73 -17.62
C GLN B 221 3.93 -6.87 -18.32
N PHE B 222 3.95 -6.93 -19.65
CA PHE B 222 4.95 -6.15 -20.40
C PHE B 222 4.54 -6.02 -21.85
N THR B 223 3.48 -6.64 -22.27
CA THR B 223 3.00 -6.57 -23.66
C THR B 223 1.76 -5.68 -23.74
N VAL B 224 1.57 -5.09 -24.90
CA VAL B 224 0.43 -4.20 -25.18
C VAL B 224 0.15 -4.28 -26.69
N VAL B 225 -1.03 -3.85 -27.09
CA VAL B 225 -1.32 -3.84 -28.55
C VAL B 225 -0.34 -2.72 -28.95
N GLY B 226 0.47 -2.92 -29.95
CA GLY B 226 1.48 -1.88 -30.30
C GLY B 226 2.83 -2.47 -29.82
N GLY B 227 2.65 -3.54 -29.06
CA GLY B 227 3.54 -4.43 -28.43
C GLY B 227 4.66 -4.00 -27.56
N CYS B 228 4.67 -4.46 -26.35
CA CYS B 228 5.69 -4.22 -25.34
C CYS B 228 5.83 -2.79 -24.85
N THR B 229 6.17 -2.77 -23.57
CA THR B 229 6.32 -1.60 -22.73
C THR B 229 7.56 -1.59 -21.87
N ASN B 230 8.18 -2.73 -21.70
CA ASN B 230 9.37 -2.82 -20.81
C ASN B 230 10.57 -2.15 -21.44
N TYR B 231 10.74 -0.86 -21.19
CA TYR B 231 11.87 -0.08 -21.72
C TYR B 231 13.15 -0.37 -20.93
N ASP B 232 12.99 -0.53 -19.64
CA ASP B 232 14.04 -0.75 -18.67
C ASP B 232 14.89 -1.98 -18.90
N SER B 233 14.22 -2.97 -19.47
CA SER B 233 14.87 -4.28 -19.75
C SER B 233 15.89 -4.19 -20.85
N LEU B 234 16.00 -3.03 -21.46
CA LEU B 234 16.91 -2.76 -22.57
C LEU B 234 18.31 -2.48 -22.06
N ARG B 235 18.43 -1.94 -20.85
CA ARG B 235 19.78 -1.65 -20.32
C ARG B 235 20.61 -2.93 -20.56
N PRO B 236 21.84 -2.71 -20.93
CA PRO B 236 22.76 -3.86 -21.16
C PRO B 236 22.97 -4.52 -19.79
N GLU B 237 22.94 -3.63 -18.81
CA GLU B 237 23.10 -3.99 -17.39
C GLU B 237 22.10 -5.10 -17.09
N ARG B 238 20.99 -5.03 -17.80
CA ARG B 238 19.90 -5.99 -17.67
C ARG B 238 19.83 -7.01 -18.78
N ILE B 239 20.48 -6.74 -19.90
CA ILE B 239 20.49 -7.67 -21.05
C ILE B 239 21.53 -8.75 -20.77
N ALA B 240 22.32 -8.40 -19.78
CA ALA B 240 23.39 -9.29 -19.29
C ALA B 240 22.67 -10.26 -18.33
N GLU B 241 22.18 -9.75 -17.22
CA GLU B 241 21.48 -10.51 -16.18
C GLU B 241 20.59 -11.62 -16.68
N PHE B 242 20.00 -11.43 -17.84
CA PHE B 242 19.13 -12.48 -18.42
C PHE B 242 20.06 -13.62 -18.84
N ARG B 243 20.78 -13.37 -19.90
CA ARG B 243 21.75 -14.30 -20.49
C ARG B 243 22.42 -15.19 -19.46
N LYS B 244 22.94 -14.65 -18.39
CA LYS B 244 23.62 -15.39 -17.32
C LYS B 244 22.73 -16.46 -16.70
N LEU B 245 21.44 -16.21 -16.65
CA LEU B 245 20.44 -17.14 -16.10
C LEU B 245 20.14 -18.14 -17.23
N TYR B 246 19.90 -17.47 -18.35
CA TYR B 246 19.58 -18.15 -19.60
C TYR B 246 20.57 -19.28 -19.82
N LYS B 247 21.83 -18.95 -19.66
CA LYS B 247 22.93 -19.90 -19.84
C LYS B 247 22.88 -21.07 -18.87
N GLU B 248 22.78 -20.76 -17.59
CA GLU B 248 22.76 -21.77 -16.54
C GLU B 248 21.56 -22.70 -16.58
N VAL B 249 20.45 -22.18 -17.05
CA VAL B 249 19.21 -22.95 -17.18
C VAL B 249 19.38 -23.89 -18.39
N ARG B 250 20.17 -23.42 -19.33
CA ARG B 250 20.49 -24.12 -20.58
C ARG B 250 21.46 -25.27 -20.33
N GLU B 251 22.40 -25.07 -19.43
CA GLU B 251 23.38 -26.12 -19.10
C GLU B 251 22.61 -27.29 -18.48
N PHE B 252 21.83 -26.96 -17.44
CA PHE B 252 21.00 -27.93 -16.73
C PHE B 252 20.18 -28.77 -17.72
N ILE B 253 19.45 -28.08 -18.56
CA ILE B 253 18.60 -28.67 -19.57
C ILE B 253 19.37 -29.56 -20.53
N GLU B 254 20.61 -29.17 -20.79
CA GLU B 254 21.44 -29.89 -21.77
C GLU B 254 22.20 -31.05 -21.19
N GLN B 255 22.90 -30.80 -20.11
CA GLN B 255 23.69 -31.79 -19.38
C GLN B 255 22.83 -32.65 -18.45
N VAL B 256 21.56 -32.32 -18.27
CA VAL B 256 20.70 -33.05 -17.36
C VAL B 256 19.28 -33.44 -17.75
N TYR B 257 18.48 -32.53 -18.25
CA TYR B 257 17.09 -32.91 -18.63
C TYR B 257 17.19 -33.82 -19.85
N ILE B 258 18.04 -33.43 -20.78
CA ILE B 258 18.23 -34.20 -22.00
C ILE B 258 18.79 -35.58 -21.71
N THR B 259 19.77 -35.68 -20.83
CA THR B 259 20.34 -37.01 -20.53
C THR B 259 19.29 -37.96 -19.95
N ASP B 260 18.69 -37.60 -18.85
CA ASP B 260 17.67 -38.40 -18.16
C ASP B 260 16.53 -38.82 -19.09
N LEU B 261 16.03 -37.90 -19.89
CA LEU B 261 14.91 -38.31 -20.79
C LEU B 261 15.40 -39.56 -21.51
N LEU B 262 16.64 -39.51 -21.96
CA LEU B 262 17.33 -40.56 -22.71
C LEU B 262 17.50 -41.86 -21.93
N ALA B 263 18.11 -41.80 -20.77
CA ALA B 263 18.34 -42.96 -19.90
C ALA B 263 17.02 -43.69 -19.68
N VAL B 264 16.11 -43.00 -19.01
CA VAL B 264 14.77 -43.53 -18.71
C VAL B 264 14.13 -44.07 -19.99
N ALA B 265 14.04 -43.23 -21.00
CA ALA B 265 13.41 -43.61 -22.28
C ALA B 265 14.00 -44.91 -22.81
N GLY B 266 15.17 -45.21 -22.26
CA GLY B 266 15.94 -46.41 -22.59
C GLY B 266 15.26 -47.64 -22.01
N PHE B 267 15.23 -47.66 -20.69
CA PHE B 267 14.63 -48.72 -19.89
C PHE B 267 13.13 -48.84 -20.14
N TYR B 268 12.58 -48.02 -21.00
CA TYR B 268 11.13 -48.07 -21.27
C TYR B 268 10.80 -48.12 -22.74
N LYS B 269 11.71 -48.71 -23.49
CA LYS B 269 11.62 -48.84 -24.94
C LYS B 269 10.33 -49.44 -25.44
N ASN B 270 9.67 -50.25 -24.63
CA ASN B 270 8.40 -50.87 -25.07
C ASN B 270 7.33 -49.81 -25.31
N TRP B 271 7.51 -48.66 -24.67
CA TRP B 271 6.51 -47.57 -24.79
C TRP B 271 6.51 -46.92 -26.15
N ALA B 272 7.59 -47.15 -26.87
CA ALA B 272 7.80 -46.63 -28.23
C ALA B 272 6.87 -47.35 -29.20
N GLY B 273 6.21 -48.36 -28.66
CA GLY B 273 5.28 -49.19 -29.45
C GLY B 273 3.84 -48.91 -29.06
N ILE B 274 3.64 -47.94 -28.19
CA ILE B 274 2.27 -47.63 -27.71
C ILE B 274 2.01 -46.13 -27.66
N GLY B 275 0.87 -45.76 -28.21
CA GLY B 275 0.38 -44.38 -28.36
C GLY B 275 0.02 -44.32 -29.88
N LYS B 276 -1.24 -44.53 -30.15
CA LYS B 276 -1.77 -44.56 -31.52
C LYS B 276 -2.32 -43.23 -31.99
N THR B 277 -1.45 -42.48 -32.66
CA THR B 277 -1.87 -41.16 -33.19
C THR B 277 -1.36 -40.90 -34.59
N SER B 278 -2.22 -40.25 -35.36
CA SER B 278 -2.01 -39.84 -36.75
C SER B 278 -2.75 -38.52 -36.99
N ASN B 279 -2.11 -37.66 -37.75
CA ASN B 279 -2.64 -36.33 -38.08
C ASN B 279 -2.03 -35.31 -37.11
N PHE B 280 -1.04 -34.60 -37.61
CA PHE B 280 -0.36 -33.58 -36.76
C PHE B 280 -0.37 -32.26 -37.50
N LEU B 281 -0.29 -31.19 -36.73
CA LEU B 281 -0.34 -29.82 -37.27
C LEU B 281 0.25 -28.80 -36.31
N THR B 282 0.76 -27.72 -36.88
CA THR B 282 1.38 -26.62 -36.17
C THR B 282 1.28 -25.32 -36.96
N CYS B 283 1.33 -24.23 -36.19
CA CYS B 283 1.24 -22.88 -36.74
C CYS B 283 2.62 -22.27 -36.84
N GLY B 284 3.54 -22.75 -36.04
CA GLY B 284 4.93 -22.23 -36.06
C GLY B 284 4.98 -21.10 -35.02
N GLU B 285 6.19 -20.81 -34.60
CA GLU B 285 6.44 -19.78 -33.57
C GLU B 285 7.77 -19.07 -33.76
N PHE B 286 7.86 -17.88 -33.19
CA PHE B 286 9.06 -17.02 -33.27
C PHE B 286 9.11 -16.43 -34.69
N PRO B 287 8.14 -15.56 -34.93
CA PRO B 287 7.97 -14.89 -36.23
C PRO B 287 9.04 -13.82 -36.38
N THR B 288 9.40 -13.53 -37.62
CA THR B 288 10.47 -12.51 -37.83
C THR B 288 9.88 -11.27 -38.46
N ASP B 289 8.72 -11.49 -38.99
CA ASP B 289 7.79 -10.54 -39.61
C ASP B 289 6.48 -11.15 -39.08
N GLU B 290 5.68 -10.34 -38.44
CA GLU B 290 4.45 -10.77 -37.79
C GLU B 290 3.28 -11.12 -38.65
N TYR B 291 3.37 -11.11 -39.95
CA TYR B 291 2.22 -11.45 -40.80
C TYR B 291 2.56 -12.61 -41.74
N ASP B 292 3.62 -13.30 -41.35
CA ASP B 292 4.08 -14.45 -42.14
C ASP B 292 4.39 -15.65 -41.26
N LEU B 293 3.56 -16.66 -41.36
CA LEU B 293 3.75 -17.92 -40.60
C LEU B 293 5.06 -18.57 -41.04
N ASN B 294 5.42 -18.25 -42.28
CA ASN B 294 6.63 -18.74 -42.95
C ASN B 294 7.86 -17.96 -42.50
N SER B 295 7.64 -16.99 -41.65
CA SER B 295 8.76 -16.18 -41.14
C SER B 295 9.18 -16.73 -39.78
N ARG B 296 8.52 -17.80 -39.36
CA ARG B 296 8.78 -18.39 -38.04
C ARG B 296 9.88 -19.42 -37.98
N TYR B 297 10.71 -19.26 -36.96
CA TYR B 297 11.87 -20.08 -36.64
C TYR B 297 11.60 -21.58 -36.76
N THR B 298 10.48 -21.95 -36.18
CA THR B 298 9.98 -23.33 -36.19
C THR B 298 8.86 -23.29 -37.24
N PRO B 299 9.08 -24.06 -38.28
CA PRO B 299 8.16 -24.14 -39.41
C PRO B 299 6.73 -24.52 -39.09
N GLN B 300 5.84 -23.83 -39.79
CA GLN B 300 4.38 -24.08 -39.66
C GLN B 300 4.10 -25.24 -40.61
N GLY B 301 3.40 -26.29 -40.22
CA GLY B 301 3.15 -27.40 -41.16
C GLY B 301 2.08 -28.39 -40.69
N VAL B 302 1.55 -29.12 -41.68
CA VAL B 302 0.53 -30.14 -41.43
C VAL B 302 1.03 -31.50 -41.94
N ILE B 303 0.79 -32.52 -41.15
CA ILE B 303 1.15 -33.91 -41.38
C ILE B 303 -0.07 -34.80 -41.21
N TRP B 304 -0.64 -35.29 -42.28
CA TRP B 304 -1.83 -36.18 -42.20
C TRP B 304 -1.38 -37.64 -41.97
N GLY B 305 -2.15 -38.33 -41.16
CA GLY B 305 -1.79 -39.74 -40.81
C GLY B 305 -0.41 -39.72 -40.14
N ASN B 306 0.53 -40.42 -40.77
CA ASN B 306 1.89 -40.50 -40.20
C ASN B 306 2.96 -40.24 -41.26
N ASP B 307 2.50 -39.82 -42.41
CA ASP B 307 3.34 -39.55 -43.59
C ASP B 307 4.22 -38.32 -43.45
N LEU B 308 5.45 -38.52 -43.02
CA LEU B 308 6.41 -37.42 -42.87
C LEU B 308 7.01 -37.01 -44.22
N SER B 309 6.27 -37.25 -45.28
CA SER B 309 6.78 -36.91 -46.63
C SER B 309 5.87 -35.94 -47.36
N LYS B 310 4.65 -35.77 -46.88
CA LYS B 310 3.73 -34.82 -47.55
C LYS B 310 4.05 -33.45 -46.97
N VAL B 311 3.35 -33.14 -45.90
CA VAL B 311 3.42 -31.91 -45.15
C VAL B 311 2.93 -30.73 -46.02
N ASP B 312 1.69 -30.38 -45.74
CA ASP B 312 1.07 -29.25 -46.48
C ASP B 312 0.89 -28.10 -45.47
N ASP B 313 0.43 -26.98 -45.99
CA ASP B 313 0.25 -25.74 -45.26
C ASP B 313 -0.95 -25.72 -44.32
N PHE B 314 -0.69 -25.09 -43.18
CA PHE B 314 -1.69 -24.87 -42.14
C PHE B 314 -2.64 -23.78 -42.66
N ASN B 315 -3.89 -24.09 -42.77
CA ASN B 315 -4.96 -23.19 -43.23
C ASN B 315 -6.05 -23.16 -42.15
N PRO B 316 -6.13 -22.04 -41.44
CA PRO B 316 -7.08 -21.86 -40.35
C PRO B 316 -8.51 -21.58 -40.78
N ASP B 317 -8.88 -22.03 -41.97
CA ASP B 317 -10.24 -21.81 -42.50
C ASP B 317 -11.13 -23.01 -42.14
N LEU B 318 -10.45 -24.13 -42.22
CA LEU B 318 -11.05 -25.44 -41.97
C LEU B 318 -10.64 -25.97 -40.61
N ILE B 319 -11.15 -25.32 -39.60
CA ILE B 319 -10.98 -25.64 -38.18
C ILE B 319 -12.27 -25.06 -37.54
N GLU B 320 -13.04 -25.99 -37.04
CA GLU B 320 -14.33 -25.66 -36.40
C GLU B 320 -14.56 -26.56 -35.20
N GLU B 321 -14.67 -25.91 -34.06
CA GLU B 321 -14.94 -26.68 -32.81
C GLU B 321 -16.29 -27.35 -32.97
N HIS B 322 -16.53 -28.37 -32.18
CA HIS B 322 -17.79 -29.11 -32.19
C HIS B 322 -18.27 -29.25 -30.74
N VAL B 323 -19.46 -29.78 -30.63
CA VAL B 323 -20.12 -30.04 -29.33
C VAL B 323 -20.61 -31.50 -29.35
N LYS B 324 -21.90 -31.68 -29.48
CA LYS B 324 -22.59 -32.96 -29.53
C LYS B 324 -22.27 -33.83 -28.32
N TYR B 325 -20.99 -34.00 -28.04
CA TYR B 325 -20.53 -34.76 -26.87
C TYR B 325 -19.79 -33.87 -25.88
N SER B 326 -20.23 -32.63 -25.88
CA SER B 326 -19.78 -31.51 -25.04
C SER B 326 -21.04 -30.88 -24.43
N TRP B 327 -20.87 -30.24 -23.30
CA TRP B 327 -21.95 -29.61 -22.54
C TRP B 327 -22.22 -28.18 -22.95
N TYR B 328 -22.69 -28.03 -24.16
CA TYR B 328 -23.07 -26.76 -24.80
C TYR B 328 -24.33 -26.99 -25.61
N GLU B 329 -25.16 -26.00 -25.81
CA GLU B 329 -26.42 -26.17 -26.59
C GLU B 329 -26.22 -26.73 -27.98
N GLY B 330 -27.16 -27.54 -28.43
CA GLY B 330 -27.18 -28.16 -29.76
C GLY B 330 -26.03 -29.09 -30.04
N ALA B 331 -25.76 -29.31 -31.32
CA ALA B 331 -24.70 -30.20 -31.80
C ALA B 331 -23.89 -29.69 -32.99
N ASP B 332 -24.38 -28.66 -33.63
CA ASP B 332 -23.79 -28.01 -34.81
C ASP B 332 -22.45 -27.33 -34.47
N ALA B 333 -21.58 -27.34 -35.47
CA ALA B 333 -20.23 -26.81 -35.44
C ALA B 333 -19.98 -25.49 -36.16
N HIS B 334 -18.96 -24.80 -35.65
CA HIS B 334 -18.51 -23.51 -36.10
C HIS B 334 -17.01 -23.21 -35.95
N HIS B 335 -16.52 -22.59 -37.01
CA HIS B 335 -15.11 -22.08 -37.11
C HIS B 335 -15.12 -20.91 -36.13
N PRO B 336 -14.00 -20.64 -35.50
CA PRO B 336 -13.92 -19.58 -34.49
C PRO B 336 -14.70 -18.32 -34.79
N TYR B 337 -14.22 -17.54 -35.73
CA TYR B 337 -14.80 -16.30 -36.19
C TYR B 337 -16.33 -16.28 -36.20
N LYS B 338 -16.96 -17.40 -36.01
CA LYS B 338 -18.44 -17.44 -36.05
C LYS B 338 -19.01 -18.35 -34.98
N GLY B 339 -18.15 -18.71 -34.05
CA GLY B 339 -18.44 -19.60 -32.94
C GLY B 339 -19.29 -19.04 -31.83
N VAL B 340 -19.93 -19.96 -31.11
CA VAL B 340 -20.82 -19.63 -29.98
C VAL B 340 -20.40 -20.39 -28.72
N THR B 341 -20.76 -19.80 -27.59
CA THR B 341 -20.44 -20.37 -26.28
C THR B 341 -21.47 -20.10 -25.19
N LYS B 342 -22.44 -20.99 -25.18
CA LYS B 342 -23.55 -21.02 -24.21
C LYS B 342 -23.70 -22.48 -23.76
N PRO B 343 -23.38 -22.72 -22.50
CA PRO B 343 -23.39 -24.03 -21.88
C PRO B 343 -24.72 -24.73 -21.64
N LYS B 344 -24.60 -26.05 -21.69
CA LYS B 344 -25.65 -27.03 -21.50
C LYS B 344 -25.56 -27.64 -20.10
N TRP B 345 -24.85 -28.73 -19.99
CA TRP B 345 -24.61 -29.53 -18.81
C TRP B 345 -25.87 -30.45 -18.67
N THR B 346 -25.57 -31.69 -18.89
CA THR B 346 -26.56 -32.77 -18.89
C THR B 346 -26.31 -33.83 -17.85
N GLU B 347 -25.35 -33.60 -16.99
CA GLU B 347 -24.95 -34.40 -15.87
C GLU B 347 -23.83 -35.39 -15.98
N PHE B 348 -23.45 -35.88 -17.13
CA PHE B 348 -22.35 -36.87 -17.25
C PHE B 348 -22.94 -37.98 -18.15
N HIS B 349 -22.40 -38.09 -19.32
CA HIS B 349 -22.86 -39.06 -20.32
C HIS B 349 -24.29 -38.73 -20.72
N GLY B 350 -24.78 -37.66 -20.13
CA GLY B 350 -26.14 -37.17 -20.43
C GLY B 350 -26.15 -36.82 -21.92
N GLU B 351 -27.20 -37.24 -22.60
CA GLU B 351 -27.28 -36.97 -24.05
C GLU B 351 -25.94 -37.40 -24.63
N ASP B 352 -25.25 -38.27 -23.93
CA ASP B 352 -23.95 -38.82 -24.31
C ASP B 352 -22.79 -37.85 -24.07
N ARG B 353 -23.11 -36.63 -23.68
CA ARG B 353 -22.15 -35.57 -23.40
C ARG B 353 -21.28 -35.90 -22.18
N TYR B 354 -19.96 -35.70 -22.35
CA TYR B 354 -19.01 -35.97 -21.28
C TYR B 354 -17.97 -34.93 -20.96
N SER B 355 -17.82 -33.87 -21.75
CA SER B 355 -16.76 -32.88 -21.49
C SER B 355 -17.08 -31.43 -21.73
N TRP B 356 -16.49 -30.60 -20.89
CA TRP B 356 -16.65 -29.14 -20.93
C TRP B 356 -15.89 -28.51 -22.10
N MET B 357 -14.95 -29.26 -22.64
CA MET B 357 -14.16 -28.84 -23.78
C MET B 357 -14.95 -29.02 -25.09
N LYS B 358 -14.90 -28.01 -25.96
CA LYS B 358 -15.56 -28.16 -27.29
C LYS B 358 -14.55 -29.08 -28.02
N ALA B 359 -14.91 -29.60 -29.15
CA ALA B 359 -14.01 -30.50 -29.92
C ALA B 359 -13.59 -29.88 -31.24
N PRO B 360 -12.41 -29.28 -31.18
CA PRO B 360 -11.82 -28.59 -32.33
C PRO B 360 -11.35 -29.60 -33.35
N ARG B 361 -12.20 -29.80 -34.34
CA ARG B 361 -11.83 -30.71 -35.45
C ARG B 361 -11.21 -29.81 -36.54
N TYR B 362 -10.12 -30.34 -37.07
CA TYR B 362 -9.41 -29.65 -38.15
C TYR B 362 -10.29 -29.77 -39.41
N LYS B 363 -9.63 -30.14 -40.49
CA LYS B 363 -10.30 -30.31 -41.79
C LYS B 363 -11.66 -30.92 -41.46
N GLY B 364 -11.56 -32.15 -40.96
CA GLY B 364 -12.76 -32.91 -40.54
C GLY B 364 -12.26 -33.85 -39.41
N GLU B 365 -10.96 -34.00 -39.45
CA GLU B 365 -10.14 -34.84 -38.62
C GLU B 365 -9.54 -34.28 -37.34
N ALA B 366 -9.54 -35.10 -36.31
CA ALA B 366 -9.10 -34.94 -34.95
C ALA B 366 -7.84 -34.17 -34.62
N PHE B 367 -6.73 -34.49 -35.25
CA PHE B 367 -5.41 -33.91 -35.13
C PHE B 367 -4.82 -33.73 -33.74
N GLU B 368 -3.58 -34.11 -33.60
CA GLU B 368 -2.82 -33.98 -32.36
C GLU B 368 -1.77 -32.87 -32.53
N VAL B 369 -1.93 -31.79 -31.79
CA VAL B 369 -1.02 -30.62 -31.80
C VAL B 369 0.06 -30.86 -30.76
N GLY B 370 0.83 -29.86 -30.40
CA GLY B 370 1.93 -30.04 -29.40
C GLY B 370 3.27 -30.29 -30.07
N PRO B 371 4.27 -30.68 -29.28
CA PRO B 371 5.62 -30.97 -29.73
C PRO B 371 5.77 -32.13 -30.71
N LEU B 372 5.03 -33.22 -30.48
CA LEU B 372 5.20 -34.34 -31.41
C LEU B 372 4.94 -33.72 -32.78
N ALA B 373 3.74 -33.20 -32.94
CA ALA B 373 3.38 -32.57 -34.22
C ALA B 373 4.47 -31.56 -34.63
N SER B 374 4.92 -30.79 -33.66
CA SER B 374 5.97 -29.80 -33.91
C SER B 374 7.23 -30.46 -34.46
N VAL B 375 7.84 -31.38 -33.73
CA VAL B 375 9.06 -32.07 -34.13
C VAL B 375 8.94 -32.95 -35.36
N LEU B 376 7.71 -33.25 -35.73
CA LEU B 376 7.46 -34.04 -36.96
C LEU B 376 7.49 -33.01 -38.11
N VAL B 377 6.75 -31.93 -37.91
CA VAL B 377 6.65 -30.85 -38.91
C VAL B 377 8.04 -30.29 -39.22
N ALA B 378 8.80 -30.03 -38.20
CA ALA B 378 10.16 -29.50 -38.35
C ALA B 378 10.94 -30.51 -39.20
N TYR B 379 11.02 -31.72 -38.68
CA TYR B 379 11.73 -32.85 -39.28
C TYR B 379 11.43 -32.98 -40.77
N ALA B 380 10.13 -33.05 -41.06
CA ALA B 380 9.68 -33.18 -42.45
C ALA B 380 9.96 -31.89 -43.22
N LYS B 381 10.91 -31.07 -42.75
CA LYS B 381 11.14 -29.81 -43.48
C LYS B 381 12.51 -29.19 -43.27
N LYS B 382 13.52 -30.02 -43.15
CA LYS B 382 14.91 -29.69 -43.00
C LYS B 382 15.35 -28.90 -41.81
N HIS B 383 14.45 -28.20 -41.13
CA HIS B 383 14.90 -27.42 -39.93
C HIS B 383 16.03 -28.28 -39.36
N GLU B 384 17.25 -27.87 -39.60
CA GLU B 384 18.44 -28.57 -39.21
C GLU B 384 18.57 -28.98 -37.76
N PRO B 385 18.51 -28.02 -36.87
CA PRO B 385 18.66 -28.28 -35.44
C PRO B 385 17.70 -29.34 -34.91
N THR B 386 16.54 -29.41 -35.55
CA THR B 386 15.48 -30.34 -35.17
C THR B 386 15.93 -31.79 -35.40
N VAL B 387 16.45 -32.00 -36.60
CA VAL B 387 16.90 -33.35 -36.99
C VAL B 387 18.11 -33.70 -36.15
N LYS B 388 19.16 -32.93 -36.33
CA LYS B 388 20.40 -33.12 -35.57
C LYS B 388 20.04 -33.64 -34.18
N ALA B 389 18.90 -33.15 -33.69
CA ALA B 389 18.35 -33.49 -32.37
C ALA B 389 17.75 -34.90 -32.33
N VAL B 390 16.85 -35.19 -33.24
CA VAL B 390 16.20 -36.51 -33.29
C VAL B 390 17.20 -37.58 -33.70
N ASP B 391 17.84 -37.27 -34.82
CA ASP B 391 18.87 -38.16 -35.40
C ASP B 391 19.63 -38.81 -34.23
N LEU B 392 20.03 -38.02 -33.25
CA LEU B 392 20.75 -38.55 -32.10
C LEU B 392 19.85 -39.37 -31.17
N VAL B 393 18.68 -38.83 -30.88
CA VAL B 393 17.74 -39.55 -29.99
C VAL B 393 17.55 -40.92 -30.65
N LEU B 394 16.86 -40.89 -31.76
CA LEU B 394 16.53 -42.05 -32.58
C LEU B 394 17.67 -43.06 -32.58
N LYS B 395 18.88 -42.57 -32.41
CA LYS B 395 20.08 -43.42 -32.38
C LYS B 395 20.34 -43.86 -30.94
N THR B 396 20.73 -42.92 -30.09
CA THR B 396 21.00 -43.29 -28.68
C THR B 396 20.04 -44.43 -28.34
N LEU B 397 18.77 -44.23 -28.70
CA LEU B 397 17.73 -45.25 -28.46
C LEU B 397 18.04 -46.45 -29.37
N GLY B 398 18.01 -46.19 -30.65
CA GLY B 398 18.28 -47.21 -31.68
C GLY B 398 16.94 -47.71 -32.23
N VAL B 399 16.20 -46.75 -32.72
CA VAL B 399 14.85 -46.97 -33.27
C VAL B 399 14.78 -46.31 -34.64
N GLY B 400 13.58 -46.07 -35.09
CA GLY B 400 13.30 -45.39 -36.37
C GLY B 400 12.08 -44.48 -36.18
N PRO B 401 11.88 -43.63 -37.17
CA PRO B 401 10.78 -42.70 -37.25
C PRO B 401 9.46 -43.16 -36.66
N GLU B 402 9.04 -44.37 -36.99
CA GLU B 402 7.74 -44.88 -36.49
C GLU B 402 7.71 -45.06 -34.99
N ALA B 403 8.88 -45.09 -34.40
CA ALA B 403 9.02 -45.22 -32.94
C ALA B 403 8.73 -43.86 -32.28
N LEU B 404 8.75 -42.82 -33.10
CA LEU B 404 8.49 -41.45 -32.69
C LEU B 404 6.98 -41.25 -32.54
N PHE B 405 6.25 -42.09 -33.23
CA PHE B 405 4.78 -42.04 -33.21
C PHE B 405 4.16 -42.52 -31.93
N SER B 406 4.93 -43.02 -31.00
CA SER B 406 4.50 -43.55 -29.72
C SER B 406 4.50 -42.56 -28.56
N THR B 407 4.03 -43.05 -27.42
CA THR B 407 4.00 -42.28 -26.17
C THR B 407 5.46 -41.97 -25.78
N LEU B 408 6.33 -42.81 -26.31
CA LEU B 408 7.79 -42.64 -26.08
C LEU B 408 8.22 -41.50 -27.00
N GLY B 409 7.59 -41.45 -28.16
CA GLY B 409 7.87 -40.40 -29.15
C GLY B 409 7.43 -39.08 -28.49
N ARG B 410 6.13 -38.99 -28.42
CA ARG B 410 5.42 -37.85 -27.81
C ARG B 410 6.22 -37.30 -26.62
N THR B 411 6.69 -38.19 -25.76
CA THR B 411 7.43 -37.82 -24.55
C THR B 411 8.79 -37.23 -24.88
N ALA B 412 9.52 -37.98 -25.69
CA ALA B 412 10.87 -37.68 -26.15
C ALA B 412 10.94 -36.33 -26.87
N ALA B 413 10.08 -36.22 -27.87
CA ALA B 413 9.93 -35.01 -28.68
C ALA B 413 9.98 -33.75 -27.83
N ARG B 414 9.32 -33.73 -26.69
CA ARG B 414 9.25 -32.60 -25.76
C ARG B 414 10.58 -32.15 -25.20
N GLY B 415 11.57 -33.03 -25.19
CA GLY B 415 12.93 -32.69 -24.69
C GLY B 415 13.63 -31.86 -25.80
N ILE B 416 13.48 -32.38 -26.99
CA ILE B 416 13.98 -31.84 -28.23
C ILE B 416 13.43 -30.42 -28.53
N GLN B 417 12.13 -30.23 -28.32
CA GLN B 417 11.44 -28.94 -28.59
C GLN B 417 12.01 -27.81 -27.74
N CYS B 418 12.35 -28.25 -26.56
CA CYS B 418 12.91 -27.44 -25.47
C CYS B 418 14.38 -27.15 -25.75
N LEU B 419 14.88 -27.88 -26.71
CA LEU B 419 16.26 -27.77 -27.19
C LEU B 419 16.27 -26.87 -28.42
N THR B 420 15.40 -27.24 -29.36
CA THR B 420 15.20 -26.46 -30.58
C THR B 420 14.38 -25.23 -30.18
N ALA B 421 14.96 -24.49 -29.25
CA ALA B 421 14.38 -23.25 -28.69
C ALA B 421 15.33 -22.61 -27.68
N ALA B 422 15.92 -23.43 -26.85
CA ALA B 422 16.88 -23.04 -25.82
C ALA B 422 18.12 -22.49 -26.53
N GLN B 423 18.38 -23.12 -27.66
CA GLN B 423 19.51 -22.81 -28.54
C GLN B 423 19.27 -21.43 -29.17
N GLU B 424 18.24 -21.38 -30.00
CA GLU B 424 17.81 -20.18 -30.71
C GLU B 424 17.78 -18.91 -29.86
N VAL B 425 17.23 -19.03 -28.66
CA VAL B 425 17.12 -17.87 -27.74
C VAL B 425 18.37 -17.01 -27.80
N GLU B 426 19.47 -17.72 -27.98
CA GLU B 426 20.80 -17.12 -28.06
C GLU B 426 20.84 -16.03 -29.13
N VAL B 427 20.18 -16.29 -30.27
CA VAL B 427 20.28 -15.35 -31.39
C VAL B 427 19.51 -14.05 -31.21
N TRP B 428 18.29 -14.18 -30.75
CA TRP B 428 17.33 -13.11 -30.50
C TRP B 428 17.80 -12.09 -29.46
N LEU B 429 18.39 -12.62 -28.39
CA LEU B 429 18.90 -11.75 -27.31
C LEU B 429 19.98 -10.88 -27.97
N ASP B 430 20.89 -11.60 -28.62
CA ASP B 430 22.00 -10.94 -29.33
C ASP B 430 21.42 -9.85 -30.24
N LYS B 431 20.58 -10.28 -31.18
CA LYS B 431 19.96 -9.34 -32.11
C LYS B 431 19.45 -8.09 -31.39
N LEU B 432 18.73 -8.27 -30.29
CA LEU B 432 18.19 -7.17 -29.49
C LEU B 432 19.31 -6.28 -28.95
N GLU B 433 20.28 -6.95 -28.34
CA GLU B 433 21.43 -6.22 -27.76
C GLU B 433 22.16 -5.43 -28.83
N ALA B 434 22.00 -5.87 -30.08
CA ALA B 434 22.62 -5.18 -31.21
C ALA B 434 21.98 -3.80 -31.34
N ASN B 435 20.74 -3.72 -31.79
CA ASN B 435 20.00 -2.49 -31.99
C ASN B 435 20.01 -1.59 -30.76
N VAL B 436 20.07 -2.17 -29.59
CA VAL B 436 20.06 -1.30 -28.38
C VAL B 436 21.36 -0.49 -28.47
N LYS B 437 22.42 -1.23 -28.70
CA LYS B 437 23.77 -0.68 -28.84
C LYS B 437 23.77 0.35 -29.98
N ALA B 438 22.99 0.02 -30.98
CA ALA B 438 22.82 0.91 -32.14
C ALA B 438 22.39 2.29 -31.57
N GLY B 439 21.31 2.22 -30.83
CA GLY B 439 20.71 3.41 -30.21
C GLY B 439 19.24 3.45 -30.70
N LYS B 440 18.81 2.25 -30.98
CA LYS B 440 17.43 1.93 -31.44
C LYS B 440 16.77 1.20 -30.26
N ASP B 441 15.74 1.84 -29.73
CA ASP B 441 15.02 1.33 -28.56
C ASP B 441 13.52 1.30 -28.80
N ASP B 442 13.16 1.05 -30.05
CA ASP B 442 11.73 1.04 -30.38
C ASP B 442 10.97 -0.18 -29.90
N LEU B 443 10.08 0.09 -28.97
CA LEU B 443 9.10 -0.86 -28.40
C LEU B 443 7.84 0.04 -28.58
N TYR B 444 6.73 -0.54 -28.94
CA TYR B 444 5.50 0.21 -29.14
C TYR B 444 5.37 1.04 -30.41
N THR B 445 4.24 0.90 -31.07
CA THR B 445 3.86 1.59 -32.30
C THR B 445 2.45 2.17 -32.09
N ASP B 446 2.23 3.36 -32.58
CA ASP B 446 0.93 4.06 -32.45
C ASP B 446 -0.09 3.43 -33.37
N TRP B 447 -1.33 3.26 -32.92
CA TRP B 447 -2.36 2.63 -33.78
C TRP B 447 -3.73 3.20 -33.55
N GLN B 448 -4.72 2.74 -34.32
CA GLN B 448 -6.10 3.20 -34.21
C GLN B 448 -7.12 2.15 -34.67
N TYR B 449 -8.29 2.20 -34.04
CA TYR B 449 -9.39 1.31 -34.29
C TYR B 449 -10.18 1.61 -35.55
N PRO B 450 -10.16 0.64 -36.46
CA PRO B 450 -10.97 0.72 -37.69
C PRO B 450 -12.42 0.63 -37.21
N THR B 451 -13.32 1.19 -37.97
CA THR B 451 -14.76 1.16 -37.61
C THR B 451 -15.10 -0.22 -37.06
N GLU B 452 -14.61 -1.20 -37.79
CA GLU B 452 -14.79 -2.62 -37.46
C GLU B 452 -13.71 -3.42 -38.18
N SER B 453 -13.27 -4.49 -37.54
CA SER B 453 -12.25 -5.39 -38.12
C SER B 453 -12.30 -6.77 -37.49
N GLN B 454 -11.52 -7.66 -38.06
CA GLN B 454 -11.34 -9.05 -37.63
C GLN B 454 -9.85 -9.22 -37.30
N GLY B 455 -9.53 -10.11 -36.39
CA GLY B 455 -8.15 -10.37 -35.97
C GLY B 455 -7.97 -11.82 -35.50
N VAL B 456 -6.76 -12.33 -35.67
CA VAL B 456 -6.38 -13.70 -35.29
C VAL B 456 -4.88 -13.82 -35.00
N GLY B 457 -4.57 -14.37 -33.85
CA GLY B 457 -3.18 -14.54 -33.42
C GLY B 457 -2.94 -15.99 -33.05
N PHE B 458 -1.91 -16.54 -33.65
CA PHE B 458 -1.47 -17.91 -33.48
C PHE B 458 -0.19 -17.95 -32.64
N VAL B 459 -0.28 -18.67 -31.55
CA VAL B 459 0.86 -18.89 -30.65
C VAL B 459 1.00 -20.43 -30.71
N ASN B 460 2.23 -20.86 -30.73
CA ASN B 460 2.50 -22.30 -30.71
C ASN B 460 3.07 -22.49 -29.28
N ALA B 461 2.11 -22.58 -28.38
CA ALA B 461 2.35 -22.73 -26.95
C ALA B 461 3.09 -24.02 -26.68
N PRO B 462 3.73 -24.09 -25.53
CA PRO B 462 4.48 -25.26 -25.10
C PRO B 462 3.74 -26.59 -25.19
N ARG B 463 2.46 -26.54 -25.48
CA ARG B 463 1.62 -27.73 -25.63
C ARG B 463 0.94 -27.71 -27.00
N GLY B 464 1.36 -26.77 -27.82
CA GLY B 464 0.83 -26.62 -29.16
C GLY B 464 0.19 -25.33 -29.60
N MET B 465 -0.48 -25.50 -30.74
CA MET B 465 -1.18 -24.53 -31.52
C MET B 465 -2.34 -23.80 -30.90
N LEU B 466 -1.99 -22.64 -30.35
CA LEU B 466 -2.96 -21.73 -29.70
C LEU B 466 -3.41 -20.64 -30.67
N SER B 467 -4.68 -20.35 -30.68
CA SER B 467 -5.20 -19.30 -31.56
C SER B 467 -6.40 -18.56 -30.98
N HIS B 468 -6.21 -17.27 -30.72
CA HIS B 468 -7.22 -16.32 -30.21
C HIS B 468 -7.86 -15.65 -31.42
N TRP B 469 -9.12 -15.33 -31.39
CA TRP B 469 -9.78 -14.76 -32.58
C TRP B 469 -10.84 -13.71 -32.27
N ILE B 470 -10.49 -12.48 -32.63
CA ILE B 470 -11.32 -11.32 -32.39
C ILE B 470 -12.09 -10.67 -33.52
N VAL B 471 -13.35 -10.40 -33.22
CA VAL B 471 -14.27 -9.69 -34.13
C VAL B 471 -14.71 -8.46 -33.31
N GLN B 472 -14.15 -7.33 -33.70
CA GLN B 472 -14.44 -6.08 -32.97
C GLN B 472 -15.24 -5.09 -33.80
N ARG B 473 -16.09 -4.39 -33.08
CA ARG B 473 -16.94 -3.34 -33.67
C ARG B 473 -16.79 -2.11 -32.78
N GLY B 474 -16.15 -1.09 -33.34
CA GLY B 474 -15.94 0.16 -32.68
C GLY B 474 -15.16 0.20 -31.40
N GLY B 475 -14.11 -0.59 -31.30
CA GLY B 475 -13.24 -0.59 -30.11
C GLY B 475 -13.84 -1.31 -28.91
N LYS B 476 -14.80 -2.18 -29.22
CA LYS B 476 -15.49 -3.03 -28.25
C LYS B 476 -15.59 -4.43 -28.89
N ILE B 477 -15.33 -5.43 -28.08
CA ILE B 477 -15.37 -6.83 -28.46
C ILE B 477 -16.78 -7.32 -28.78
N GLU B 478 -16.90 -7.83 -29.99
CA GLU B 478 -18.12 -8.37 -30.55
C GLU B 478 -18.09 -9.88 -30.52
N ASN B 479 -16.91 -10.43 -30.30
CA ASN B 479 -16.67 -11.87 -30.26
C ASN B 479 -15.18 -12.15 -30.13
N PHE B 480 -14.79 -12.73 -29.02
CA PHE B 480 -13.39 -13.10 -28.76
C PHE B 480 -13.36 -14.53 -28.23
N GLN B 481 -13.49 -15.47 -29.14
CA GLN B 481 -13.45 -16.90 -28.91
C GLN B 481 -12.01 -17.40 -29.12
N HIS B 482 -11.68 -18.48 -28.43
CA HIS B 482 -10.36 -19.10 -28.53
C HIS B 482 -10.36 -20.64 -28.43
N VAL B 483 -9.49 -21.21 -29.26
CA VAL B 483 -9.25 -22.66 -29.34
C VAL B 483 -7.80 -22.87 -28.84
N VAL B 484 -7.65 -23.74 -27.86
CA VAL B 484 -6.34 -24.01 -27.23
C VAL B 484 -5.90 -25.45 -27.41
N PRO B 485 -4.60 -25.66 -27.55
CA PRO B 485 -3.96 -26.95 -27.75
C PRO B 485 -4.69 -28.13 -27.16
N SER B 486 -4.74 -28.10 -25.83
CA SER B 486 -5.38 -29.17 -25.04
C SER B 486 -6.81 -29.39 -25.48
N THR B 487 -7.41 -28.41 -26.13
CA THR B 487 -8.78 -28.56 -26.63
C THR B 487 -8.69 -29.57 -27.78
N TRP B 488 -7.53 -29.62 -28.40
CA TRP B 488 -7.30 -30.56 -29.52
C TRP B 488 -6.95 -31.96 -28.97
N ASN B 489 -5.87 -32.05 -28.24
CA ASN B 489 -5.34 -33.25 -27.62
C ASN B 489 -6.37 -33.97 -26.76
N LEU B 490 -6.89 -33.29 -25.77
CA LEU B 490 -7.91 -33.89 -24.86
C LEU B 490 -9.23 -33.29 -25.32
N GLY B 491 -10.35 -33.70 -24.78
CA GLY B 491 -11.59 -33.04 -25.32
C GLY B 491 -12.30 -34.11 -26.16
N PRO B 492 -13.61 -34.03 -26.13
CA PRO B 492 -14.52 -34.96 -26.76
C PRO B 492 -14.30 -35.39 -28.19
N ARG B 493 -15.31 -36.15 -28.62
CA ARG B 493 -15.42 -36.68 -29.98
C ARG B 493 -16.27 -35.62 -30.71
N CYS B 494 -16.26 -35.66 -32.01
CA CYS B 494 -17.05 -34.71 -32.83
C CYS B 494 -18.42 -35.32 -33.16
N ALA B 495 -19.13 -34.65 -34.04
CA ALA B 495 -20.46 -35.11 -34.48
C ALA B 495 -20.25 -36.44 -35.23
N GLU B 496 -19.10 -36.48 -35.89
CA GLU B 496 -18.70 -37.68 -36.64
C GLU B 496 -17.99 -38.62 -35.68
N ARG B 497 -18.40 -38.53 -34.43
CA ARG B 497 -17.91 -39.33 -33.32
C ARG B 497 -16.45 -39.71 -33.35
N LYS B 498 -15.64 -39.01 -34.12
CA LYS B 498 -14.19 -39.35 -34.16
C LYS B 498 -13.56 -39.09 -32.80
N LEU B 499 -12.86 -40.11 -32.32
CA LEU B 499 -12.15 -40.00 -31.02
C LEU B 499 -11.10 -38.89 -31.14
N SER B 500 -10.57 -38.51 -30.00
CA SER B 500 -9.55 -37.46 -29.91
C SER B 500 -8.16 -38.00 -29.65
N ALA B 501 -7.16 -37.27 -30.10
CA ALA B 501 -5.75 -37.57 -29.96
C ALA B 501 -5.50 -38.59 -28.85
N VAL B 502 -5.73 -38.17 -27.62
CA VAL B 502 -5.52 -38.96 -26.42
C VAL B 502 -6.48 -40.15 -26.30
N GLU B 503 -7.73 -39.93 -26.64
CA GLU B 503 -8.74 -41.02 -26.57
C GLU B 503 -8.15 -42.23 -27.26
N GLN B 504 -7.84 -42.10 -28.52
CA GLN B 504 -7.25 -43.15 -29.35
C GLN B 504 -5.92 -43.62 -28.79
N ALA B 505 -5.16 -42.73 -28.20
CA ALA B 505 -3.85 -43.08 -27.63
C ALA B 505 -3.97 -44.10 -26.51
N LEU B 506 -5.06 -44.01 -25.77
CA LEU B 506 -5.35 -44.86 -24.61
C LEU B 506 -5.72 -46.28 -25.03
N ILE B 507 -6.50 -46.39 -26.08
CA ILE B 507 -6.98 -47.65 -26.61
C ILE B 507 -5.88 -48.64 -26.89
N GLY B 508 -6.00 -49.83 -26.34
CA GLY B 508 -5.02 -50.91 -26.56
C GLY B 508 -3.92 -50.84 -25.50
N THR B 509 -4.00 -49.82 -24.66
CA THR B 509 -2.98 -49.70 -23.61
C THR B 509 -3.21 -50.83 -22.58
N PRO B 510 -2.18 -51.64 -22.46
CA PRO B 510 -2.19 -52.75 -21.49
C PRO B 510 -2.05 -52.18 -20.08
N ILE B 511 -2.73 -52.77 -19.13
CA ILE B 511 -2.78 -52.39 -17.71
C ILE B 511 -2.60 -53.58 -16.76
N ALA B 512 -1.45 -53.69 -16.14
CA ALA B 512 -1.01 -54.73 -15.23
C ALA B 512 -1.73 -54.81 -13.90
N ASP B 513 -2.26 -53.67 -13.47
CA ASP B 513 -2.98 -53.61 -12.19
C ASP B 513 -3.96 -52.44 -12.18
N PRO B 514 -5.21 -52.76 -12.42
CA PRO B 514 -6.29 -51.76 -12.46
C PRO B 514 -6.27 -50.87 -11.24
N LYS B 515 -6.12 -51.50 -10.09
CA LYS B 515 -6.08 -50.78 -8.80
C LYS B 515 -4.94 -49.78 -8.75
N ARG B 516 -4.01 -49.81 -9.68
CA ARG B 516 -2.87 -48.88 -9.68
C ARG B 516 -2.37 -48.71 -11.11
N PRO B 517 -3.19 -48.08 -11.94
CA PRO B 517 -2.91 -47.91 -13.35
C PRO B 517 -2.00 -46.79 -13.79
N VAL B 518 -0.71 -47.08 -13.73
CA VAL B 518 0.36 -46.19 -14.14
C VAL B 518 0.27 -45.93 -15.64
N GLU B 519 -0.20 -46.88 -16.41
CA GLU B 519 -0.29 -46.70 -17.86
C GLU B 519 -1.29 -45.65 -18.29
N ILE B 520 -2.45 -45.60 -17.65
CA ILE B 520 -3.46 -44.58 -18.03
C ILE B 520 -2.75 -43.22 -18.02
N LEU B 521 -1.99 -43.00 -16.98
CA LEU B 521 -1.25 -41.84 -16.58
C LEU B 521 0.00 -41.48 -17.35
N ARG B 522 0.61 -42.46 -17.97
CA ARG B 522 1.85 -42.29 -18.74
C ARG B 522 1.58 -41.67 -20.11
N THR B 523 0.41 -41.95 -20.64
CA THR B 523 -0.09 -41.50 -21.92
C THR B 523 -0.81 -40.15 -21.81
N VAL B 524 -1.49 -39.98 -20.69
CA VAL B 524 -2.24 -38.74 -20.45
C VAL B 524 -1.28 -37.63 -20.03
N HIS B 525 -0.20 -37.98 -19.38
CA HIS B 525 0.82 -37.04 -18.91
C HIS B 525 1.82 -36.67 -20.01
N SER B 526 1.88 -37.50 -21.05
CA SER B 526 2.80 -37.30 -22.18
C SER B 526 2.26 -36.14 -23.02
N TYR B 527 0.96 -35.96 -22.94
CA TYR B 527 0.21 -34.92 -23.65
C TYR B 527 0.08 -33.66 -22.77
N ASP B 528 0.76 -33.64 -21.64
CA ASP B 528 0.72 -32.47 -20.74
C ASP B 528 -0.66 -31.80 -20.76
N PRO B 529 -1.68 -32.48 -20.24
CA PRO B 529 -3.06 -31.96 -20.25
C PRO B 529 -3.20 -30.74 -19.37
N CYS B 530 -3.87 -29.74 -19.91
CA CYS B 530 -4.12 -28.44 -19.24
C CYS B 530 -5.56 -28.00 -19.46
N ILE B 531 -6.44 -28.56 -18.66
CA ILE B 531 -7.87 -28.41 -18.65
C ILE B 531 -8.45 -27.06 -18.40
N ALA B 532 -7.68 -26.20 -17.76
CA ALA B 532 -8.09 -24.81 -17.46
C ALA B 532 -8.04 -24.01 -18.77
N CYS B 533 -7.04 -24.34 -19.57
CA CYS B 533 -6.81 -23.77 -20.89
C CYS B 533 -8.01 -24.29 -21.76
N GLY B 534 -7.86 -25.58 -22.02
CA GLY B 534 -8.73 -26.40 -22.82
C GLY B 534 -10.18 -25.96 -22.86
N VAL B 535 -10.74 -25.88 -21.67
CA VAL B 535 -12.12 -25.49 -21.45
C VAL B 535 -12.32 -23.98 -21.41
N HIS B 536 -11.26 -23.30 -20.93
CA HIS B 536 -11.26 -21.84 -20.75
C HIS B 536 -12.60 -21.53 -20.05
N ALA C 3 10.32 -1.32 30.79
CA ALA C 3 11.70 -1.63 31.24
C ALA C 3 12.18 -2.89 30.54
N LYS C 4 11.29 -3.41 29.72
CA LYS C 4 11.55 -4.62 28.93
C LYS C 4 12.63 -4.32 27.88
N LYS C 5 12.25 -4.53 26.63
CA LYS C 5 13.13 -4.40 25.49
C LYS C 5 13.22 -3.12 24.71
N ARG C 6 12.14 -2.66 24.10
CA ARG C 6 12.23 -1.42 23.27
C ARG C 6 12.97 -0.31 23.99
N PRO C 7 13.69 0.50 23.22
CA PRO C 7 14.54 1.58 23.68
C PRO C 7 13.96 2.88 24.17
N SER C 8 14.51 3.25 25.34
CA SER C 8 14.14 4.46 26.08
C SER C 8 14.66 5.70 25.36
N VAL C 9 13.69 6.50 25.03
CA VAL C 9 13.80 7.77 24.33
C VAL C 9 12.91 8.78 25.10
N VAL C 10 13.56 9.51 25.94
CA VAL C 10 12.95 10.56 26.77
C VAL C 10 12.99 11.82 25.92
N TYR C 11 11.85 12.35 25.56
CA TYR C 11 11.80 13.56 24.71
C TYR C 11 11.48 14.82 25.52
N LEU C 12 12.43 15.72 25.57
CA LEU C 12 12.24 16.98 26.30
C LEU C 12 11.70 18.04 25.33
N HIS C 13 11.07 19.04 25.91
CA HIS C 13 10.47 20.18 25.23
C HIS C 13 10.93 21.46 25.95
N ASN C 14 11.71 22.24 25.22
CA ASN C 14 12.22 23.52 25.81
C ASN C 14 11.43 24.68 25.23
N ALA C 15 12.14 25.71 24.84
CA ALA C 15 11.48 26.90 24.22
C ALA C 15 11.25 26.39 22.78
N GLU C 16 10.00 26.26 22.42
CA GLU C 16 9.62 25.73 21.10
C GLU C 16 8.22 26.19 20.71
N CYS C 17 7.75 25.64 19.61
CA CYS C 17 6.44 25.90 19.02
C CYS C 17 5.74 24.55 18.81
N THR C 18 6.44 23.53 19.25
CA THR C 18 5.87 22.16 19.14
C THR C 18 5.83 21.63 17.73
N GLY C 19 5.76 22.51 16.75
CA GLY C 19 5.72 22.19 15.32
C GLY C 19 6.71 21.08 15.00
N CYS C 20 7.76 21.00 15.79
CA CYS C 20 8.78 19.93 15.58
C CYS C 20 8.18 18.60 16.03
N SER C 21 7.63 18.59 17.23
CA SER C 21 6.97 17.38 17.74
C SER C 21 5.93 16.99 16.69
N GLU C 22 5.10 17.93 16.30
CA GLU C 22 4.04 17.72 15.32
C GLU C 22 4.54 17.12 14.02
N SER C 23 5.77 17.41 13.73
CA SER C 23 6.47 16.97 12.51
C SER C 23 6.51 15.44 12.45
N LEU C 24 6.78 14.89 13.61
CA LEU C 24 6.89 13.48 13.89
C LEU C 24 5.64 12.67 13.53
N LEU C 25 4.56 13.25 14.03
CA LEU C 25 3.23 12.66 13.86
C LEU C 25 2.96 12.37 12.39
N ARG C 26 3.91 12.80 11.57
CA ARG C 26 3.74 12.64 10.10
C ARG C 26 4.75 11.68 9.51
N THR C 27 5.51 11.06 10.41
CA THR C 27 6.52 10.05 10.00
C THR C 27 5.70 9.01 9.24
N VAL C 28 6.28 8.34 8.28
CA VAL C 28 5.55 7.37 7.45
C VAL C 28 6.40 6.14 7.19
N ASP C 29 5.72 5.10 6.81
CA ASP C 29 6.32 3.75 6.65
C ASP C 29 6.29 3.43 8.18
N PRO C 30 7.41 3.72 8.82
CA PRO C 30 7.39 3.54 10.30
C PRO C 30 6.38 4.58 10.76
N TYR C 31 5.12 4.21 10.84
CA TYR C 31 4.06 5.15 11.29
C TYR C 31 4.29 5.48 12.77
N VAL C 32 3.38 6.26 13.34
CA VAL C 32 3.49 6.67 14.75
C VAL C 32 3.19 5.49 15.68
N ASP C 33 2.06 4.85 15.39
CA ASP C 33 1.70 3.66 16.20
C ASP C 33 2.99 2.82 16.18
N GLU C 34 3.26 2.29 15.00
CA GLU C 34 4.42 1.47 14.71
C GLU C 34 5.68 1.96 15.42
N LEU C 35 5.92 3.25 15.27
CA LEU C 35 7.12 3.83 15.89
C LEU C 35 7.16 3.49 17.37
N ILE C 36 6.25 4.10 18.08
CA ILE C 36 6.07 4.05 19.54
C ILE C 36 5.59 2.76 20.15
N LEU C 37 4.88 1.93 19.42
CA LEU C 37 4.31 0.66 19.87
C LEU C 37 5.20 -0.53 19.56
N ASP C 38 5.99 -0.47 18.50
CA ASP C 38 6.86 -1.60 18.16
C ASP C 38 8.20 -1.22 17.57
N VAL C 39 8.92 -0.29 18.13
CA VAL C 39 10.23 0.14 17.66
C VAL C 39 11.10 0.82 18.75
N ILE C 40 10.45 1.72 19.48
CA ILE C 40 11.13 2.53 20.47
C ILE C 40 10.73 2.51 21.91
N SER C 41 9.64 3.13 22.29
CA SER C 41 9.16 3.25 23.68
C SER C 41 9.36 4.69 24.20
N MET C 42 8.30 5.47 24.05
CA MET C 42 8.22 6.87 24.44
C MET C 42 7.89 7.04 25.92
N ASP C 43 8.96 6.98 26.69
CA ASP C 43 8.86 7.08 28.16
C ASP C 43 8.56 8.49 28.62
N TYR C 44 8.88 9.50 27.81
CA TYR C 44 8.62 10.90 28.21
C TYR C 44 8.33 11.82 27.03
N HIS C 45 7.22 12.54 27.16
CA HIS C 45 6.74 13.46 26.10
C HIS C 45 5.35 13.99 26.48
N GLU C 46 5.37 15.16 27.07
CA GLU C 46 4.20 15.91 27.54
C GLU C 46 3.08 15.96 26.53
N THR C 47 3.26 16.51 25.37
CA THR C 47 2.29 16.63 24.28
C THR C 47 1.41 15.42 24.04
N LEU C 48 1.87 14.22 24.40
CA LEU C 48 1.09 13.00 24.18
C LEU C 48 0.61 12.31 25.47
N MET C 49 1.42 12.46 26.50
CA MET C 49 1.27 11.92 27.82
C MET C 49 -0.07 12.07 28.51
N ALA C 50 -0.42 10.93 29.13
CA ALA C 50 -1.67 10.76 29.88
C ALA C 50 -1.57 11.43 31.24
N GLY C 51 -0.57 11.01 32.00
CA GLY C 51 -0.37 11.57 33.36
C GLY C 51 0.02 13.04 33.23
N ALA C 52 -0.34 13.80 34.23
CA ALA C 52 -0.03 15.23 34.29
C ALA C 52 1.13 15.43 35.27
N GLY C 53 1.23 16.61 35.83
CA GLY C 53 2.25 17.00 36.77
C GLY C 53 3.24 15.92 37.17
N HIS C 54 3.16 15.51 38.44
CA HIS C 54 4.01 14.53 39.07
C HIS C 54 3.98 13.08 38.61
N ALA C 55 3.00 12.64 37.87
CA ALA C 55 2.98 11.24 37.38
C ALA C 55 4.16 11.11 36.40
N VAL C 56 4.10 12.04 35.45
CA VAL C 56 5.15 12.19 34.41
C VAL C 56 6.41 12.62 35.19
N GLU C 57 6.23 13.63 36.03
CA GLU C 57 7.31 14.15 36.86
C GLU C 57 7.88 12.99 37.68
N GLU C 58 7.25 11.83 37.55
CA GLU C 58 7.71 10.61 38.25
C GLU C 58 8.43 9.78 37.18
N ALA C 59 7.65 9.51 36.15
CA ALA C 59 8.04 8.75 34.95
C ALA C 59 9.41 9.18 34.41
N LEU C 60 9.74 10.45 34.56
CA LEU C 60 11.02 10.97 34.08
C LEU C 60 12.08 10.32 34.96
N HIS C 61 12.33 10.89 36.11
CA HIS C 61 13.34 10.40 37.08
C HIS C 61 13.60 8.91 36.94
N GLU C 62 12.49 8.18 36.85
CA GLU C 62 12.53 6.73 36.67
C GLU C 62 13.23 6.41 35.34
N ALA C 63 12.61 6.88 34.27
CA ALA C 63 13.07 6.70 32.90
C ALA C 63 14.55 6.93 32.72
N ILE C 64 15.03 8.10 33.11
CA ILE C 64 16.45 8.42 32.93
C ILE C 64 17.30 7.27 33.46
N LYS C 65 16.79 6.65 34.51
CA LYS C 65 17.51 5.52 35.14
C LYS C 65 17.78 4.51 34.02
N GLY C 66 19.04 4.34 33.72
CA GLY C 66 19.48 3.43 32.67
C GLY C 66 19.53 3.99 31.26
N ASP C 67 19.55 3.02 30.36
CA ASP C 67 19.63 3.18 28.92
C ASP C 67 18.54 4.09 28.37
N PHE C 68 19.01 5.13 27.67
CA PHE C 68 18.05 6.05 27.05
C PHE C 68 18.69 7.02 26.07
N VAL C 69 17.88 7.27 25.04
CA VAL C 69 18.17 8.23 23.98
C VAL C 69 17.39 9.49 24.44
N CYS C 70 18.01 10.62 24.37
CA CYS C 70 17.32 11.87 24.75
C CYS C 70 17.12 12.71 23.49
N VAL C 71 15.91 13.26 23.37
CA VAL C 71 15.55 14.11 22.24
C VAL C 71 15.15 15.48 22.80
N ILE C 72 15.86 16.49 22.37
CA ILE C 72 15.60 17.87 22.78
C ILE C 72 15.07 18.65 21.57
N GLU C 73 13.86 19.14 21.76
CA GLU C 73 13.15 19.94 20.77
C GLU C 73 12.95 21.34 21.35
N GLY C 74 13.65 22.32 20.76
CA GLY C 74 13.50 23.69 21.18
C GLY C 74 14.63 24.61 21.43
N GLY C 75 15.66 24.17 22.14
CA GLY C 75 16.78 25.12 22.42
C GLY C 75 16.39 25.82 23.73
N ILE C 76 17.41 25.94 24.55
CA ILE C 76 17.40 26.48 25.87
C ILE C 76 17.56 27.98 26.03
N PRO C 77 16.65 28.59 26.75
CA PRO C 77 16.74 30.04 27.05
C PRO C 77 17.77 30.10 28.19
N MET C 78 19.02 30.05 27.84
CA MET C 78 20.16 30.10 28.77
C MET C 78 20.27 31.51 29.36
N GLY C 79 19.34 32.34 28.98
CA GLY C 79 19.10 33.70 29.25
C GLY C 79 19.55 34.36 30.52
N ASP C 80 18.66 35.16 31.10
CA ASP C 80 18.92 35.92 32.32
C ASP C 80 18.94 35.10 33.59
N GLY C 81 19.92 34.21 33.65
CA GLY C 81 20.01 33.29 34.82
C GLY C 81 19.26 32.00 34.39
N GLY C 82 18.51 32.12 33.31
CA GLY C 82 17.76 31.08 32.68
C GLY C 82 16.27 30.95 32.72
N TYR C 83 15.54 31.65 33.55
CA TYR C 83 14.10 31.56 33.74
C TYR C 83 13.13 31.96 32.67
N TRP C 84 13.52 32.10 31.44
CA TRP C 84 12.62 32.52 30.35
C TRP C 84 11.61 31.45 30.02
N GLY C 85 11.85 30.26 30.54
CA GLY C 85 10.96 29.09 30.27
C GLY C 85 11.26 27.91 31.20
N LYS C 86 10.38 27.83 32.20
CA LYS C 86 10.42 26.83 33.24
C LYS C 86 9.33 25.77 33.10
N VAL C 87 9.77 24.56 33.36
CA VAL C 87 8.98 23.33 33.35
C VAL C 87 9.47 22.58 34.61
N GLY C 88 8.46 22.26 35.39
CA GLY C 88 8.65 21.55 36.67
C GLY C 88 8.89 22.59 37.78
N ARG C 89 8.95 23.84 37.32
CA ARG C 89 9.21 24.97 38.26
C ARG C 89 10.76 25.11 38.20
N ARG C 90 11.30 24.05 37.61
CA ARG C 90 12.74 23.93 37.35
C ARG C 90 12.90 24.60 35.96
N ASN C 91 14.05 25.18 35.72
CA ASN C 91 14.33 25.89 34.46
C ASN C 91 14.82 24.92 33.40
N MET C 92 14.35 25.22 32.20
CA MET C 92 14.64 24.44 30.99
C MET C 92 16.08 24.00 30.89
N TYR C 93 17.00 24.96 31.00
CA TYR C 93 18.44 24.59 30.91
C TYR C 93 18.72 23.45 31.88
N ASP C 94 18.43 23.72 33.15
CA ASP C 94 18.58 22.85 34.29
C ASP C 94 18.20 21.38 34.08
N ILE C 95 16.97 21.18 33.69
CA ILE C 95 16.42 19.85 33.45
C ILE C 95 17.32 19.08 32.46
N CYS C 96 17.66 19.85 31.44
CA CYS C 96 18.52 19.37 30.34
C CYS C 96 19.92 19.17 30.95
N ALA C 97 20.26 20.16 31.78
CA ALA C 97 21.53 20.18 32.49
C ALA C 97 21.74 18.84 33.19
N GLU C 98 20.65 18.31 33.75
CA GLU C 98 20.64 17.06 34.49
C GLU C 98 20.39 15.79 33.71
N VAL C 99 19.35 15.76 32.90
CA VAL C 99 18.96 14.60 32.11
C VAL C 99 19.86 14.22 30.94
N ALA C 100 20.11 15.20 30.09
CA ALA C 100 20.86 15.10 28.86
C ALA C 100 22.27 14.60 28.91
N PRO C 101 22.98 14.95 29.96
CA PRO C 101 24.38 14.48 30.10
C PRO C 101 24.31 13.08 30.70
N LYS C 102 23.29 12.35 30.24
CA LYS C 102 23.04 10.99 30.70
C LYS C 102 22.46 10.06 29.64
N ALA C 103 22.23 10.52 28.43
CA ALA C 103 21.65 9.66 27.39
C ALA C 103 22.72 8.91 26.61
N LYS C 104 22.32 7.73 26.16
CA LYS C 104 23.21 6.88 25.35
C LYS C 104 23.41 7.58 24.00
N ALA C 105 22.56 8.59 23.79
CA ALA C 105 22.53 9.44 22.61
C ALA C 105 21.53 10.59 22.73
N VAL C 106 22.08 11.78 22.73
CA VAL C 106 21.30 13.04 22.74
C VAL C 106 21.16 13.46 21.27
N ILE C 107 19.94 13.79 20.87
CA ILE C 107 19.70 14.20 19.47
C ILE C 107 18.83 15.43 19.46
N ALA C 108 19.32 16.48 18.83
CA ALA C 108 18.61 17.77 18.74
C ALA C 108 17.75 17.81 17.49
N ILE C 109 16.48 18.02 17.67
CA ILE C 109 15.51 18.12 16.58
C ILE C 109 15.07 19.59 16.52
N GLY C 110 15.06 20.10 15.30
CA GLY C 110 14.67 21.49 15.00
C GLY C 110 15.82 22.46 15.21
N THR C 111 15.91 23.38 14.28
CA THR C 111 16.94 24.43 14.26
C THR C 111 17.05 25.13 15.61
N CYS C 112 15.92 25.18 16.28
CA CYS C 112 15.74 25.81 17.58
C CYS C 112 16.72 25.20 18.59
N ALA C 113 16.72 23.89 18.57
CA ALA C 113 17.51 22.99 19.40
C ALA C 113 18.97 22.90 18.98
N THR C 114 19.15 22.68 17.69
CA THR C 114 20.41 22.54 17.00
C THR C 114 21.25 23.82 17.11
N TYR C 115 20.57 24.95 16.90
CA TYR C 115 21.25 26.24 16.91
C TYR C 115 20.54 27.41 17.57
N GLY C 116 19.41 27.24 18.20
CA GLY C 116 18.71 28.43 18.83
C GLY C 116 17.72 28.83 17.71
N GLY C 117 16.56 29.38 18.02
CA GLY C 117 15.61 29.68 16.94
C GLY C 117 15.09 31.08 16.86
N VAL C 118 13.93 31.26 16.25
CA VAL C 118 13.35 32.61 16.12
C VAL C 118 13.52 33.31 17.48
N GLN C 119 13.64 32.54 18.52
CA GLN C 119 13.85 33.03 19.88
C GLN C 119 15.18 33.83 19.81
N ALA C 120 16.15 33.10 19.33
CA ALA C 120 17.52 33.56 19.12
C ALA C 120 17.60 34.71 18.12
N ALA C 121 16.65 34.82 17.22
CA ALA C 121 16.61 35.91 16.24
C ALA C 121 16.71 37.24 17.01
N LYS C 122 17.36 38.20 16.36
CA LYS C 122 17.59 39.55 16.91
C LYS C 122 16.26 40.11 17.42
N PRO C 123 16.28 40.72 18.59
CA PRO C 123 17.43 40.96 19.45
C PRO C 123 17.63 39.95 20.55
N ASN C 124 16.96 38.82 20.46
CA ASN C 124 17.05 37.73 21.46
C ASN C 124 17.00 38.24 22.89
N PRO C 125 15.81 38.57 23.35
CA PRO C 125 15.56 39.13 24.67
C PRO C 125 15.54 38.14 25.81
N THR C 126 15.80 36.89 25.47
CA THR C 126 15.78 35.83 26.49
C THR C 126 17.00 34.95 26.34
N GLY C 127 17.93 35.42 25.53
CA GLY C 127 19.19 34.72 25.27
C GLY C 127 19.08 33.21 25.18
N THR C 128 18.08 32.75 24.43
CA THR C 128 17.93 31.30 24.23
C THR C 128 19.14 30.91 23.37
N VAL C 129 19.48 29.66 23.33
CA VAL C 129 20.61 29.08 22.60
C VAL C 129 20.36 27.60 22.31
N GLY C 130 21.08 27.04 21.36
CA GLY C 130 20.95 25.63 20.99
C GLY C 130 21.44 24.69 22.09
N VAL C 131 21.17 23.41 21.86
CA VAL C 131 21.56 22.33 22.77
C VAL C 131 23.03 22.46 23.14
N ASN C 132 23.90 21.84 22.38
CA ASN C 132 25.36 21.87 22.62
C ASN C 132 25.90 23.22 22.11
N GLU C 133 26.11 24.03 23.10
CA GLU C 133 26.59 25.42 23.03
C GLU C 133 26.38 25.79 24.53
N ALA C 134 25.30 25.15 24.94
CA ALA C 134 24.82 25.16 26.33
C ALA C 134 25.48 23.89 26.93
N LEU C 135 24.71 22.82 26.89
CA LEU C 135 25.13 21.51 27.39
C LEU C 135 26.50 21.16 26.80
N GLY C 136 26.91 22.09 25.93
CA GLY C 136 28.23 21.90 25.28
C GLY C 136 29.21 21.56 26.42
N LYS C 137 29.18 22.43 27.40
CA LYS C 137 30.00 22.40 28.60
C LYS C 137 29.94 21.14 29.44
N LEU C 138 28.77 20.53 29.57
CA LEU C 138 28.62 19.31 30.37
C LEU C 138 28.98 18.04 29.63
N GLY C 139 29.64 18.22 28.49
CA GLY C 139 30.07 17.14 27.62
C GLY C 139 28.87 16.48 26.92
N VAL C 140 28.26 17.23 26.03
CA VAL C 140 27.12 16.80 25.22
C VAL C 140 27.51 17.11 23.75
N LYS C 141 27.21 16.14 22.94
CA LYS C 141 27.48 16.19 21.49
C LYS C 141 26.20 15.83 20.75
N ALA C 142 25.28 16.81 20.84
CA ALA C 142 23.96 16.61 20.18
C ALA C 142 24.28 16.36 18.70
N ILE C 143 23.54 15.42 18.15
CA ILE C 143 23.67 15.08 16.70
C ILE C 143 22.50 15.87 16.12
N ASN C 144 22.83 16.98 15.49
CA ASN C 144 21.89 17.95 14.95
C ASN C 144 21.04 17.56 13.74
N ILE C 145 19.74 17.53 14.02
CA ILE C 145 18.71 17.27 13.01
C ILE C 145 18.06 18.65 12.74
N ALA C 146 18.74 19.44 11.92
CA ALA C 146 18.24 20.78 11.60
C ALA C 146 16.98 20.71 10.73
N GLY C 147 16.41 21.86 10.50
CA GLY C 147 15.19 22.04 9.70
C GLY C 147 14.29 22.97 10.52
N CYS C 148 13.07 23.13 10.05
CA CYS C 148 12.09 24.00 10.74
C CYS C 148 10.70 23.80 10.16
N PRO C 149 10.14 22.62 10.39
CA PRO C 149 10.69 21.51 11.17
C PRO C 149 11.40 20.48 10.32
N PRO C 150 12.33 19.78 10.95
CA PRO C 150 13.16 18.77 10.32
C PRO C 150 12.63 17.77 9.36
N ASN C 151 11.39 17.68 8.96
CA ASN C 151 11.02 16.62 7.95
C ASN C 151 11.28 15.27 8.62
N PRO C 152 10.19 14.54 8.81
CA PRO C 152 10.19 13.26 9.49
C PRO C 152 11.39 12.38 9.26
N MET C 153 11.49 11.88 8.05
CA MET C 153 12.50 10.97 7.59
C MET C 153 13.91 11.26 8.03
N ASN C 154 14.19 12.47 8.44
CA ASN C 154 15.53 12.91 8.87
C ASN C 154 15.70 12.66 10.37
N PHE C 155 14.57 12.58 11.05
CA PHE C 155 14.52 12.31 12.50
C PHE C 155 14.48 10.76 12.59
N VAL C 156 13.36 10.25 12.09
CA VAL C 156 13.16 8.79 12.11
C VAL C 156 14.41 8.10 11.59
N GLY C 157 14.74 8.27 10.33
CA GLY C 157 15.93 7.66 9.73
C GLY C 157 17.19 7.78 10.58
N THR C 158 17.28 8.80 11.41
CA THR C 158 18.45 9.00 12.26
C THR C 158 18.39 8.15 13.52
N VAL C 159 17.26 8.17 14.21
CA VAL C 159 17.11 7.34 15.43
C VAL C 159 17.37 5.87 15.08
N VAL C 160 16.65 5.42 14.05
CA VAL C 160 16.78 4.03 13.58
C VAL C 160 18.26 3.68 13.39
N HIS C 161 19.04 4.65 12.98
CA HIS C 161 20.48 4.56 12.72
C HIS C 161 21.29 4.26 13.98
N LEU C 162 21.01 4.99 15.05
CA LEU C 162 21.73 4.79 16.32
C LEU C 162 21.48 3.32 16.77
N LEU C 163 20.21 2.95 16.59
CA LEU C 163 19.72 1.62 16.96
C LEU C 163 20.54 0.56 16.21
N THR C 164 20.15 0.42 14.97
CA THR C 164 20.64 -0.48 13.98
C THR C 164 22.11 -0.49 13.60
N LYS C 165 22.62 0.59 13.03
CA LYS C 165 24.00 0.61 12.53
C LYS C 165 25.07 1.42 13.19
N GLY C 166 24.77 2.08 14.28
CA GLY C 166 25.79 2.91 14.98
C GLY C 166 25.51 4.38 14.62
N MET C 167 26.37 5.20 15.16
CA MET C 167 26.30 6.66 14.94
C MET C 167 26.38 6.94 13.45
N PRO C 168 25.74 8.03 13.04
CA PRO C 168 25.75 8.50 11.64
C PRO C 168 27.00 9.36 11.42
N GLU C 169 27.25 9.74 10.17
CA GLU C 169 28.41 10.60 9.85
C GLU C 169 27.86 12.04 9.87
N LEU C 170 28.62 12.91 10.50
CA LEU C 170 28.23 14.29 10.67
C LEU C 170 28.91 15.34 9.81
N ASP C 171 28.04 16.19 9.27
CA ASP C 171 28.51 17.32 8.44
C ASP C 171 29.00 18.36 9.47
N LYS C 172 29.93 19.18 9.02
CA LYS C 172 30.54 20.21 9.83
C LYS C 172 29.56 21.00 10.67
N GLN C 173 28.27 20.93 10.34
CA GLN C 173 27.26 21.69 11.12
C GLN C 173 26.50 20.79 12.08
N GLY C 174 27.14 19.65 12.33
CA GLY C 174 26.66 18.62 13.23
C GLY C 174 25.41 17.92 12.76
N ARG C 175 25.39 17.52 11.50
CA ARG C 175 24.24 16.86 10.91
C ARG C 175 24.56 15.56 10.21
N PRO C 176 23.53 14.72 10.12
CA PRO C 176 23.67 13.42 9.41
C PRO C 176 23.84 13.82 7.93
N VAL C 177 25.01 13.53 7.41
CA VAL C 177 25.41 13.84 6.03
C VAL C 177 24.55 13.12 5.00
N MET C 178 23.88 12.09 5.49
CA MET C 178 23.01 11.26 4.64
C MET C 178 21.84 12.13 4.14
N PHE C 179 21.40 13.03 5.00
CA PHE C 179 20.27 13.91 4.71
C PHE C 179 20.63 15.35 4.40
N PHE C 180 21.58 15.90 5.12
CA PHE C 180 22.00 17.31 4.92
C PHE C 180 23.36 17.40 4.24
N GLY C 181 23.58 16.47 3.33
CA GLY C 181 24.79 16.32 2.55
C GLY C 181 24.88 17.24 1.35
N GLU C 182 23.74 17.55 0.76
CA GLU C 182 23.68 18.46 -0.40
C GLU C 182 22.84 19.70 -0.11
N THR C 183 22.81 20.60 -1.07
CA THR C 183 22.06 21.86 -0.98
C THR C 183 20.67 21.67 -1.57
N VAL C 184 19.76 22.54 -1.15
CA VAL C 184 18.39 22.40 -1.69
C VAL C 184 18.53 22.61 -3.20
N HIS C 185 19.16 23.74 -3.46
CA HIS C 185 19.42 24.23 -4.82
C HIS C 185 20.03 23.22 -5.77
N ASP C 186 20.86 22.34 -5.26
CA ASP C 186 21.51 21.31 -6.08
C ASP C 186 20.59 20.26 -6.67
N ASN C 187 19.43 20.04 -6.09
CA ASN C 187 18.49 19.02 -6.55
C ASN C 187 17.16 19.61 -6.96
N CYS C 188 17.12 20.91 -6.98
CA CYS C 188 15.89 21.62 -7.35
C CYS C 188 15.61 21.47 -8.84
N PRO C 189 14.37 21.15 -9.16
CA PRO C 189 13.93 20.96 -10.53
C PRO C 189 14.12 22.23 -11.34
N ARG C 190 13.85 23.36 -10.70
CA ARG C 190 13.96 24.68 -11.32
C ARG C 190 15.37 24.96 -11.83
N LEU C 191 16.35 24.25 -11.35
CA LEU C 191 17.74 24.34 -11.68
C LEU C 191 18.12 24.74 -13.10
N LYS C 192 17.56 24.10 -14.08
CA LYS C 192 17.82 24.33 -15.50
C LYS C 192 17.53 25.76 -15.90
N HIS C 193 16.38 26.23 -15.45
CA HIS C 193 15.88 27.58 -15.69
C HIS C 193 16.93 28.58 -15.16
N PHE C 194 17.44 28.24 -14.00
CA PHE C 194 18.45 29.04 -13.32
C PHE C 194 19.61 29.30 -14.29
N GLU C 195 20.19 28.21 -14.72
CA GLU C 195 21.33 28.07 -15.60
C GLU C 195 21.15 28.43 -17.06
N ALA C 196 20.06 29.03 -17.40
CA ALA C 196 19.73 29.52 -18.75
C ALA C 196 19.28 30.98 -18.53
N GLY C 197 19.63 31.45 -17.36
CA GLY C 197 19.37 32.78 -16.84
C GLY C 197 17.91 33.21 -16.92
N GLU C 198 17.03 32.24 -17.05
CA GLU C 198 15.57 32.45 -17.13
C GLU C 198 14.97 32.44 -15.74
N PHE C 199 14.86 33.62 -15.14
CA PHE C 199 14.33 33.84 -13.79
C PHE C 199 12.98 34.56 -13.75
N ALA C 200 12.43 34.57 -12.53
CA ALA C 200 11.18 35.24 -12.20
C ALA C 200 11.48 36.45 -11.31
N THR C 201 10.83 37.55 -11.64
CA THR C 201 10.99 38.80 -10.91
C THR C 201 9.73 39.42 -10.34
N SER C 202 8.66 38.69 -10.23
CA SER C 202 7.36 39.09 -9.68
C SER C 202 6.48 37.84 -9.53
N PHE C 203 5.91 37.65 -8.36
CA PHE C 203 5.07 36.45 -8.14
C PHE C 203 3.88 36.40 -9.10
N GLY C 204 3.51 37.52 -9.69
CA GLY C 204 2.34 37.59 -10.58
C GLY C 204 2.68 37.51 -12.05
N SER C 205 3.95 37.66 -12.35
CA SER C 205 4.42 37.64 -13.74
C SER C 205 4.20 36.32 -14.43
N PRO C 206 4.11 36.42 -15.75
CA PRO C 206 3.92 35.24 -16.61
C PRO C 206 4.98 34.19 -16.32
N GLU C 207 6.20 34.64 -16.10
CA GLU C 207 7.31 33.72 -15.85
C GLU C 207 7.26 33.08 -14.47
N ALA C 208 6.50 33.69 -13.58
CA ALA C 208 6.36 33.17 -12.21
C ALA C 208 5.41 31.96 -12.34
N LYS C 209 4.49 32.16 -13.26
CA LYS C 209 3.48 31.12 -13.55
C LYS C 209 4.19 29.99 -14.27
N LYS C 210 4.89 30.34 -15.32
CA LYS C 210 5.65 29.38 -16.12
C LYS C 210 6.57 28.58 -15.20
N GLY C 211 6.79 29.09 -14.01
CA GLY C 211 7.61 28.46 -12.98
C GLY C 211 9.10 28.54 -13.21
N TYR C 212 9.61 29.75 -13.21
CA TYR C 212 11.03 30.05 -13.40
C TYR C 212 11.73 30.13 -12.05
N CYS C 213 13.04 30.19 -12.13
CA CYS C 213 13.90 30.25 -10.93
C CYS C 213 13.59 31.52 -10.14
N LEU C 214 13.47 31.29 -8.85
CA LEU C 214 13.11 32.28 -7.85
C LEU C 214 14.25 32.96 -7.15
N TYR C 215 15.47 32.87 -7.62
CA TYR C 215 16.60 33.51 -6.94
C TYR C 215 16.40 35.00 -6.76
N GLU C 216 15.73 35.59 -7.74
CA GLU C 216 15.46 37.03 -7.77
C GLU C 216 14.44 37.46 -6.73
N LEU C 217 13.54 36.55 -6.42
CA LEU C 217 12.49 36.73 -5.41
C LEU C 217 12.95 36.13 -4.08
N GLY C 218 14.23 35.96 -3.90
CA GLY C 218 14.93 35.49 -2.75
C GLY C 218 15.21 34.09 -2.37
N CYS C 219 14.96 33.12 -3.23
CA CYS C 219 15.21 31.70 -2.90
C CYS C 219 16.64 31.63 -2.38
N LYS C 220 16.87 30.97 -1.29
CA LYS C 220 18.18 30.84 -0.65
C LYS C 220 18.83 29.47 -0.82
N GLY C 221 18.18 28.65 -1.63
CA GLY C 221 18.50 27.31 -2.01
C GLY C 221 19.96 26.99 -2.20
N PRO C 222 20.66 27.81 -2.98
CA PRO C 222 22.07 27.62 -3.28
C PRO C 222 22.92 27.47 -2.03
N ASP C 223 22.43 28.06 -0.96
CA ASP C 223 23.02 28.13 0.36
C ASP C 223 22.38 27.25 1.42
N THR C 224 21.38 26.47 1.07
CA THR C 224 20.68 25.63 2.03
C THR C 224 20.93 24.15 1.93
N TYR C 225 21.51 23.60 2.98
CA TYR C 225 21.80 22.16 3.08
C TYR C 225 20.60 21.45 3.68
N ASN C 226 19.75 20.93 2.80
CA ASN C 226 18.52 20.23 3.16
C ASN C 226 18.13 19.29 2.01
N ASN C 227 17.32 18.30 2.29
CA ASN C 227 16.91 17.30 1.31
C ASN C 227 15.52 17.43 0.73
N CYS C 228 14.91 18.58 0.68
CA CYS C 228 13.55 18.81 0.21
C CYS C 228 13.09 18.45 -1.17
N PRO C 229 13.86 18.64 -2.21
CA PRO C 229 13.43 18.35 -3.58
C PRO C 229 13.27 16.88 -3.86
N LYS C 230 14.12 16.10 -3.23
CA LYS C 230 14.18 14.64 -3.34
C LYS C 230 13.23 13.91 -2.42
N GLN C 231 13.18 14.22 -1.13
CA GLN C 231 12.24 13.52 -0.24
C GLN C 231 10.82 14.02 -0.50
N LEU C 232 10.64 15.32 -0.38
CA LEU C 232 9.32 15.94 -0.60
C LEU C 232 8.74 15.99 0.83
N PHE C 233 7.70 16.77 0.99
CA PHE C 233 7.01 16.91 2.28
C PHE C 233 5.61 16.32 2.18
N ASN C 234 5.20 15.66 3.26
CA ASN C 234 3.87 15.03 3.34
C ASN C 234 3.71 14.03 2.19
N GLN C 235 4.86 13.77 1.59
CA GLN C 235 5.06 12.88 0.46
C GLN C 235 4.21 13.38 -0.71
N VAL C 236 4.06 14.71 -0.71
CA VAL C 236 3.25 15.41 -1.69
C VAL C 236 3.69 16.76 -2.18
N ASN C 237 4.76 17.36 -1.73
CA ASN C 237 5.13 18.72 -2.21
C ASN C 237 6.31 19.34 -1.47
N TRP C 238 6.54 20.61 -1.77
CA TRP C 238 7.61 21.42 -1.18
C TRP C 238 7.46 22.89 -1.60
N PRO C 239 8.09 23.73 -0.82
CA PRO C 239 8.07 25.19 -1.01
C PRO C 239 8.35 25.63 -2.43
N VAL C 240 9.51 25.30 -2.93
CA VAL C 240 9.91 25.67 -4.29
C VAL C 240 8.92 25.18 -5.34
N GLN C 241 8.36 24.01 -5.15
CA GLN C 241 7.42 23.45 -6.15
C GLN C 241 6.11 24.22 -5.99
N ALA C 242 5.98 24.66 -4.73
CA ALA C 242 4.84 25.44 -4.26
C ALA C 242 4.96 26.89 -4.69
N GLY C 243 6.01 27.19 -5.43
CA GLY C 243 6.37 28.44 -6.01
C GLY C 243 6.81 29.55 -5.08
N HIS C 244 7.44 29.19 -3.99
CA HIS C 244 7.92 30.13 -2.99
C HIS C 244 9.40 29.92 -2.69
N PRO C 245 10.13 31.02 -2.58
CA PRO C 245 11.57 30.98 -2.31
C PRO C 245 11.83 30.09 -1.09
N CYS C 246 12.98 29.47 -1.15
CA CYS C 246 13.51 28.64 -0.05
C CYS C 246 13.94 29.72 0.96
N ILE C 247 13.98 29.39 2.22
CA ILE C 247 14.36 30.41 3.23
C ILE C 247 15.48 29.88 4.09
N ALA C 248 16.07 28.80 3.61
CA ALA C 248 17.20 28.15 4.29
C ALA C 248 16.91 27.88 5.75
N CYS C 249 15.76 27.29 6.02
CA CYS C 249 15.35 26.98 7.40
C CYS C 249 16.17 25.91 8.11
N SER C 250 17.02 25.17 7.43
CA SER C 250 17.81 24.12 8.08
C SER C 250 19.25 24.60 8.32
N GLU C 251 19.38 25.91 8.39
CA GLU C 251 20.65 26.59 8.58
C GLU C 251 20.78 27.46 9.82
N PRO C 252 21.96 27.39 10.41
CA PRO C 252 22.36 28.08 11.60
C PRO C 252 21.94 29.45 12.01
N ASN C 253 21.30 30.29 11.23
CA ASN C 253 20.93 31.64 11.74
C ASN C 253 19.99 32.35 10.76
N PHE C 254 19.45 31.57 9.87
CA PHE C 254 18.59 32.05 8.79
C PHE C 254 17.78 33.28 9.12
N TRP C 255 17.21 33.41 10.29
CA TRP C 255 16.39 34.60 10.59
C TRP C 255 17.19 35.87 10.36
N ASP C 256 18.40 35.88 10.90
CA ASP C 256 19.31 37.01 10.84
C ASP C 256 20.29 37.00 9.69
N LEU C 257 20.46 35.88 9.02
CA LEU C 257 21.42 35.79 7.94
C LEU C 257 20.84 35.66 6.55
N TYR C 258 19.74 34.97 6.37
CA TYR C 258 19.16 34.80 5.05
C TYR C 258 17.79 35.51 4.86
N SER C 259 17.65 36.67 5.48
CA SER C 259 16.45 37.53 5.35
C SER C 259 16.93 38.98 5.11
N PRO C 260 16.15 39.93 4.54
CA PRO C 260 14.78 39.73 4.10
C PRO C 260 14.78 38.57 3.18
N PHE C 261 13.70 37.86 3.28
CA PHE C 261 13.52 36.60 2.59
C PHE C 261 13.13 36.74 1.10
N TYR C 262 12.68 37.91 0.68
CA TYR C 262 12.21 38.09 -0.73
C TYR C 262 13.18 38.93 -1.54
N SER C 263 14.40 39.03 -1.06
CA SER C 263 15.45 39.83 -1.67
C SER C 263 16.79 39.11 -1.71
N ALA C 264 17.71 39.74 -2.41
CA ALA C 264 19.09 39.46 -2.62
C ALA C 264 19.43 38.00 -2.89
N ASN D 7 -6.11 24.69 51.16
CA ASN D 7 -5.04 23.91 50.52
C ASN D 7 -4.95 24.27 49.02
N LYS D 8 -3.82 23.84 48.44
CA LYS D 8 -3.56 24.07 47.02
C LYS D 8 -2.82 22.90 46.37
N ILE D 9 -3.27 22.59 45.16
CA ILE D 9 -2.68 21.56 44.32
C ILE D 9 -2.08 22.28 43.09
N VAL D 10 -0.95 21.76 42.65
CA VAL D 10 -0.26 22.34 41.49
C VAL D 10 0.00 21.24 40.45
N VAL D 11 -0.70 21.32 39.34
CA VAL D 11 -0.45 20.32 38.27
C VAL D 11 0.38 21.01 37.18
N ASP D 12 1.68 20.83 37.35
CA ASP D 12 2.72 21.40 36.47
C ASP D 12 3.68 20.25 36.09
N PRO D 13 3.89 19.84 34.81
CA PRO D 13 3.27 20.42 33.59
C PRO D 13 1.85 19.95 33.33
N ILE D 14 1.24 20.51 32.28
CA ILE D 14 -0.17 20.19 31.91
C ILE D 14 -0.27 19.16 30.82
N THR D 15 0.74 18.31 30.76
CA THR D 15 0.88 17.19 29.85
C THR D 15 0.22 17.28 28.50
N ARG D 16 -1.01 16.84 28.31
CA ARG D 16 -1.64 16.85 26.99
C ARG D 16 -2.15 18.17 26.46
N ILE D 17 -1.26 19.13 26.37
CA ILE D 17 -1.49 20.47 25.82
C ILE D 17 -0.22 20.90 25.03
N GLU D 18 -0.45 21.93 24.25
CA GLU D 18 0.68 22.51 23.47
C GLU D 18 1.31 23.56 24.38
N GLY D 19 2.61 23.45 24.61
CA GLY D 19 3.34 24.40 25.44
C GLY D 19 3.43 24.12 26.93
N HIS D 20 3.98 25.15 27.59
CA HIS D 20 4.24 25.17 29.02
C HIS D 20 3.19 25.93 29.82
N LEU D 21 2.25 25.15 30.35
CA LEU D 21 1.15 25.65 31.20
C LEU D 21 1.31 24.93 32.56
N ARG D 22 0.81 25.60 33.57
CA ARG D 22 0.82 25.12 34.96
C ARG D 22 -0.33 25.78 35.70
N ILE D 23 -1.21 24.93 36.23
CA ILE D 23 -2.37 25.45 36.99
C ILE D 23 -2.27 25.05 38.45
N GLU D 24 -2.43 26.08 39.25
CA GLU D 24 -2.42 26.08 40.71
C GLU D 24 -3.87 26.42 41.10
N VAL D 25 -4.39 25.53 41.95
CA VAL D 25 -5.76 25.65 42.43
C VAL D 25 -5.79 25.57 43.96
N GLU D 26 -6.61 26.44 44.49
CA GLU D 26 -6.87 26.54 45.94
C GLU D 26 -8.28 25.95 46.09
N VAL D 27 -8.33 24.79 46.72
CA VAL D 27 -9.61 24.10 46.93
C VAL D 27 -9.89 23.96 48.45
N GLU D 28 -11.12 24.32 48.73
CA GLU D 28 -11.68 24.25 50.08
C GLU D 28 -12.99 23.47 49.93
N GLY D 29 -12.96 22.24 50.40
CA GLY D 29 -14.06 21.33 50.42
C GLY D 29 -14.53 20.52 49.28
N GLY D 30 -13.64 19.92 48.50
CA GLY D 30 -13.94 19.07 47.34
C GLY D 30 -13.89 19.87 46.05
N LYS D 31 -14.98 20.57 45.84
CA LYS D 31 -15.19 21.45 44.68
C LYS D 31 -14.01 22.42 44.63
N ILE D 32 -13.97 23.33 43.67
CA ILE D 32 -12.86 24.27 43.53
C ILE D 32 -13.09 25.68 44.03
N LYS D 33 -12.14 26.15 44.84
CA LYS D 33 -12.18 27.47 45.46
C LYS D 33 -11.69 28.63 44.61
N ASN D 34 -10.41 28.70 44.27
CA ASN D 34 -9.91 29.80 43.45
C ASN D 34 -9.27 29.44 42.12
N ALA D 35 -7.97 29.21 42.14
CA ALA D 35 -7.23 28.83 40.92
C ALA D 35 -6.62 29.96 40.13
N TRP D 36 -5.46 29.64 39.55
CA TRP D 36 -4.66 30.55 38.71
C TRP D 36 -4.13 29.86 37.48
N SER D 37 -4.00 30.61 36.39
CA SER D 37 -3.54 30.09 35.10
C SER D 37 -2.21 30.61 34.60
N MET D 38 -1.14 29.99 35.04
CA MET D 38 0.21 30.40 34.65
C MET D 38 0.73 29.84 33.33
N SER D 39 1.09 30.75 32.45
CA SER D 39 1.73 30.44 31.13
C SER D 39 3.21 30.52 31.49
N THR D 40 4.09 29.77 30.84
CA THR D 40 5.49 29.88 31.37
C THR D 40 6.70 29.70 30.55
N LEU D 41 6.75 30.45 29.46
CA LEU D 41 7.81 30.59 28.48
C LEU D 41 7.64 31.94 27.76
N PHE D 42 8.80 32.58 27.60
CA PHE D 42 8.88 33.86 26.91
C PHE D 42 9.81 33.72 25.68
N ARG D 43 9.20 33.95 24.52
CA ARG D 43 9.96 33.85 23.26
C ARG D 43 10.27 35.24 22.74
N GLY D 44 9.27 36.07 22.54
CA GLY D 44 9.33 37.44 22.12
C GLY D 44 9.27 37.77 20.66
N LEU D 45 8.38 37.14 19.92
CA LEU D 45 8.23 37.38 18.46
C LEU D 45 7.83 38.82 18.16
N GLU D 46 7.12 39.42 19.09
CA GLU D 46 6.63 40.80 19.01
C GLU D 46 7.83 41.75 19.10
N MET D 47 8.87 41.25 19.76
CA MET D 47 10.11 42.02 19.93
C MET D 47 10.98 41.83 18.69
N ILE D 48 11.57 40.67 18.54
CA ILE D 48 12.45 40.24 17.45
C ILE D 48 12.15 40.90 16.11
N LEU D 49 10.90 40.88 15.77
CA LEU D 49 10.29 41.40 14.56
C LEU D 49 10.38 42.91 14.40
N LYS D 50 10.73 43.65 15.42
CA LYS D 50 10.82 45.10 15.40
C LYS D 50 11.68 45.63 14.25
N GLY D 51 11.15 46.60 13.54
CA GLY D 51 11.82 47.23 12.42
C GLY D 51 11.90 46.46 11.12
N ARG D 52 11.92 45.14 11.11
CA ARG D 52 12.03 44.32 9.90
C ARG D 52 10.97 44.62 8.85
N ASP D 53 11.24 44.07 7.67
CA ASP D 53 10.39 44.17 6.46
C ASP D 53 9.17 43.28 6.65
N PRO D 54 8.01 43.92 6.75
CA PRO D 54 6.74 43.22 6.97
C PRO D 54 6.55 41.97 6.13
N ARG D 55 7.11 41.98 4.93
CA ARG D 55 6.98 40.83 4.01
C ARG D 55 7.66 39.61 4.64
N ASP D 56 8.32 39.93 5.74
CA ASP D 56 9.08 38.96 6.50
C ASP D 56 8.36 38.53 7.76
N ALA D 57 7.42 39.34 8.20
CA ALA D 57 6.65 39.04 9.42
C ALA D 57 6.09 37.61 9.40
N GLN D 58 5.25 37.28 8.44
CA GLN D 58 4.62 35.97 8.34
C GLN D 58 5.52 34.82 8.71
N HIS D 59 6.69 34.73 8.13
CA HIS D 59 7.64 33.65 8.43
C HIS D 59 7.97 33.62 9.91
N PHE D 60 8.20 34.82 10.40
CA PHE D 60 8.57 35.04 11.81
C PHE D 60 7.42 34.59 12.70
N THR D 61 6.32 35.30 12.62
CA THR D 61 5.11 35.04 13.39
C THR D 61 4.63 33.62 13.27
N GLN D 62 4.61 33.06 12.05
CA GLN D 62 4.12 31.71 11.84
C GLN D 62 4.76 30.70 12.79
N ARG D 63 5.92 31.03 13.30
CA ARG D 63 6.65 30.13 14.20
C ARG D 63 6.45 30.51 15.66
N ALA D 64 5.27 31.06 15.88
CA ALA D 64 4.78 31.46 17.20
C ALA D 64 4.39 30.13 17.88
N CYS D 65 3.88 29.27 17.03
CA CYS D 65 3.44 27.93 17.38
C CYS D 65 3.23 27.10 16.13
N GLY D 66 3.61 25.84 16.24
CA GLY D 66 3.49 24.84 15.20
C GLY D 66 2.40 23.82 15.26
N VAL D 67 1.37 23.99 16.09
CA VAL D 67 0.27 22.99 16.10
C VAL D 67 -0.89 23.67 15.37
N CYS D 68 -1.03 24.96 15.61
CA CYS D 68 -2.07 25.71 14.86
C CYS D 68 -1.38 26.36 13.65
N THR D 69 -0.33 25.73 13.18
CA THR D 69 0.48 26.06 12.03
C THR D 69 -0.37 26.61 10.89
N TYR D 70 0.14 27.66 10.29
CA TYR D 70 -0.45 28.43 9.19
C TYR D 70 -1.15 29.67 9.78
N VAL D 71 -2.15 29.42 10.60
CA VAL D 71 -2.98 30.47 11.19
C VAL D 71 -2.23 31.78 11.34
N HIS D 72 -1.03 31.77 11.86
CA HIS D 72 -0.25 33.03 12.03
C HIS D 72 0.13 33.57 10.67
N ALA D 73 0.88 32.83 9.87
CA ALA D 73 1.23 33.29 8.52
C ALA D 73 0.05 34.07 7.93
N LEU D 74 -1.06 33.39 7.79
CA LEU D 74 -2.29 33.97 7.24
C LEU D 74 -2.63 35.29 7.91
N ALA D 75 -2.57 35.33 9.23
CA ALA D 75 -2.87 36.54 10.00
C ALA D 75 -1.92 37.68 9.61
N SER D 76 -0.64 37.36 9.48
CA SER D 76 0.39 38.35 9.10
C SER D 76 0.09 38.90 7.71
N VAL D 77 0.11 38.05 6.71
CA VAL D 77 -0.20 38.49 5.33
C VAL D 77 -1.49 39.30 5.37
N ARG D 78 -2.44 38.83 6.14
CA ARG D 78 -3.74 39.47 6.29
C ARG D 78 -3.57 40.89 6.75
N ALA D 79 -2.79 41.02 7.80
CA ALA D 79 -2.47 42.33 8.40
C ALA D 79 -1.92 43.24 7.30
N VAL D 80 -0.81 42.81 6.72
CA VAL D 80 -0.13 43.55 5.68
C VAL D 80 -0.90 43.79 4.41
N ASP D 81 -1.76 42.90 3.96
CA ASP D 81 -2.53 43.15 2.73
C ASP D 81 -3.28 44.49 2.95
N ASN D 82 -3.89 44.42 4.13
CA ASN D 82 -4.71 45.49 4.67
C ASN D 82 -3.97 46.82 4.74
N CYS D 83 -2.99 46.92 5.63
CA CYS D 83 -2.25 48.16 5.84
C CYS D 83 -1.64 48.71 4.55
N VAL D 84 -1.33 47.81 3.66
CA VAL D 84 -0.76 48.16 2.35
C VAL D 84 -1.91 48.55 1.42
N GLY D 85 -3.09 48.08 1.74
CA GLY D 85 -4.32 48.34 1.02
C GLY D 85 -4.53 47.49 -0.20
N VAL D 86 -3.79 46.40 -0.28
CA VAL D 86 -3.86 45.46 -1.42
C VAL D 86 -5.29 44.92 -1.53
N LYS D 87 -5.48 44.07 -2.50
CA LYS D 87 -6.74 43.41 -2.81
C LYS D 87 -6.42 42.17 -3.65
N ILE D 88 -6.05 41.12 -2.96
CA ILE D 88 -5.67 39.83 -3.53
C ILE D 88 -6.74 39.24 -4.43
N PRO D 89 -6.29 38.59 -5.49
CA PRO D 89 -7.19 37.93 -6.45
C PRO D 89 -7.95 36.80 -5.76
N GLU D 90 -9.21 36.67 -6.11
CA GLU D 90 -10.13 35.70 -5.53
C GLU D 90 -9.66 34.29 -5.45
N ASN D 91 -8.65 33.92 -6.23
CA ASN D 91 -8.10 32.53 -6.17
C ASN D 91 -7.21 32.49 -4.92
N ALA D 92 -6.60 33.64 -4.70
CA ALA D 92 -5.72 33.83 -3.53
C ALA D 92 -6.57 33.68 -2.27
N THR D 93 -7.79 34.18 -2.39
CA THR D 93 -8.81 34.14 -1.32
C THR D 93 -9.18 32.67 -1.10
N LEU D 94 -9.73 32.10 -2.17
CA LEU D 94 -10.16 30.70 -2.22
C LEU D 94 -9.10 29.78 -1.62
N MET D 95 -7.94 29.78 -2.23
CA MET D 95 -6.80 28.95 -1.82
C MET D 95 -6.35 29.28 -0.40
N ARG D 96 -6.80 30.40 0.13
CA ARG D 96 -6.41 30.75 1.52
C ARG D 96 -7.33 29.95 2.44
N ASN D 97 -8.59 29.95 2.08
CA ASN D 97 -9.71 29.29 2.74
C ASN D 97 -9.48 27.79 2.95
N LEU D 98 -9.41 27.10 1.82
CA LEU D 98 -9.17 25.66 1.72
C LEU D 98 -8.13 25.22 2.75
N THR D 99 -7.07 26.00 2.84
CA THR D 99 -5.97 25.68 3.75
C THR D 99 -6.35 25.91 5.19
N MET D 100 -7.45 26.59 5.42
CA MET D 100 -7.93 26.84 6.80
C MET D 100 -8.93 25.69 7.03
N GLY D 101 -9.82 25.60 6.04
CA GLY D 101 -10.83 24.53 6.08
C GLY D 101 -10.04 23.26 6.47
N ALA D 102 -8.97 23.06 5.77
CA ALA D 102 -8.05 21.94 5.92
C ALA D 102 -7.32 21.94 7.25
N GLN D 103 -7.10 23.09 7.84
CA GLN D 103 -6.41 23.17 9.14
C GLN D 103 -7.36 22.74 10.26
N TYR D 104 -8.57 23.26 10.22
CA TYR D 104 -9.63 22.92 11.18
C TYR D 104 -9.85 21.40 11.23
N MET D 105 -9.76 20.75 10.08
CA MET D 105 -9.99 19.33 9.96
C MET D 105 -8.83 18.54 10.60
N HIS D 106 -7.63 19.06 10.50
CA HIS D 106 -6.47 18.36 11.05
C HIS D 106 -6.36 18.61 12.53
N ASP D 107 -6.45 19.88 12.86
CA ASP D 107 -6.33 20.40 14.22
C ASP D 107 -7.21 19.71 15.26
N HIS D 108 -8.48 19.58 14.99
CA HIS D 108 -9.51 19.01 15.85
C HIS D 108 -9.53 17.53 16.09
N LEU D 109 -9.13 16.74 15.13
CA LEU D 109 -9.10 15.27 15.29
C LEU D 109 -8.08 14.97 16.40
N VAL D 110 -6.83 15.20 16.08
CA VAL D 110 -5.71 15.00 17.00
C VAL D 110 -6.09 15.37 18.43
N HIS D 111 -6.86 16.44 18.57
CA HIS D 111 -7.26 16.90 19.91
C HIS D 111 -8.30 15.98 20.53
N PHE D 112 -9.39 15.70 19.84
CA PHE D 112 -10.41 14.85 20.47
C PHE D 112 -9.68 13.66 21.12
N TYR D 113 -9.05 12.95 20.23
CA TYR D 113 -8.30 11.74 20.49
C TYR D 113 -7.02 11.95 21.26
N HIS D 114 -5.98 12.32 20.54
CA HIS D 114 -4.63 12.52 21.04
C HIS D 114 -4.41 13.52 22.12
N LEU D 115 -5.23 14.52 22.25
CA LEU D 115 -5.05 15.54 23.32
C LEU D 115 -6.04 15.40 24.47
N HIS D 116 -7.31 15.37 24.17
CA HIS D 116 -8.42 15.23 25.07
C HIS D 116 -8.82 13.84 25.56
N ALA D 117 -9.08 12.95 24.64
CA ALA D 117 -9.55 11.59 24.83
C ALA D 117 -9.08 10.79 26.03
N LEU D 118 -7.88 10.96 26.52
CA LEU D 118 -7.41 10.18 27.68
C LEU D 118 -7.92 10.83 28.98
N ASP D 119 -8.91 11.68 28.89
CA ASP D 119 -9.49 12.37 30.05
C ASP D 119 -10.86 11.77 30.40
N TRP D 120 -11.17 10.68 29.76
CA TRP D 120 -12.48 10.03 29.96
C TRP D 120 -12.38 8.54 29.62
N VAL D 121 -11.45 8.28 28.70
CA VAL D 121 -11.14 6.94 28.22
C VAL D 121 -9.95 6.41 29.04
N ASN D 122 -10.07 5.13 29.32
CA ASN D 122 -9.11 4.32 30.08
C ASN D 122 -8.93 3.06 29.22
N VAL D 123 -7.78 3.11 28.57
CA VAL D 123 -7.37 2.01 27.66
C VAL D 123 -7.34 0.73 28.48
N ALA D 124 -6.60 0.83 29.58
CA ALA D 124 -6.42 -0.29 30.50
C ALA D 124 -7.62 -1.23 30.44
N ASN D 125 -8.71 -0.69 30.95
CA ASN D 125 -9.98 -1.36 31.08
C ASN D 125 -10.53 -1.97 29.82
N ALA D 126 -10.20 -1.43 28.67
CA ALA D 126 -10.67 -1.93 27.36
C ALA D 126 -10.25 -3.38 27.12
N LEU D 127 -9.31 -3.82 27.94
CA LEU D 127 -8.81 -5.21 27.88
C LEU D 127 -9.99 -6.06 28.41
N ASN D 128 -10.44 -5.61 29.57
CA ASN D 128 -11.57 -6.21 30.28
C ASN D 128 -12.82 -5.85 29.48
N ALA D 129 -12.87 -6.34 28.26
CA ALA D 129 -14.03 -6.05 27.40
C ALA D 129 -14.24 -7.17 26.38
N ASP D 130 -15.51 -7.44 26.18
CA ASP D 130 -15.98 -8.48 25.24
C ASP D 130 -15.96 -7.78 23.87
N PRO D 131 -14.92 -8.06 23.09
CA PRO D 131 -14.76 -7.49 21.76
C PRO D 131 -15.96 -7.79 20.87
N ALA D 132 -16.77 -8.72 21.35
CA ALA D 132 -18.01 -9.11 20.63
C ALA D 132 -19.05 -8.01 20.91
N LYS D 133 -19.10 -7.68 22.19
CA LYS D 133 -19.99 -6.65 22.72
C LYS D 133 -19.69 -5.33 22.02
N ALA D 134 -18.38 -5.05 22.00
CA ALA D 134 -17.83 -3.84 21.37
C ALA D 134 -18.45 -3.72 19.97
N ALA D 135 -18.03 -4.65 19.14
CA ALA D 135 -18.52 -4.70 17.74
C ALA D 135 -19.95 -4.18 17.68
N ARG D 136 -20.81 -4.87 18.39
CA ARG D 136 -22.24 -4.61 18.46
C ARG D 136 -22.55 -3.12 18.60
N LEU D 137 -21.86 -2.50 19.54
CA LEU D 137 -22.08 -1.04 19.83
C LEU D 137 -21.37 -0.21 18.77
N ALA D 138 -20.15 -0.63 18.44
CA ALA D 138 -19.33 0.06 17.43
C ALA D 138 -20.08 0.10 16.10
N ASN D 139 -20.75 -1.00 15.78
CA ASN D 139 -21.51 -1.07 14.51
C ASN D 139 -22.87 -0.42 14.68
N ASP D 140 -23.19 -0.16 15.95
CA ASP D 140 -24.47 0.46 16.30
C ASP D 140 -24.37 1.98 16.16
N LEU D 141 -23.19 2.47 16.44
CA LEU D 141 -22.84 3.89 16.40
C LEU D 141 -22.87 4.53 15.02
N SER D 142 -21.85 4.29 14.22
CA SER D 142 -21.72 4.87 12.88
C SER D 142 -21.98 3.83 11.79
N PRO D 143 -21.96 4.32 10.57
CA PRO D 143 -22.16 3.49 9.37
C PRO D 143 -20.91 2.68 9.06
N ARG D 144 -19.84 2.95 9.80
CA ARG D 144 -18.58 2.20 9.59
C ARG D 144 -18.92 0.77 10.07
N LYS D 145 -18.50 -0.20 9.28
CA LYS D 145 -18.76 -1.60 9.70
C LYS D 145 -17.52 -2.08 10.48
N THR D 146 -17.67 -1.99 11.79
CA THR D 146 -16.64 -2.44 12.74
C THR D 146 -16.93 -3.94 12.94
N THR D 147 -15.97 -4.63 13.50
CA THR D 147 -16.17 -6.09 13.72
C THR D 147 -15.22 -6.63 14.78
N THR D 148 -15.76 -7.49 15.62
CA THR D 148 -15.02 -8.12 16.71
C THR D 148 -13.54 -8.35 16.35
N GLU D 149 -13.39 -8.93 15.18
CA GLU D 149 -12.10 -9.26 14.57
C GLU D 149 -11.14 -8.09 14.67
N SER D 150 -11.67 -6.94 14.28
CA SER D 150 -10.93 -5.67 14.30
C SER D 150 -10.60 -5.30 15.75
N LEU D 151 -11.68 -5.07 16.50
CA LEU D 151 -11.58 -4.67 17.91
C LEU D 151 -10.71 -5.57 18.74
N LYS D 152 -10.62 -6.81 18.30
CA LYS D 152 -9.80 -7.83 18.96
C LYS D 152 -8.34 -7.44 18.79
N ALA D 153 -7.99 -7.27 17.53
CA ALA D 153 -6.61 -6.90 17.13
C ALA D 153 -6.05 -5.85 18.09
N VAL D 154 -6.75 -4.74 18.16
CA VAL D 154 -6.37 -3.60 19.01
C VAL D 154 -6.04 -4.09 20.43
N GLN D 155 -6.93 -4.99 20.84
CA GLN D 155 -6.86 -5.60 22.18
C GLN D 155 -5.48 -6.28 22.30
N ALA D 156 -5.11 -6.95 21.23
CA ALA D 156 -3.82 -7.65 21.17
C ALA D 156 -2.66 -6.67 21.30
N LYS D 157 -2.89 -5.46 20.82
CA LYS D 157 -1.89 -4.37 20.84
C LYS D 157 -1.72 -3.73 22.21
N VAL D 158 -2.81 -3.61 22.94
CA VAL D 158 -2.82 -3.05 24.30
C VAL D 158 -2.21 -4.07 25.29
N LYS D 159 -2.64 -5.31 25.09
CA LYS D 159 -2.23 -6.47 25.87
C LYS D 159 -0.71 -6.62 25.79
N ALA D 160 -0.30 -6.61 24.52
CA ALA D 160 1.12 -6.71 24.13
C ALA D 160 1.92 -5.75 25.01
N LEU D 161 1.42 -4.52 25.06
CA LEU D 161 2.04 -3.45 25.83
C LEU D 161 2.08 -3.73 27.32
N VAL D 162 1.05 -4.44 27.77
CA VAL D 162 0.94 -4.81 29.19
C VAL D 162 2.15 -5.67 29.57
N GLU D 163 2.29 -6.74 28.80
CA GLU D 163 3.37 -7.71 29.01
C GLU D 163 4.70 -7.16 28.51
N SER D 164 4.80 -5.83 28.59
CA SER D 164 6.00 -5.10 28.17
C SER D 164 6.66 -4.48 29.40
N GLY D 165 5.74 -3.93 30.21
CA GLY D 165 6.21 -3.25 31.45
C GLY D 165 7.12 -2.12 30.89
N GLN D 166 6.69 -1.68 29.72
CA GLN D 166 7.34 -0.58 28.98
C GLN D 166 6.37 0.62 29.10
N LEU D 167 5.11 0.30 28.92
CA LEU D 167 3.95 1.16 29.01
C LEU D 167 4.08 2.50 28.27
N GLY D 168 5.18 3.17 28.54
CA GLY D 168 5.59 4.44 27.97
C GLY D 168 4.62 5.59 28.14
N ILE D 169 4.11 6.06 27.01
CA ILE D 169 3.16 7.19 26.97
C ILE D 169 2.30 7.16 28.23
N PHE D 170 1.50 6.12 28.33
CA PHE D 170 0.62 5.92 29.52
C PHE D 170 1.55 5.25 30.56
N THR D 171 2.10 6.05 31.44
CA THR D 171 3.02 5.51 32.46
C THR D 171 2.39 5.64 33.83
N ASN D 172 2.09 6.86 34.22
CA ASN D 172 1.43 7.10 35.53
C ASN D 172 0.08 7.71 35.19
N ALA D 173 -0.62 6.97 34.34
CA ALA D 173 -1.94 7.40 33.84
C ALA D 173 -2.95 7.51 34.96
N TYR D 174 -3.71 8.60 34.97
CA TYR D 174 -4.75 8.82 35.98
C TYR D 174 -5.84 7.76 35.99
N PHE D 175 -5.90 6.90 35.00
CA PHE D 175 -6.92 5.86 34.90
C PHE D 175 -6.39 4.50 35.33
N LEU D 176 -5.08 4.38 35.47
CA LEU D 176 -4.46 3.12 35.90
C LEU D 176 -4.77 2.91 37.38
N GLY D 177 -5.58 1.90 37.66
CA GLY D 177 -5.96 1.58 39.05
C GLY D 177 -7.45 1.83 39.28
N GLY D 178 -8.07 2.44 38.30
CA GLY D 178 -9.50 2.76 38.32
C GLY D 178 -9.74 4.13 38.91
N HIS D 179 -10.73 4.80 38.30
CA HIS D 179 -11.02 6.16 38.77
C HIS D 179 -12.50 6.47 38.86
N PRO D 180 -12.90 6.87 40.06
CA PRO D 180 -14.27 7.30 40.33
C PRO D 180 -14.69 8.25 39.20
N ALA D 181 -13.69 8.96 38.68
CA ALA D 181 -13.87 9.95 37.60
C ALA D 181 -14.06 9.33 36.24
N TYR D 182 -13.28 8.31 35.92
CA TYR D 182 -13.45 7.61 34.61
C TYR D 182 -14.57 6.59 34.91
N VAL D 183 -15.70 6.71 34.26
CA VAL D 183 -16.83 5.83 34.54
C VAL D 183 -17.42 5.17 33.31
N LEU D 184 -16.59 4.73 32.39
CA LEU D 184 -17.07 4.15 31.13
C LEU D 184 -17.12 2.63 31.07
N PRO D 185 -18.00 2.16 30.18
CA PRO D 185 -18.12 0.72 29.89
C PRO D 185 -16.88 0.32 29.10
N ALA D 186 -16.04 -0.56 29.61
CA ALA D 186 -14.85 -0.99 28.87
C ALA D 186 -15.18 -1.23 27.39
N GLU D 187 -16.26 -1.99 27.19
CA GLU D 187 -16.73 -2.34 25.83
C GLU D 187 -16.53 -1.15 24.90
N VAL D 188 -16.76 0.01 25.45
CA VAL D 188 -16.66 1.34 24.87
C VAL D 188 -15.20 1.81 24.84
N ASP D 189 -14.54 1.73 25.97
CA ASP D 189 -13.14 2.13 26.10
C ASP D 189 -12.29 1.48 24.99
N LEU D 190 -12.78 0.33 24.57
CA LEU D 190 -12.10 -0.46 23.53
C LEU D 190 -12.36 0.21 22.19
N ILE D 191 -13.63 0.49 21.94
CA ILE D 191 -14.02 1.17 20.68
C ILE D 191 -13.40 2.57 20.68
N ALA D 192 -13.07 3.02 21.88
CA ALA D 192 -12.44 4.35 22.10
C ALA D 192 -11.01 4.19 21.58
N THR D 193 -10.24 3.54 22.43
CA THR D 193 -8.84 3.23 22.17
C THR D 193 -8.61 2.85 20.71
N ALA D 194 -9.49 2.00 20.21
CA ALA D 194 -9.41 1.52 18.82
C ALA D 194 -9.24 2.65 17.80
N HIS D 195 -10.16 3.61 17.84
CA HIS D 195 -10.20 4.76 16.97
C HIS D 195 -9.00 5.67 17.18
N TYR D 196 -8.58 5.78 18.42
CA TYR D 196 -7.43 6.62 18.78
C TYR D 196 -6.25 6.20 17.89
N LEU D 197 -6.31 4.95 17.46
CA LEU D 197 -5.28 4.35 16.61
C LEU D 197 -5.58 4.55 15.14
N GLU D 198 -6.85 4.56 14.80
CA GLU D 198 -7.25 4.77 13.39
C GLU D 198 -6.87 6.23 13.08
N ALA D 199 -7.09 7.07 14.10
CA ALA D 199 -6.83 8.50 14.02
C ALA D 199 -5.35 8.80 13.87
N LEU D 200 -4.51 8.20 14.69
CA LEU D 200 -3.06 8.44 14.65
C LEU D 200 -2.60 8.35 13.20
N ARG D 201 -3.47 7.84 12.33
CA ARG D 201 -3.10 7.69 10.93
C ARG D 201 -3.89 8.56 9.98
N VAL D 202 -5.14 8.79 10.28
CA VAL D 202 -6.03 9.63 9.44
C VAL D 202 -5.50 11.06 9.40
N GLN D 203 -4.86 11.43 10.49
CA GLN D 203 -4.26 12.78 10.65
C GLN D 203 -3.10 12.92 9.68
N VAL D 204 -2.23 11.93 9.60
CA VAL D 204 -1.11 11.97 8.66
C VAL D 204 -1.65 12.38 7.27
N LYS D 205 -2.80 11.82 6.96
CA LYS D 205 -3.50 12.02 5.70
C LYS D 205 -4.24 13.33 5.60
N ALA D 206 -4.50 13.99 6.71
CA ALA D 206 -5.24 15.27 6.71
C ALA D 206 -4.30 16.46 6.53
N ALA D 207 -3.08 16.30 7.03
CA ALA D 207 -2.04 17.32 6.94
C ALA D 207 -1.63 17.49 5.48
N ARG D 208 -1.67 16.38 4.80
CA ARG D 208 -1.37 16.11 3.40
C ARG D 208 -2.26 16.88 2.46
N ALA D 209 -3.55 16.91 2.72
CA ALA D 209 -4.48 17.67 1.85
C ALA D 209 -4.02 19.13 1.98
N MET D 210 -3.76 19.48 3.24
CA MET D 210 -3.26 20.80 3.63
C MET D 210 -1.96 21.06 2.86
N ALA D 211 -1.12 20.05 2.79
CA ALA D 211 0.17 20.05 2.12
C ALA D 211 0.09 20.36 0.62
N ILE D 212 -1.00 20.02 -0.02
CA ILE D 212 -1.16 20.28 -1.45
C ILE D 212 -1.07 21.79 -1.68
N PHE D 213 -1.97 22.54 -1.03
CA PHE D 213 -2.00 24.01 -1.17
C PHE D 213 -0.91 24.70 -0.36
N GLY D 214 -0.72 24.27 0.86
CA GLY D 214 0.23 24.86 1.78
C GLY D 214 1.69 24.61 1.60
N ALA D 215 2.05 23.75 0.70
CA ALA D 215 3.41 23.37 0.37
C ALA D 215 4.00 22.33 1.33
N LYS D 216 3.72 22.54 2.60
CA LYS D 216 4.25 21.61 3.61
C LYS D 216 3.45 21.73 4.89
N ASN D 217 3.67 20.74 5.75
CA ASN D 217 2.94 20.65 7.03
C ASN D 217 3.71 19.80 8.03
N PRO D 218 4.03 20.27 9.27
CA PRO D 218 3.67 21.63 9.77
C PRO D 218 4.43 22.75 9.08
N HIS D 219 3.97 23.97 9.40
CA HIS D 219 4.51 25.25 8.87
C HIS D 219 4.51 25.21 7.36
N THR D 220 3.76 26.12 6.80
CA THR D 220 3.50 26.32 5.37
C THR D 220 4.43 27.27 4.67
N GLN D 221 4.35 27.32 3.34
CA GLN D 221 5.17 28.20 2.49
C GLN D 221 4.48 28.45 1.14
N PHE D 222 3.45 29.28 1.10
CA PHE D 222 2.72 29.54 -0.14
C PHE D 222 2.04 30.90 -0.15
N THR D 223 1.95 31.51 1.01
CA THR D 223 1.31 32.82 1.17
C THR D 223 2.31 33.95 0.92
N VAL D 224 1.77 35.02 0.36
CA VAL D 224 2.49 36.26 0.08
C VAL D 224 1.46 37.41 0.16
N VAL D 225 1.98 38.56 0.52
CA VAL D 225 1.18 39.80 0.57
C VAL D 225 0.77 40.00 -0.91
N GLY D 226 -0.49 40.04 -1.21
CA GLY D 226 -0.90 40.17 -2.64
C GLY D 226 -1.58 38.85 -2.95
N GLY D 227 -1.18 37.83 -2.20
CA GLY D 227 -1.64 36.49 -2.17
C GLY D 227 -1.31 35.33 -3.03
N CYS D 228 -0.71 34.32 -2.41
CA CYS D 228 -0.32 33.02 -2.91
C CYS D 228 0.65 32.90 -4.07
N THR D 229 1.45 31.84 -3.96
CA THR D 229 2.48 31.51 -4.92
C THR D 229 2.35 30.22 -5.67
N ASN D 230 1.54 29.30 -5.23
CA ASN D 230 1.35 27.96 -5.78
C ASN D 230 0.55 27.85 -7.06
N TYR D 231 1.15 28.11 -8.19
CA TYR D 231 0.45 28.01 -9.50
C TYR D 231 0.24 26.54 -9.84
N ASP D 232 1.17 25.73 -9.37
CA ASP D 232 1.24 24.29 -9.55
C ASP D 232 0.02 23.60 -8.93
N SER D 233 -0.32 24.09 -7.73
CA SER D 233 -1.46 23.56 -6.98
C SER D 233 -2.78 23.99 -7.59
N LEU D 234 -2.74 24.41 -8.85
CA LEU D 234 -3.96 24.83 -9.55
C LEU D 234 -4.29 23.81 -10.66
N ARG D 235 -3.33 22.94 -10.90
CA ARG D 235 -3.48 21.86 -11.91
C ARG D 235 -4.75 21.09 -11.59
N PRO D 236 -5.51 20.77 -12.62
CA PRO D 236 -6.79 20.08 -12.48
C PRO D 236 -6.61 18.86 -11.59
N GLU D 237 -5.53 18.17 -11.86
CA GLU D 237 -5.13 16.97 -11.14
C GLU D 237 -4.85 17.26 -9.67
N ARG D 238 -4.08 18.31 -9.42
CA ARG D 238 -3.70 18.73 -8.08
C ARG D 238 -4.89 19.07 -7.19
N ILE D 239 -6.00 19.39 -7.80
CA ILE D 239 -7.24 19.72 -7.10
C ILE D 239 -8.02 18.43 -6.81
N ALA D 240 -7.67 17.44 -7.61
CA ALA D 240 -8.28 16.10 -7.54
C ALA D 240 -7.73 15.35 -6.33
N GLU D 241 -6.42 15.34 -6.24
CA GLU D 241 -5.75 14.66 -5.13
C GLU D 241 -6.05 15.34 -3.81
N PHE D 242 -6.48 16.60 -3.87
CA PHE D 242 -6.84 17.31 -2.62
C PHE D 242 -8.23 16.74 -2.24
N ARG D 243 -9.02 16.58 -3.29
CA ARG D 243 -10.36 16.04 -3.11
C ARG D 243 -10.30 14.64 -2.51
N LYS D 244 -9.94 13.68 -3.32
CA LYS D 244 -9.82 12.29 -2.85
C LYS D 244 -9.34 12.27 -1.41
N LEU D 245 -8.36 13.07 -1.09
CA LEU D 245 -7.76 13.13 0.25
C LEU D 245 -8.72 13.58 1.34
N TYR D 246 -9.33 14.72 1.14
CA TYR D 246 -10.27 15.40 2.01
C TYR D 246 -11.57 14.65 2.25
N LYS D 247 -12.05 13.96 1.22
CA LYS D 247 -13.31 13.19 1.31
C LYS D 247 -13.07 12.10 2.35
N GLU D 248 -11.93 11.46 2.23
CA GLU D 248 -11.55 10.42 3.20
C GLU D 248 -11.56 11.03 4.60
N VAL D 249 -10.85 12.14 4.75
CA VAL D 249 -10.78 12.81 6.07
C VAL D 249 -12.21 13.14 6.51
N ARG D 250 -12.95 13.73 5.59
CA ARG D 250 -14.35 14.13 5.84
C ARG D 250 -15.12 12.94 6.40
N GLU D 251 -15.12 11.86 5.64
CA GLU D 251 -15.80 10.62 6.03
C GLU D 251 -15.51 10.26 7.49
N PHE D 252 -14.26 10.29 7.87
CA PHE D 252 -13.80 9.98 9.23
C PHE D 252 -14.38 10.94 10.26
N ILE D 253 -14.27 12.22 10.00
CA ILE D 253 -14.77 13.22 10.97
C ILE D 253 -16.26 13.00 11.22
N GLU D 254 -17.00 12.88 10.12
CA GLU D 254 -18.47 12.64 10.22
C GLU D 254 -18.64 11.26 10.84
N GLN D 255 -18.64 10.22 10.04
CA GLN D 255 -18.75 8.83 10.45
C GLN D 255 -18.32 8.55 11.90
N VAL D 256 -17.05 8.48 12.14
CA VAL D 256 -16.36 8.18 13.38
C VAL D 256 -16.06 9.23 14.42
N TYR D 257 -15.97 10.52 14.10
CA TYR D 257 -15.61 11.52 15.13
C TYR D 257 -16.77 11.93 16.00
N ILE D 258 -17.77 12.47 15.33
CA ILE D 258 -18.96 12.92 16.07
C ILE D 258 -19.56 11.73 16.81
N THR D 259 -19.75 10.63 16.07
CA THR D 259 -20.30 9.40 16.68
C THR D 259 -19.59 9.16 18.00
N ASP D 260 -18.29 9.15 18.00
CA ASP D 260 -17.46 8.93 19.18
C ASP D 260 -17.57 10.04 20.22
N LEU D 261 -17.76 11.27 19.78
CA LEU D 261 -17.87 12.41 20.70
C LEU D 261 -19.24 12.44 21.37
N LEU D 262 -20.25 12.29 20.54
CA LEU D 262 -21.65 12.27 21.00
C LEU D 262 -21.78 11.15 22.02
N ALA D 263 -21.12 10.05 21.74
CA ALA D 263 -21.09 8.86 22.59
C ALA D 263 -20.39 9.11 23.92
N VAL D 264 -19.12 9.46 23.90
CA VAL D 264 -18.33 9.69 25.12
C VAL D 264 -19.09 10.68 26.01
N ALA D 265 -19.75 11.61 25.36
CA ALA D 265 -20.56 12.62 26.06
C ALA D 265 -21.56 11.86 26.96
N GLY D 266 -22.30 11.02 26.26
CA GLY D 266 -23.33 10.15 26.83
C GLY D 266 -23.12 10.04 28.33
N PHE D 267 -22.12 9.27 28.66
CA PHE D 267 -21.67 8.92 30.00
C PHE D 267 -21.36 10.04 30.96
N TYR D 268 -20.90 11.20 30.51
CA TYR D 268 -20.56 12.29 31.42
C TYR D 268 -21.50 13.47 31.43
N LYS D 269 -22.77 13.28 31.13
CA LYS D 269 -23.78 14.34 31.08
C LYS D 269 -23.75 15.34 32.22
N ASN D 270 -23.20 14.93 33.34
CA ASN D 270 -23.07 15.79 34.53
C ASN D 270 -22.17 16.98 34.15
N TRP D 271 -21.21 16.62 33.33
CA TRP D 271 -20.19 17.55 32.83
C TRP D 271 -20.80 18.70 32.04
N ALA D 272 -22.10 18.58 31.78
CA ALA D 272 -22.85 19.62 31.05
C ALA D 272 -23.17 20.77 32.02
N GLY D 273 -22.89 20.51 33.29
CA GLY D 273 -23.17 21.45 34.36
C GLY D 273 -21.92 21.98 35.02
N ILE D 274 -20.76 21.64 34.44
CA ILE D 274 -19.51 22.11 35.04
C ILE D 274 -18.67 22.97 34.10
N GLY D 275 -18.15 24.01 34.76
CA GLY D 275 -17.32 25.03 34.09
C GLY D 275 -18.29 25.77 33.14
N LYS D 276 -18.79 26.88 33.64
CA LYS D 276 -19.71 27.73 32.87
C LYS D 276 -19.11 29.15 32.80
N THR D 277 -18.66 29.46 31.60
CA THR D 277 -18.08 30.78 31.30
C THR D 277 -19.25 31.68 30.90
N SER D 278 -18.97 32.95 30.69
CA SER D 278 -20.00 33.92 30.28
C SER D 278 -19.31 35.04 29.48
N ASN D 279 -19.76 35.19 28.27
CA ASN D 279 -19.24 36.14 27.27
C ASN D 279 -18.53 35.26 26.22
N PHE D 280 -18.94 35.43 24.98
CA PHE D 280 -18.38 34.61 23.87
C PHE D 280 -18.17 35.46 22.65
N LEU D 281 -17.04 35.23 21.96
CA LEU D 281 -16.71 36.08 20.80
C LEU D 281 -15.88 35.45 19.71
N THR D 282 -16.29 35.78 18.49
CA THR D 282 -15.68 35.35 17.24
C THR D 282 -15.56 36.53 16.26
N CYS D 283 -14.53 36.49 15.45
CA CYS D 283 -14.26 37.52 14.44
C CYS D 283 -14.56 36.96 13.05
N GLY D 284 -15.42 35.95 13.01
CA GLY D 284 -15.78 35.33 11.72
C GLY D 284 -14.50 34.79 11.07
N GLU D 285 -14.73 34.00 10.03
CA GLU D 285 -13.71 33.34 9.23
C GLU D 285 -14.28 32.69 7.98
N PHE D 286 -13.47 32.69 6.93
CA PHE D 286 -13.84 32.10 5.62
C PHE D 286 -14.64 33.11 4.79
N PRO D 287 -13.94 34.16 4.37
CA PRO D 287 -14.52 35.26 3.61
C PRO D 287 -14.36 35.28 2.12
N THR D 288 -15.18 36.16 1.54
CA THR D 288 -15.28 36.47 0.12
C THR D 288 -14.76 37.90 -0.07
N ASP D 289 -14.73 38.62 1.04
CA ASP D 289 -14.26 40.01 1.10
C ASP D 289 -13.32 40.10 2.34
N GLU D 290 -12.05 40.23 2.02
CA GLU D 290 -10.99 40.33 3.04
C GLU D 290 -11.12 41.64 3.81
N TYR D 291 -12.01 42.48 3.29
CA TYR D 291 -12.26 43.78 3.92
C TYR D 291 -13.58 43.74 4.68
N ASP D 292 -14.50 42.93 4.17
CA ASP D 292 -15.83 42.79 4.78
C ASP D 292 -16.01 41.53 5.63
N LEU D 293 -15.97 41.73 6.94
CA LEU D 293 -16.14 40.68 7.93
C LEU D 293 -17.48 39.95 7.69
N ASN D 294 -18.48 40.75 7.37
CA ASN D 294 -19.84 40.24 7.17
C ASN D 294 -19.95 39.35 5.95
N SER D 295 -18.81 38.90 5.43
CA SER D 295 -18.81 37.95 4.29
C SER D 295 -18.48 36.57 4.89
N ARG D 296 -17.46 36.55 5.69
CA ARG D 296 -16.94 35.39 6.39
C ARG D 296 -17.93 34.28 6.71
N TYR D 297 -17.99 33.26 5.88
CA TYR D 297 -18.87 32.09 6.04
C TYR D 297 -19.32 31.84 7.46
N THR D 298 -18.42 31.91 8.43
CA THR D 298 -18.79 31.72 9.85
C THR D 298 -18.95 33.18 10.34
N PRO D 299 -20.20 33.54 10.52
CA PRO D 299 -20.64 34.86 10.93
C PRO D 299 -20.00 35.46 12.16
N GLN D 300 -19.64 36.73 12.02
CA GLN D 300 -18.98 37.53 13.05
C GLN D 300 -19.95 38.02 14.12
N GLY D 301 -19.49 38.10 15.36
CA GLY D 301 -20.32 38.60 16.46
C GLY D 301 -19.67 38.42 17.81
N VAL D 302 -20.21 39.20 18.74
CA VAL D 302 -19.84 39.22 20.16
C VAL D 302 -21.10 38.82 20.96
N ILE D 303 -20.87 38.29 22.15
CA ILE D 303 -21.95 37.90 23.04
C ILE D 303 -21.60 38.24 24.50
N TRP D 304 -22.60 38.90 25.06
CA TRP D 304 -22.58 39.37 26.44
C TRP D 304 -23.28 38.35 27.33
N GLY D 305 -22.57 37.99 28.38
CA GLY D 305 -23.01 37.04 29.39
C GLY D 305 -23.26 35.63 28.88
N ASN D 306 -24.52 35.34 28.64
CA ASN D 306 -24.99 34.05 28.15
C ASN D 306 -26.38 34.20 27.51
N ASP D 307 -26.56 35.29 26.77
CA ASP D 307 -27.85 35.56 26.10
C ASP D 307 -27.75 35.37 24.59
N LEU D 308 -28.23 34.26 24.08
CA LEU D 308 -28.17 34.00 22.63
C LEU D 308 -29.12 34.86 21.83
N SER D 309 -29.61 35.92 22.45
CA SER D 309 -30.56 36.83 21.78
C SER D 309 -29.89 38.18 21.55
N LYS D 310 -28.62 38.21 21.89
CA LYS D 310 -27.78 39.42 21.75
C LYS D 310 -27.07 39.46 20.40
N VAL D 311 -25.76 39.35 20.43
CA VAL D 311 -24.94 39.39 19.22
C VAL D 311 -24.80 40.78 18.61
N ASP D 312 -23.98 41.59 19.24
CA ASP D 312 -23.69 42.94 18.68
C ASP D 312 -22.40 42.69 17.86
N ASP D 313 -22.07 43.58 16.97
CA ASP D 313 -20.89 43.47 16.09
C ASP D 313 -19.56 43.53 16.83
N PHE D 314 -18.64 42.76 16.25
CA PHE D 314 -17.25 42.71 16.80
C PHE D 314 -16.72 44.13 16.60
N ASN D 315 -15.89 44.58 17.52
CA ASN D 315 -15.32 45.93 17.43
C ASN D 315 -13.92 45.98 18.06
N PRO D 316 -12.95 46.24 17.22
CA PRO D 316 -11.54 46.30 17.62
C PRO D 316 -11.28 47.42 18.62
N ASP D 317 -11.95 48.54 18.39
CA ASP D 317 -11.75 49.71 19.26
C ASP D 317 -11.96 49.26 20.72
N LEU D 318 -12.69 48.17 20.87
CA LEU D 318 -12.99 47.64 22.20
C LEU D 318 -12.10 46.53 22.71
N ILE D 319 -10.86 46.48 22.28
CA ILE D 319 -9.88 45.48 22.73
C ILE D 319 -8.69 46.27 23.30
N GLU D 320 -7.97 45.67 24.20
CA GLU D 320 -6.77 46.23 24.84
C GLU D 320 -6.23 45.16 25.78
N GLU D 321 -4.93 44.97 25.78
CA GLU D 321 -4.29 43.94 26.61
C GLU D 321 -3.85 44.52 27.93
N HIS D 322 -3.72 43.67 28.93
CA HIS D 322 -3.36 44.03 30.30
C HIS D 322 -2.18 43.31 30.93
N VAL D 323 -1.51 44.04 31.80
CA VAL D 323 -0.40 43.56 32.62
C VAL D 323 -0.72 43.99 34.07
N LYS D 324 0.30 43.90 34.90
CA LYS D 324 0.21 44.19 36.34
C LYS D 324 0.11 42.78 37.00
N TYR D 325 -0.68 41.96 36.32
CA TYR D 325 -0.91 40.56 36.72
C TYR D 325 0.04 39.63 35.98
N SER D 326 0.58 40.14 34.89
CA SER D 326 1.57 39.45 34.03
C SER D 326 2.94 40.08 34.22
N TRP D 327 3.97 39.26 34.19
CA TRP D 327 5.37 39.65 34.37
C TRP D 327 5.90 40.64 33.35
N TYR D 328 5.05 41.46 32.78
CA TYR D 328 5.46 42.48 31.81
C TYR D 328 5.42 43.86 32.51
N GLU D 329 6.60 44.33 32.83
CA GLU D 329 6.88 45.61 33.47
C GLU D 329 5.76 46.64 33.36
N GLY D 330 5.31 47.12 34.51
CA GLY D 330 4.24 48.13 34.58
C GLY D 330 2.89 47.53 34.91
N ALA D 331 1.83 48.19 34.41
CA ALA D 331 0.47 47.69 34.68
C ALA D 331 -0.64 48.22 33.80
N ASP D 332 -0.38 49.20 32.96
CA ASP D 332 -1.45 49.78 32.11
C ASP D 332 -1.69 48.96 30.84
N ALA D 333 -2.92 49.04 30.37
CA ALA D 333 -3.44 48.34 29.20
C ALA D 333 -3.63 49.25 27.99
N HIS D 334 -3.15 48.74 26.86
CA HIS D 334 -3.19 49.44 25.58
C HIS D 334 -3.72 48.61 24.43
N HIS D 335 -4.37 49.33 23.53
CA HIS D 335 -4.93 48.78 22.28
C HIS D 335 -3.70 48.37 21.44
N PRO D 336 -3.80 47.22 20.81
CA PRO D 336 -2.73 46.62 20.00
C PRO D 336 -1.86 47.58 19.21
N TYR D 337 -2.48 48.49 18.47
CA TYR D 337 -1.77 49.48 17.65
C TYR D 337 -0.83 50.32 18.54
N LYS D 338 -1.33 50.63 19.73
CA LYS D 338 -0.56 51.44 20.68
C LYS D 338 0.01 50.62 21.83
N GLY D 339 0.15 49.32 21.60
CA GLY D 339 0.66 48.35 22.54
C GLY D 339 2.16 48.23 22.65
N VAL D 340 2.61 47.66 23.77
CA VAL D 340 4.03 47.45 24.04
C VAL D 340 4.30 46.07 24.65
N THR D 341 5.57 45.67 24.54
CA THR D 341 6.03 44.38 25.02
C THR D 341 7.38 44.39 25.68
N LYS D 342 7.44 45.10 26.79
CA LYS D 342 8.65 45.24 27.64
C LYS D 342 8.45 44.26 28.80
N PRO D 343 9.28 43.24 28.82
CA PRO D 343 9.20 42.15 29.81
C PRO D 343 9.92 42.41 31.11
N LYS D 344 9.43 41.75 32.16
CA LYS D 344 9.97 41.89 33.50
C LYS D 344 10.51 40.67 34.23
N TRP D 345 9.67 39.96 34.95
CA TRP D 345 9.97 38.78 35.75
C TRP D 345 10.13 39.15 37.24
N THR D 346 9.06 38.86 37.95
CA THR D 346 8.83 39.04 39.37
C THR D 346 8.74 37.67 40.06
N GLU D 347 9.48 36.72 39.51
CA GLU D 347 9.56 35.38 40.04
C GLU D 347 8.41 34.40 40.08
N PHE D 348 7.19 34.78 40.38
CA PHE D 348 6.03 33.87 40.45
C PHE D 348 5.14 34.35 41.62
N HIS D 349 4.34 35.35 41.36
CA HIS D 349 3.40 35.94 42.31
C HIS D 349 3.81 37.28 42.89
N GLY D 350 5.09 37.61 42.76
CA GLY D 350 5.54 38.96 43.27
C GLY D 350 4.46 39.86 42.61
N GLU D 351 3.94 40.78 43.38
CA GLU D 351 2.89 41.69 42.92
C GLU D 351 1.75 40.91 42.27
N ASP D 352 1.54 39.69 42.74
CA ASP D 352 0.44 38.85 42.25
C ASP D 352 0.63 38.45 40.79
N ARG D 353 1.87 38.42 40.36
CA ARG D 353 2.24 38.11 38.96
C ARG D 353 2.58 36.64 38.75
N TYR D 354 1.73 36.02 37.92
CA TYR D 354 1.84 34.60 37.62
C TYR D 354 1.90 34.14 36.18
N SER D 355 1.73 35.01 35.20
CA SER D 355 1.76 34.55 33.80
C SER D 355 2.67 35.42 32.95
N TRP D 356 2.97 34.81 31.81
CA TRP D 356 3.81 35.37 30.75
C TRP D 356 2.87 35.92 29.68
N MET D 357 1.64 35.42 29.69
CA MET D 357 0.60 35.87 28.76
C MET D 357 0.18 37.31 29.16
N LYS D 358 -0.63 37.91 28.30
CA LYS D 358 -1.14 39.26 28.52
C LYS D 358 -2.66 39.23 28.44
N ALA D 359 -3.29 39.70 29.49
CA ALA D 359 -4.72 39.79 29.70
C ALA D 359 -5.50 40.73 28.80
N PRO D 360 -6.02 40.21 27.70
CA PRO D 360 -6.76 40.99 26.71
C PRO D 360 -8.26 40.98 26.71
N ARG D 361 -8.88 41.94 27.38
CA ARG D 361 -10.33 42.05 27.45
C ARG D 361 -11.01 42.82 26.33
N TYR D 362 -12.33 42.58 26.24
CA TYR D 362 -13.19 43.29 25.26
C TYR D 362 -13.61 44.53 26.07
N LYS D 363 -14.83 45.01 25.92
CA LYS D 363 -15.24 46.21 26.69
C LYS D 363 -15.02 45.91 28.16
N GLY D 364 -13.83 46.17 28.64
CA GLY D 364 -13.33 45.98 29.98
C GLY D 364 -13.46 44.60 30.58
N GLU D 365 -14.33 43.82 29.98
CA GLU D 365 -14.76 42.48 30.29
C GLU D 365 -14.01 41.31 29.70
N ALA D 366 -14.02 40.22 30.43
CA ALA D 366 -13.46 38.92 30.36
C ALA D 366 -13.61 37.97 29.20
N PHE D 367 -14.65 37.94 28.42
CA PHE D 367 -14.90 37.10 27.26
C PHE D 367 -14.18 35.79 26.99
N GLU D 368 -14.85 34.98 26.15
CA GLU D 368 -14.37 33.67 25.71
C GLU D 368 -14.42 33.52 24.19
N VAL D 369 -13.24 33.22 23.68
CA VAL D 369 -13.00 33.06 22.23
C VAL D 369 -12.70 31.59 21.93
N GLY D 370 -13.30 31.07 20.88
CA GLY D 370 -13.03 29.67 20.48
C GLY D 370 -14.19 29.09 19.69
N PRO D 371 -14.15 27.77 19.51
CA PRO D 371 -15.19 27.05 18.79
C PRO D 371 -16.55 27.31 19.43
N LEU D 372 -16.67 27.11 20.73
CA LEU D 372 -17.93 27.35 21.45
C LEU D 372 -18.46 28.74 21.11
N ALA D 373 -17.57 29.70 21.36
CA ALA D 373 -17.88 31.13 21.10
C ALA D 373 -18.45 31.24 19.69
N SER D 374 -17.74 30.58 18.79
CA SER D 374 -18.08 30.53 17.37
C SER D 374 -19.44 29.88 17.15
N VAL D 375 -19.70 28.74 17.78
CA VAL D 375 -20.98 28.03 17.60
C VAL D 375 -22.17 28.91 18.02
N LEU D 376 -22.10 29.37 19.25
CA LEU D 376 -23.16 30.21 19.82
C LEU D 376 -23.60 31.26 18.80
N VAL D 377 -22.76 32.25 18.64
CA VAL D 377 -22.97 33.36 17.73
C VAL D 377 -23.61 32.95 16.41
N ALA D 378 -23.38 31.73 16.02
CA ALA D 378 -23.89 31.16 14.76
C ALA D 378 -25.35 30.74 14.92
N TYR D 379 -25.61 30.16 16.08
CA TYR D 379 -26.98 29.73 16.44
C TYR D 379 -27.75 31.06 16.54
N ALA D 380 -27.18 31.86 17.43
CA ALA D 380 -27.69 33.22 17.71
C ALA D 380 -27.42 34.11 16.49
N LYS D 381 -27.90 33.60 15.35
CA LYS D 381 -27.71 34.31 14.06
C LYS D 381 -28.07 33.39 12.90
N LYS D 382 -28.62 32.24 13.20
CA LYS D 382 -29.06 31.24 12.29
C LYS D 382 -28.22 30.58 11.24
N HIS D 383 -27.02 30.15 11.57
CA HIS D 383 -26.13 29.46 10.60
C HIS D 383 -26.66 28.04 10.38
N GLU D 384 -27.69 27.96 9.57
CA GLU D 384 -28.41 26.76 9.18
C GLU D 384 -27.65 25.46 9.41
N PRO D 385 -26.50 25.33 8.78
CA PRO D 385 -25.66 24.14 8.87
C PRO D 385 -25.27 23.84 10.31
N THR D 386 -25.01 24.92 11.02
CA THR D 386 -24.59 24.91 12.43
C THR D 386 -25.75 24.53 13.34
N VAL D 387 -26.84 25.28 13.14
CA VAL D 387 -28.06 25.02 13.94
C VAL D 387 -28.37 23.52 13.79
N LYS D 388 -28.53 23.14 12.54
CA LYS D 388 -28.83 21.74 12.19
C LYS D 388 -27.97 20.79 13.01
N ALA D 389 -26.79 21.28 13.37
CA ALA D 389 -25.83 20.49 14.15
C ALA D 389 -25.99 20.68 15.65
N VAL D 390 -26.23 21.92 16.07
CA VAL D 390 -26.35 22.24 17.51
C VAL D 390 -27.61 21.60 18.08
N ASP D 391 -28.58 21.40 17.21
CA ASP D 391 -29.85 20.74 17.55
C ASP D 391 -29.56 19.23 17.73
N LEU D 392 -28.88 18.64 16.74
CA LEU D 392 -28.57 17.20 16.83
C LEU D 392 -27.95 16.88 18.18
N VAL D 393 -26.89 17.56 18.52
CA VAL D 393 -26.21 17.31 19.82
C VAL D 393 -27.27 17.35 20.93
N LEU D 394 -27.85 18.53 21.07
CA LEU D 394 -28.88 18.78 22.07
C LEU D 394 -29.87 17.63 22.11
N LYS D 395 -30.62 17.47 21.03
CA LYS D 395 -31.61 16.40 20.90
C LYS D 395 -30.99 15.09 21.38
N THR D 396 -30.20 14.50 20.53
CA THR D 396 -29.50 13.24 20.77
C THR D 396 -28.92 13.17 22.18
N LEU D 397 -28.59 14.31 22.76
CA LEU D 397 -27.98 14.36 24.09
C LEU D 397 -28.96 14.45 25.24
N GLY D 398 -30.21 14.72 24.96
CA GLY D 398 -31.25 14.84 26.00
C GLY D 398 -31.14 16.16 26.76
N VAL D 399 -30.69 17.20 26.07
CA VAL D 399 -30.50 18.53 26.68
C VAL D 399 -30.91 19.72 25.82
N GLY D 400 -30.86 20.89 26.47
CA GLY D 400 -31.21 22.19 25.93
C GLY D 400 -30.00 23.08 25.62
N PRO D 401 -30.29 24.20 24.96
CA PRO D 401 -29.28 25.16 24.53
C PRO D 401 -28.65 25.94 25.64
N GLU D 402 -29.20 25.75 26.83
CA GLU D 402 -28.68 26.45 28.02
C GLU D 402 -27.54 25.58 28.55
N ALA D 403 -27.48 24.40 27.97
CA ALA D 403 -26.49 23.37 28.33
C ALA D 403 -25.19 23.49 27.58
N LEU D 404 -25.16 24.34 26.55
CA LEU D 404 -23.95 24.56 25.74
C LEU D 404 -22.89 25.34 26.48
N PHE D 405 -23.24 25.91 27.60
CA PHE D 405 -22.38 26.75 28.42
C PHE D 405 -21.36 26.02 29.26
N SER D 406 -21.15 24.74 29.03
CA SER D 406 -20.23 23.94 29.84
C SER D 406 -19.00 23.37 29.16
N THR D 407 -18.30 22.60 30.00
CA THR D 407 -17.09 21.88 29.61
C THR D 407 -17.47 20.83 28.58
N LEU D 408 -18.74 20.53 28.53
CA LEU D 408 -19.28 19.53 27.57
C LEU D 408 -19.59 20.29 26.29
N GLY D 409 -20.28 21.41 26.44
CA GLY D 409 -20.65 22.25 25.28
C GLY D 409 -19.37 22.68 24.55
N ARG D 410 -18.40 23.00 25.39
CA ARG D 410 -17.05 23.41 24.94
C ARG D 410 -16.62 22.27 23.98
N THR D 411 -16.40 21.14 24.60
CA THR D 411 -16.00 19.89 23.96
C THR D 411 -16.99 19.56 22.85
N ALA D 412 -18.21 20.01 23.01
CA ALA D 412 -19.30 19.76 22.05
C ALA D 412 -18.99 20.51 20.74
N ALA D 413 -19.08 21.81 20.88
CA ALA D 413 -18.85 22.85 19.91
C ALA D 413 -17.79 22.46 18.89
N ARG D 414 -16.63 22.18 19.48
CA ARG D 414 -15.44 21.80 18.72
C ARG D 414 -15.77 20.82 17.61
N GLY D 415 -16.41 19.73 17.94
CA GLY D 415 -16.81 18.73 16.94
C GLY D 415 -17.79 19.39 15.96
N ILE D 416 -18.59 20.32 16.48
CA ILE D 416 -19.54 21.01 15.60
C ILE D 416 -18.82 21.96 14.61
N GLN D 417 -17.88 22.73 15.13
CA GLN D 417 -17.12 23.69 14.31
C GLN D 417 -16.50 22.98 13.10
N CYS D 418 -15.54 22.18 13.50
CA CYS D 418 -14.67 21.32 12.68
C CYS D 418 -15.47 20.61 11.60
N LEU D 419 -16.74 20.51 11.88
CA LEU D 419 -17.72 19.85 11.01
C LEU D 419 -18.23 20.83 9.95
N THR D 420 -18.64 22.00 10.43
CA THR D 420 -19.22 23.02 9.54
C THR D 420 -18.17 23.53 8.56
N ALA D 421 -16.93 23.60 8.99
CA ALA D 421 -15.84 24.03 8.08
C ALA D 421 -15.68 22.91 7.04
N ALA D 422 -15.49 21.71 7.57
CA ALA D 422 -15.29 20.48 6.82
C ALA D 422 -16.26 20.31 5.67
N GLN D 423 -17.53 20.48 5.95
CA GLN D 423 -18.60 20.34 4.97
C GLN D 423 -18.45 21.39 3.87
N GLU D 424 -18.19 22.60 4.29
CA GLU D 424 -18.04 23.78 3.44
C GLU D 424 -16.95 23.70 2.38
N VAL D 425 -15.84 23.14 2.74
CA VAL D 425 -14.68 23.05 1.85
C VAL D 425 -15.05 22.70 0.40
N GLU D 426 -15.84 21.65 0.19
CA GLU D 426 -16.15 21.23 -1.19
C GLU D 426 -16.87 22.34 -1.98
N VAL D 427 -17.20 23.43 -1.31
CA VAL D 427 -17.82 24.58 -2.01
C VAL D 427 -16.70 25.40 -2.67
N TRP D 428 -15.77 25.79 -1.81
CA TRP D 428 -14.59 26.56 -2.18
C TRP D 428 -13.78 25.88 -3.29
N LEU D 429 -13.75 24.57 -3.18
CA LEU D 429 -12.99 23.72 -4.10
C LEU D 429 -13.58 23.67 -5.50
N ASP D 430 -14.90 23.74 -5.57
CA ASP D 430 -15.58 23.72 -6.90
C ASP D 430 -15.37 25.12 -7.52
N LYS D 431 -15.62 26.08 -6.64
CA LYS D 431 -15.47 27.50 -6.90
C LYS D 431 -14.13 27.74 -7.59
N LEU D 432 -13.10 27.16 -6.97
CA LEU D 432 -11.71 27.26 -7.45
C LEU D 432 -11.48 26.44 -8.71
N GLU D 433 -11.91 25.18 -8.66
CA GLU D 433 -11.70 24.28 -9.81
C GLU D 433 -12.24 24.92 -11.07
N ALA D 434 -13.31 25.69 -10.91
CA ALA D 434 -13.95 26.38 -12.04
C ALA D 434 -13.00 27.40 -12.67
N ASN D 435 -12.69 28.44 -11.92
CA ASN D 435 -11.81 29.53 -12.36
C ASN D 435 -10.69 28.98 -13.23
N VAL D 436 -10.04 27.97 -12.70
CA VAL D 436 -8.93 27.29 -13.40
C VAL D 436 -9.40 26.86 -14.78
N LYS D 437 -10.39 25.97 -14.79
CA LYS D 437 -10.91 25.50 -16.09
C LYS D 437 -11.34 26.75 -16.87
N ALA D 438 -11.97 27.63 -16.12
CA ALA D 438 -12.52 28.89 -16.62
C ALA D 438 -11.52 29.75 -17.37
N GLY D 439 -10.27 29.74 -16.92
CA GLY D 439 -9.20 30.53 -17.53
C GLY D 439 -8.53 31.48 -16.53
N LYS D 440 -9.22 31.78 -15.44
CA LYS D 440 -8.72 32.69 -14.40
C LYS D 440 -7.83 31.93 -13.42
N ASP D 441 -6.55 31.89 -13.76
CA ASP D 441 -5.53 31.18 -12.97
C ASP D 441 -4.58 32.10 -12.22
N ASP D 442 -5.07 33.27 -11.88
CA ASP D 442 -4.31 34.28 -11.18
C ASP D 442 -4.40 34.30 -9.67
N LEU D 443 -3.26 34.38 -9.06
CA LEU D 443 -3.10 34.54 -7.60
C LEU D 443 -2.23 35.81 -7.54
N TYR D 444 -1.96 36.40 -6.42
CA TYR D 444 -1.10 37.58 -6.38
C TYR D 444 -1.49 38.83 -7.16
N THR D 445 -1.43 39.91 -6.39
CA THR D 445 -1.74 41.28 -6.78
C THR D 445 -0.54 42.19 -6.51
N ASP D 446 -0.14 42.92 -7.52
CA ASP D 446 1.03 43.84 -7.40
C ASP D 446 0.72 45.03 -6.51
N TRP D 447 1.68 45.44 -5.69
CA TRP D 447 1.49 46.56 -4.77
C TRP D 447 2.77 47.15 -4.23
N GLN D 448 2.62 48.32 -3.61
CA GLN D 448 3.70 49.05 -2.98
C GLN D 448 3.17 49.64 -1.66
N TYR D 449 4.13 49.82 -0.78
CA TYR D 449 3.90 50.37 0.54
C TYR D 449 3.65 51.87 0.57
N PRO D 450 2.50 52.23 1.09
CA PRO D 450 2.21 53.67 1.33
C PRO D 450 3.43 54.10 2.19
N THR D 451 3.58 55.35 2.53
CA THR D 451 4.74 55.82 3.30
C THR D 451 4.83 55.25 4.70
N GLU D 452 3.75 55.46 5.41
CA GLU D 452 3.47 55.04 6.77
C GLU D 452 1.97 54.70 6.80
N SER D 453 1.65 53.61 7.46
CA SER D 453 0.27 53.12 7.57
C SER D 453 0.18 51.98 8.58
N GLN D 454 -1.06 51.54 8.77
CA GLN D 454 -1.36 50.45 9.69
C GLN D 454 -2.47 49.55 9.15
N GLY D 455 -2.37 48.31 9.64
CA GLY D 455 -3.34 47.25 9.29
C GLY D 455 -3.59 46.34 10.49
N VAL D 456 -4.52 45.44 10.25
CA VAL D 456 -4.93 44.43 11.23
C VAL D 456 -5.40 43.16 10.51
N GLY D 457 -4.94 42.03 11.01
CA GLY D 457 -5.33 40.72 10.44
C GLY D 457 -6.27 40.02 11.42
N PHE D 458 -7.45 39.68 10.93
CA PHE D 458 -8.44 38.98 11.79
C PHE D 458 -8.60 37.56 11.23
N VAL D 459 -8.44 36.58 12.11
CA VAL D 459 -8.55 35.16 11.71
C VAL D 459 -9.17 34.32 12.80
N ASN D 460 -10.09 33.45 12.43
CA ASN D 460 -10.71 32.57 13.48
C ASN D 460 -9.96 31.23 13.36
N ALA D 461 -9.01 31.07 14.24
CA ALA D 461 -8.16 29.86 14.30
C ALA D 461 -8.94 28.72 14.92
N PRO D 462 -8.35 27.54 14.90
CA PRO D 462 -8.99 26.34 15.49
C PRO D 462 -9.25 26.55 16.97
N ARG D 463 -8.78 27.65 17.53
CA ARG D 463 -8.97 27.97 18.94
C ARG D 463 -9.27 29.43 19.24
N GLY D 464 -10.12 30.14 18.53
CA GLY D 464 -10.42 31.51 18.85
C GLY D 464 -10.21 32.53 17.76
N MET D 465 -10.15 33.76 18.25
CA MET D 465 -10.01 35.01 17.52
C MET D 465 -8.56 35.47 17.59
N LEU D 466 -7.95 35.51 16.41
CA LEU D 466 -6.57 35.94 16.25
C LEU D 466 -6.47 37.26 15.50
N SER D 467 -5.75 38.18 16.16
CA SER D 467 -5.54 39.50 15.54
C SER D 467 -4.04 39.82 15.58
N HIS D 468 -3.58 40.10 14.36
CA HIS D 468 -2.21 40.47 14.00
C HIS D 468 -2.29 41.97 13.61
N TRP D 469 -1.58 42.76 14.37
CA TRP D 469 -1.58 44.21 14.21
C TRP D 469 -0.24 44.79 13.80
N ILE D 470 -0.33 45.56 12.73
CA ILE D 470 0.87 46.23 12.20
C ILE D 470 0.68 47.75 12.04
N VAL D 471 1.75 48.42 12.40
CA VAL D 471 1.91 49.87 12.28
C VAL D 471 3.32 49.97 11.65
N GLN D 472 3.37 50.55 10.47
CA GLN D 472 4.64 50.65 9.78
C GLN D 472 4.95 52.00 9.18
N ARG D 473 6.10 52.52 9.65
CA ARG D 473 6.64 53.80 9.17
C ARG D 473 7.71 53.34 8.16
N GLY D 474 7.64 53.91 6.98
CA GLY D 474 8.52 53.64 5.89
C GLY D 474 8.84 52.20 5.55
N GLY D 475 7.82 51.40 5.27
CA GLY D 475 7.99 50.01 4.89
C GLY D 475 8.91 49.20 5.79
N LYS D 476 8.92 49.55 7.05
CA LYS D 476 9.72 48.85 8.07
C LYS D 476 8.83 48.72 9.30
N ILE D 477 8.87 47.54 9.92
CA ILE D 477 8.04 47.26 11.09
C ILE D 477 8.27 48.34 12.15
N GLU D 478 7.20 49.10 12.37
CA GLU D 478 7.19 50.16 13.38
C GLU D 478 6.88 49.43 14.70
N ASN D 479 5.69 48.87 14.70
CA ASN D 479 5.18 48.07 15.84
C ASN D 479 4.27 46.98 15.23
N PHE D 480 4.56 45.77 15.65
CA PHE D 480 3.87 44.52 15.30
C PHE D 480 3.47 43.91 16.67
N GLN D 481 2.20 43.60 16.77
CA GLN D 481 1.63 43.06 18.02
C GLN D 481 0.67 41.90 17.75
N HIS D 482 0.82 40.85 18.57
CA HIS D 482 -0.01 39.65 18.48
C HIS D 482 -0.96 39.49 19.67
N VAL D 483 -2.21 39.28 19.29
CA VAL D 483 -3.31 39.03 20.26
C VAL D 483 -3.91 37.70 19.78
N VAL D 484 -3.51 36.65 20.50
CA VAL D 484 -3.90 35.24 20.19
C VAL D 484 -4.90 34.73 21.20
N PRO D 485 -5.70 33.76 20.81
CA PRO D 485 -6.77 33.23 21.64
C PRO D 485 -6.34 32.61 22.94
N SER D 486 -5.45 31.66 22.87
CA SER D 486 -4.94 31.03 24.11
C SER D 486 -4.37 32.16 24.96
N THR D 487 -4.46 33.38 24.46
CA THR D 487 -3.96 34.56 25.17
C THR D 487 -5.17 35.26 25.81
N TRP D 488 -6.34 34.91 25.32
CA TRP D 488 -7.61 35.42 25.84
C TRP D 488 -8.02 34.39 26.93
N ASN D 489 -8.27 33.20 26.45
CA ASN D 489 -8.72 32.04 27.24
C ASN D 489 -7.90 31.74 28.47
N LEU D 490 -6.64 31.41 28.35
CA LEU D 490 -5.76 31.15 29.54
C LEU D 490 -5.13 32.53 29.76
N GLY D 491 -4.14 32.76 30.58
CA GLY D 491 -3.61 34.19 30.66
C GLY D 491 -4.44 34.91 31.73
N PRO D 492 -3.78 35.62 32.63
CA PRO D 492 -4.37 36.26 33.78
C PRO D 492 -5.53 37.21 33.75
N ARG D 493 -5.73 37.72 34.98
CA ARG D 493 -6.76 38.68 35.35
C ARG D 493 -6.31 40.07 34.90
N CYS D 494 -7.30 40.85 34.51
CA CYS D 494 -6.92 42.26 34.12
C CYS D 494 -6.63 42.86 35.50
N ALA D 495 -5.98 44.00 35.54
CA ALA D 495 -5.68 44.66 36.83
C ALA D 495 -6.98 44.58 37.65
N GLU D 496 -8.03 44.94 36.93
CA GLU D 496 -9.41 44.97 37.39
C GLU D 496 -9.95 43.66 37.89
N ARG D 497 -9.15 42.73 38.38
CA ARG D 497 -9.58 41.46 38.96
C ARG D 497 -10.14 40.34 38.11
N LYS D 498 -11.18 40.59 37.35
CA LYS D 498 -11.85 39.63 36.47
C LYS D 498 -10.89 38.51 36.06
N LEU D 499 -11.47 37.32 36.01
CA LEU D 499 -10.78 36.08 35.68
C LEU D 499 -10.90 35.65 34.21
N SER D 500 -9.81 35.02 33.84
CA SER D 500 -9.59 34.45 32.49
C SER D 500 -10.46 33.19 32.46
N ALA D 501 -11.27 33.06 31.44
CA ALA D 501 -12.19 31.93 31.30
C ALA D 501 -11.65 30.63 31.87
N VAL D 502 -10.43 30.22 31.52
CA VAL D 502 -9.90 28.97 32.06
C VAL D 502 -10.06 29.01 33.58
N GLU D 503 -9.50 30.06 34.16
CA GLU D 503 -9.52 30.26 35.61
C GLU D 503 -10.97 30.12 36.09
N GLN D 504 -11.73 31.05 35.60
CA GLN D 504 -13.13 31.25 35.85
C GLN D 504 -14.00 30.01 35.70
N ALA D 505 -13.58 29.05 34.91
CA ALA D 505 -14.35 27.81 34.70
C ALA D 505 -13.78 26.68 35.53
N LEU D 506 -12.62 26.94 36.11
CA LEU D 506 -11.95 25.94 36.96
C LEU D 506 -12.84 25.73 38.20
N ILE D 507 -13.19 26.86 38.76
CA ILE D 507 -13.99 27.02 39.96
C ILE D 507 -15.26 26.19 39.98
N GLY D 508 -15.44 25.53 41.11
CA GLY D 508 -16.60 24.66 41.35
C GLY D 508 -16.26 23.24 40.89
N THR D 509 -15.12 23.14 40.21
CA THR D 509 -14.70 21.79 39.74
C THR D 509 -14.56 21.02 41.06
N PRO D 510 -15.12 19.85 41.08
CA PRO D 510 -15.11 18.96 42.26
C PRO D 510 -14.00 17.94 42.08
N ILE D 511 -13.01 17.99 42.96
CA ILE D 511 -11.87 17.09 42.89
C ILE D 511 -12.03 15.82 43.71
N ALA D 512 -12.59 14.82 43.08
CA ALA D 512 -12.85 13.51 43.65
C ALA D 512 -11.57 12.70 43.85
N ASP D 513 -10.41 13.31 43.65
CA ASP D 513 -9.13 12.67 43.86
C ASP D 513 -7.96 13.66 43.73
N PRO D 514 -7.65 14.25 44.86
CA PRO D 514 -6.57 15.24 44.96
C PRO D 514 -5.22 14.79 44.47
N LYS D 515 -5.11 13.57 43.95
CA LYS D 515 -3.79 13.11 43.46
C LYS D 515 -3.82 12.59 42.04
N ARG D 516 -5.00 12.69 41.46
CA ARG D 516 -5.28 12.27 40.06
C ARG D 516 -6.46 13.14 39.64
N PRO D 517 -6.14 14.44 39.52
CA PRO D 517 -7.07 15.50 39.21
C PRO D 517 -7.76 15.60 37.88
N VAL D 518 -8.07 14.50 37.24
CA VAL D 518 -8.74 14.49 35.93
C VAL D 518 -9.73 15.65 35.80
N GLU D 519 -10.34 15.99 36.91
CA GLU D 519 -11.35 17.07 36.91
C GLU D 519 -10.76 18.37 36.41
N ILE D 520 -9.50 18.63 36.71
CA ILE D 520 -8.79 19.83 36.23
C ILE D 520 -8.53 19.66 34.73
N LEU D 521 -7.70 18.65 34.46
CA LEU D 521 -7.29 18.28 33.12
C LEU D 521 -8.51 18.36 32.18
N ARG D 522 -9.63 17.89 32.68
CA ARG D 522 -10.88 17.85 31.93
C ARG D 522 -11.15 19.14 31.17
N THR D 523 -11.30 20.19 31.95
CA THR D 523 -11.57 21.55 31.50
C THR D 523 -10.39 22.20 30.80
N VAL D 524 -9.23 22.23 31.44
CA VAL D 524 -8.05 22.84 30.79
C VAL D 524 -8.03 22.33 29.34
N HIS D 525 -7.74 21.05 29.21
CA HIS D 525 -7.69 20.37 27.93
C HIS D 525 -8.88 20.81 27.08
N SER D 526 -9.96 21.29 27.66
CA SER D 526 -11.15 21.72 26.87
C SER D 526 -10.86 23.04 26.17
N TYR D 527 -9.97 23.80 26.79
CA TYR D 527 -9.56 25.11 26.27
C TYR D 527 -8.57 24.94 25.14
N ASP D 528 -8.16 23.70 24.94
CA ASP D 528 -7.18 23.34 23.90
C ASP D 528 -5.92 24.18 24.09
N PRO D 529 -5.59 24.50 25.32
CA PRO D 529 -4.45 25.33 25.67
C PRO D 529 -3.22 25.27 24.82
N CYS D 530 -2.93 26.36 24.11
CA CYS D 530 -1.74 26.47 23.26
C CYS D 530 -0.88 27.64 23.75
N ILE D 531 -0.05 27.37 24.72
CA ILE D 531 0.80 28.33 25.39
C ILE D 531 1.65 29.19 24.50
N ALA D 532 2.23 28.62 23.46
CA ALA D 532 3.11 29.33 22.50
C ALA D 532 2.41 30.46 21.78
N CYS D 533 1.23 30.24 21.27
CA CYS D 533 0.42 31.23 20.56
C CYS D 533 0.06 32.35 21.55
N GLY D 534 -0.03 31.91 22.80
CA GLY D 534 -0.41 32.80 23.90
C GLY D 534 0.65 33.77 24.31
N VAL D 535 1.83 33.25 24.63
CA VAL D 535 2.94 34.07 25.08
C VAL D 535 3.71 34.70 23.90
N HIS D 536 4.07 33.85 22.97
CA HIS D 536 4.84 34.12 21.78
C HIS D 536 6.05 35.02 22.11
#